data_7SI0
#
_entry.id   7SI0
#
_cell.length_a   98.958
_cell.length_b   132.005
_cell.length_c   177.434
_cell.angle_alpha   90.000
_cell.angle_beta   90.000
_cell.angle_gamma   90.000
#
_symmetry.space_group_name_H-M   'P 21 21 21'
#
loop_
_entity.id
_entity.type
_entity.pdbx_description
1 polymer 'IgE Fc'
2 polymer '813 Variable fragment Heavy chain'
3 polymer '813 Variable fragment Light chain'
4 branched alpha-D-mannopyranose-(1-3)-beta-D-mannopyranose-(1-4)-2-acetamido-2-deoxy-beta-D-glucopyranose-(1-4)-2-acetamido-2-deoxy-beta-D-glucopyranose
5 branched alpha-D-mannopyranose-(1-6)-alpha-D-mannopyranose
6 branched alpha-D-mannopyranose-(1-3)-[alpha-D-mannopyranose-(1-6)]beta-D-mannopyranose-(1-4)-2-acetamido-2-deoxy-beta-D-glucopyranose-(1-4)-2-acetamido-2-deoxy-beta-D-glucopyranose
7 non-polymer 'SODIUM ION'
8 water water
#
loop_
_entity_poly.entity_id
_entity_poly.type
_entity_poly.pdbx_seq_one_letter_code
_entity_poly.pdbx_strand_id
1 'polypeptide(L)'
;APMAEGGGQNHHHHHHHHGGENLYFQGGSCADSNPRGVSAYLSRPSPFDLFIRKSPTITCLVVDLAPSKGTVNLTWSRAS
GKPVNHSTRKEEKQRNGTLTVTSTLPVGTRDWIEGETYQCRVTHPHLPRALMRSTTKTSGPRAAPEVYAFATPEWPGSRD
KRTLACLIQNFMPEDISVQWLHNEVQLPDARHSTTQPRKTKGSGFFVFSRLEVTRAEWEQKDEFICRAVHEAASPSQTVQ
RAVSVNP
;
B,G,H,A
2 'polypeptide(L)'
;SEVQLVESGGGLVQPDGSLRLSCAVSGYSITSGYSWNWIRQAPGKGLEWVASVTYDGSTNYNPSVKGRITISRDDSKNTF
YLQMNSLRAEDTAVYYCARGSHYFGHWHFAVWGQGTLVTVSSG
;
I,E,C,K
3 'polypeptide(L)'
;GSDIQLTQSPSSLSASVGDRVTITCRASQSVDSDGDSYMNWYQQKPGKAPKLLIYAASYLESGVPSRFSGSGSGTDFTLT
ISSLQPEDFATYYCQQSHEDPYTFGQGTKVEIKGGSENLYFQGGSGHHHHHHHH
;
J,F,D,L
#
# COMPACT_ATOMS: atom_id res chain seq x y z
N VAL A 38 15.98 -12.23 19.91
CA VAL A 38 15.23 -10.98 19.68
C VAL A 38 14.10 -10.83 20.68
N SER A 39 14.31 -10.01 21.71
CA SER A 39 13.31 -9.75 22.72
C SER A 39 12.97 -8.26 22.73
N ALA A 40 11.76 -7.96 23.20
CA ALA A 40 11.26 -6.60 23.22
C ALA A 40 10.51 -6.34 24.51
N TYR A 41 10.69 -5.14 25.06
CA TYR A 41 10.09 -4.76 26.33
C TYR A 41 9.39 -3.43 26.16
N LEU A 42 8.34 -3.24 26.95
CA LEU A 42 7.58 -1.99 26.98
C LEU A 42 7.33 -1.60 28.43
N SER A 43 7.88 -0.47 28.84
CA SER A 43 7.80 -0.04 30.22
C SER A 43 6.56 0.81 30.48
N ARG A 44 6.34 1.11 31.75
CA ARG A 44 5.35 2.05 32.26
C ARG A 44 6.01 3.37 32.61
N PRO A 45 5.24 4.44 32.73
CA PRO A 45 5.85 5.73 33.11
C PRO A 45 6.31 5.70 34.55
N SER A 46 7.49 6.24 34.78
CA SER A 46 7.95 6.41 36.15
C SER A 46 7.00 7.35 36.89
N PRO A 47 6.61 7.03 38.11
CA PRO A 47 5.68 7.90 38.84
C PRO A 47 6.14 9.35 38.93
N PHE A 48 7.44 9.60 38.86
CA PHE A 48 7.94 10.98 38.89
C PHE A 48 7.53 11.74 37.64
N ASP A 49 7.84 11.18 36.46
CA ASP A 49 7.39 11.79 35.21
C ASP A 49 5.88 11.84 35.12
N LEU A 50 5.20 10.93 35.78
CA LEU A 50 3.75 10.88 35.70
C LEU A 50 3.11 11.94 36.59
N PHE A 51 3.53 12.00 37.86
CA PHE A 51 2.84 12.82 38.85
C PHE A 51 3.56 14.11 39.20
N ILE A 52 4.87 14.22 38.94
CA ILE A 52 5.60 15.42 39.32
C ILE A 52 5.91 16.26 38.09
N ARG A 53 6.74 15.73 37.19
CA ARG A 53 6.98 16.43 35.93
C ARG A 53 5.72 16.59 35.11
N LYS A 54 4.73 15.73 35.31
CA LYS A 54 3.49 15.74 34.54
C LYS A 54 3.76 15.68 33.04
N SER A 55 4.83 14.98 32.67
CA SER A 55 5.10 14.63 31.27
C SER A 55 5.60 13.19 31.22
N PRO A 56 4.71 12.23 31.47
CA PRO A 56 5.13 10.83 31.48
C PRO A 56 5.42 10.32 30.09
N THR A 57 6.39 9.42 30.00
CA THR A 57 6.73 8.77 28.74
C THR A 57 6.86 7.27 29.00
N ILE A 58 6.73 6.49 27.93
CA ILE A 58 6.93 5.04 27.98
C ILE A 58 7.93 4.66 26.89
N THR A 59 8.77 3.68 27.17
CA THR A 59 9.83 3.30 26.26
C THR A 59 9.65 1.85 25.81
N CYS A 60 9.66 1.65 24.49
CA CYS A 60 9.65 0.31 23.90
C CYS A 60 11.08 -0.05 23.57
N LEU A 61 11.63 -1.01 24.28
CA LEU A 61 13.00 -1.44 24.11
C LEU A 61 13.03 -2.71 23.28
N VAL A 62 13.92 -2.76 22.29
CA VAL A 62 14.08 -3.92 21.43
C VAL A 62 15.57 -4.27 21.42
N VAL A 63 15.91 -5.41 22.00
CA VAL A 63 17.22 -6.02 21.81
C VAL A 63 17.03 -7.20 20.86
N ASP A 64 17.74 -7.19 19.74
CA ASP A 64 17.53 -8.20 18.71
C ASP A 64 18.76 -9.08 18.49
N LEU A 65 19.75 -9.03 19.40
CA LEU A 65 20.99 -9.79 19.30
C LEU A 65 21.59 -9.50 17.92
N ALA A 66 21.97 -10.52 17.14
CA ALA A 66 22.57 -10.30 15.82
C ALA A 66 21.58 -9.63 14.87
N PRO A 67 21.87 -8.41 14.39
CA PRO A 67 20.94 -7.73 13.48
C PRO A 67 21.27 -7.98 12.01
N SER A 68 20.36 -8.62 11.29
CA SER A 68 20.57 -8.84 9.87
C SER A 68 20.30 -7.56 9.09
N LYS A 69 20.53 -7.62 7.79
CA LYS A 69 20.35 -6.47 6.93
C LYS A 69 18.90 -5.99 6.97
N GLY A 70 18.73 -4.68 6.88
CA GLY A 70 17.43 -4.07 6.90
C GLY A 70 17.12 -3.40 8.23
N THR A 71 16.16 -2.48 8.18
CA THR A 71 15.78 -1.71 9.36
C THR A 71 14.60 -2.36 10.07
N VAL A 72 14.48 -2.07 11.36
CA VAL A 72 13.40 -2.58 12.20
C VAL A 72 12.48 -1.42 12.54
N ASN A 73 11.17 -1.66 12.44
CA ASN A 73 10.16 -0.64 12.60
C ASN A 73 9.50 -0.74 13.98
N LEU A 74 9.14 0.43 14.53
CA LEU A 74 8.45 0.54 15.80
C LEU A 74 7.22 1.41 15.60
N THR A 75 6.05 0.81 15.70
CA THR A 75 4.79 1.52 15.54
C THR A 75 3.99 1.42 16.83
N TRP A 76 3.25 2.47 17.13
CA TRP A 76 2.45 2.55 18.34
C TRP A 76 0.96 2.53 18.02
N SER A 77 0.17 2.28 19.06
CA SER A 77 -1.28 2.25 18.95
C SER A 77 -1.86 2.41 20.34
N ARG A 78 -3.11 2.85 20.39
CA ARG A 78 -3.83 3.01 21.64
C ARG A 78 -5.14 2.25 21.58
N ALA A 79 -5.61 1.81 22.74
CA ALA A 79 -6.84 1.06 22.80
C ALA A 79 -8.02 1.88 22.31
N SER A 80 -7.98 3.20 22.54
CA SER A 80 -9.10 4.05 22.19
C SER A 80 -9.06 4.50 20.73
N GLY A 81 -8.00 4.19 20.01
CA GLY A 81 -7.85 4.66 18.65
C GLY A 81 -7.43 6.11 18.52
N LYS A 82 -7.34 6.83 19.63
CA LYS A 82 -6.84 8.20 19.60
C LYS A 82 -5.40 8.20 19.07
N PRO A 83 -4.96 9.30 18.47
CA PRO A 83 -3.63 9.30 17.85
C PRO A 83 -2.53 9.17 18.88
N VAL A 84 -1.40 8.72 18.43
CA VAL A 84 -0.21 8.72 19.26
C VAL A 84 0.55 10.01 18.99
N ASN A 85 1.26 10.50 20.00
CA ASN A 85 2.15 11.60 19.75
C ASN A 85 3.37 11.10 18.98
N HIS A 86 4.23 12.03 18.56
CA HIS A 86 5.44 11.63 17.88
C HIS A 86 6.44 11.11 18.89
N SER A 87 7.07 10.00 18.52
CA SER A 87 7.97 9.26 19.39
C SER A 87 9.41 9.45 18.92
N THR A 88 10.33 9.53 19.88
CA THR A 88 11.74 9.66 19.59
C THR A 88 12.42 8.29 19.68
N ARG A 89 13.45 8.10 18.86
CA ARG A 89 14.06 6.80 18.64
C ARG A 89 15.58 6.89 18.71
N LYS A 90 16.20 5.87 19.31
CA LYS A 90 17.65 5.78 19.37
C LYS A 90 18.08 4.34 19.10
N GLU A 91 19.19 4.19 18.39
CA GLU A 91 19.83 2.90 18.17
C GLU A 91 21.27 3.00 18.63
N GLU A 92 21.73 1.99 19.36
CA GLU A 92 23.08 1.99 19.91
C GLU A 92 23.74 0.66 19.61
N LYS A 93 24.81 0.68 18.81
CA LYS A 93 25.59 -0.52 18.55
C LYS A 93 26.23 -1.02 19.84
N GLN A 94 26.19 -2.33 20.05
CA GLN A 94 26.71 -2.95 21.26
C GLN A 94 28.09 -3.54 21.03
N ARG A 95 28.81 -3.75 22.14
CA ARG A 95 30.14 -4.33 22.08
C ARG A 95 30.10 -5.85 21.99
N ASN A 96 29.03 -6.49 22.44
CA ASN A 96 28.87 -7.91 22.25
C ASN A 96 28.18 -8.24 20.93
N GLY A 97 28.25 -7.34 19.94
CA GLY A 97 27.82 -7.62 18.59
C GLY A 97 26.37 -7.33 18.28
N THR A 98 25.63 -6.75 19.20
CA THR A 98 24.18 -6.67 19.06
C THR A 98 23.73 -5.22 18.86
N LEU A 99 22.42 -5.06 18.65
CA LEU A 99 21.81 -3.78 18.37
C LEU A 99 20.71 -3.50 19.37
N THR A 100 20.79 -2.34 20.02
CA THR A 100 19.75 -1.86 20.91
C THR A 100 18.94 -0.80 20.19
N VAL A 101 17.63 -0.98 20.14
CA VAL A 101 16.73 -0.05 19.48
C VAL A 101 15.62 0.30 20.45
N THR A 102 15.50 1.58 20.80
CA THR A 102 14.49 2.04 21.73
C THR A 102 13.60 3.10 21.09
N SER A 103 12.33 3.10 21.48
CA SER A 103 11.39 4.14 21.07
C SER A 103 10.64 4.60 22.30
N THR A 104 10.55 5.92 22.48
CA THR A 104 9.90 6.51 23.65
C THR A 104 8.70 7.33 23.19
N LEU A 105 7.53 7.01 23.73
CA LEU A 105 6.29 7.67 23.36
C LEU A 105 5.83 8.54 24.51
N PRO A 106 5.68 9.86 24.33
CA PRO A 106 5.06 10.67 25.39
C PRO A 106 3.57 10.41 25.44
N VAL A 107 3.04 10.26 26.64
CA VAL A 107 1.64 9.94 26.84
C VAL A 107 1.03 11.00 27.76
N GLY A 108 -0.29 11.13 27.69
CA GLY A 108 -0.98 12.08 28.55
C GLY A 108 -1.07 11.59 29.98
N THR A 109 -0.75 12.47 30.92
CA THR A 109 -0.96 12.16 32.34
C THR A 109 -2.36 11.64 32.57
N ARG A 110 -3.35 12.38 32.06
CA ARG A 110 -4.75 12.00 32.26
C ARG A 110 -5.10 10.73 31.50
N ASP A 111 -4.62 10.61 30.26
CA ASP A 111 -4.90 9.42 29.46
C ASP A 111 -4.43 8.15 30.17
N TRP A 112 -3.26 8.21 30.81
CA TRP A 112 -2.72 7.02 31.47
C TRP A 112 -3.53 6.65 32.69
N ILE A 113 -3.72 7.59 33.62
CA ILE A 113 -4.45 7.30 34.84
C ILE A 113 -5.82 6.71 34.52
N GLU A 114 -6.51 7.31 33.57
CA GLU A 114 -7.85 6.83 33.26
C GLU A 114 -7.84 5.48 32.52
N GLY A 115 -6.70 4.84 32.37
CA GLY A 115 -6.69 3.45 31.93
C GLY A 115 -6.51 3.21 30.45
N GLU A 116 -5.77 4.06 29.76
CA GLU A 116 -5.48 3.81 28.35
C GLU A 116 -4.45 2.70 28.22
N THR A 117 -4.59 1.89 27.18
CA THR A 117 -3.62 0.85 26.88
C THR A 117 -2.78 1.27 25.69
N TYR A 118 -1.46 1.21 25.84
CA TYR A 118 -0.54 1.57 24.77
C TYR A 118 0.17 0.32 24.26
N GLN A 119 0.34 0.26 22.94
CA GLN A 119 0.81 -0.96 22.29
C GLN A 119 1.95 -0.65 21.34
N CYS A 120 3.02 -1.43 21.44
CA CYS A 120 4.22 -1.28 20.62
C CYS A 120 4.34 -2.49 19.71
N ARG A 121 4.66 -2.26 18.44
CA ARG A 121 4.79 -3.34 17.46
C ARG A 121 6.14 -3.23 16.77
N VAL A 122 6.93 -4.29 16.85
CA VAL A 122 8.25 -4.36 16.22
C VAL A 122 8.16 -5.32 15.04
N THR A 123 8.57 -4.85 13.87
CA THR A 123 8.63 -5.66 12.66
C THR A 123 10.06 -5.66 12.12
N HIS A 124 10.56 -6.85 11.80
CA HIS A 124 11.90 -7.04 11.29
C HIS A 124 11.79 -7.88 10.01
N PRO A 125 12.38 -7.44 8.90
CA PRO A 125 12.34 -8.27 7.68
C PRO A 125 12.88 -9.67 7.90
N HIS A 126 13.86 -9.81 8.79
CA HIS A 126 14.35 -11.12 9.18
C HIS A 126 13.24 -11.94 9.82
N LEU A 127 12.46 -11.32 10.72
CA LEU A 127 11.41 -12.02 11.45
C LEU A 127 10.21 -12.31 10.56
N PRO A 128 9.60 -13.49 10.72
CA PRO A 128 8.44 -13.85 9.88
C PRO A 128 7.18 -13.11 10.30
N ARG A 129 6.89 -13.11 11.60
CA ARG A 129 5.76 -12.41 12.16
C ARG A 129 6.22 -11.26 13.05
N ALA A 130 5.28 -10.40 13.41
CA ALA A 130 5.64 -9.22 14.18
C ALA A 130 5.70 -9.54 15.68
N LEU A 131 6.39 -8.67 16.40
CA LEU A 131 6.42 -8.71 17.86
C LEU A 131 5.52 -7.61 18.40
N MET A 132 4.84 -7.91 19.51
CA MET A 132 3.93 -6.94 20.11
C MET A 132 4.04 -7.00 21.62
N ARG A 133 4.04 -5.82 22.25
CA ARG A 133 4.04 -5.67 23.69
C ARG A 133 3.04 -4.59 24.05
N SER A 134 2.11 -4.89 24.95
CA SER A 134 1.15 -3.88 25.39
C SER A 134 1.46 -3.46 26.82
N THR A 135 1.01 -2.25 27.18
CA THR A 135 1.21 -1.71 28.50
C THR A 135 0.00 -0.88 28.91
N THR A 136 -0.26 -0.87 30.21
CA THR A 136 -1.39 -0.16 30.78
C THR A 136 -1.15 -0.04 32.28
N LYS A 137 -1.91 0.85 32.90
CA LYS A 137 -1.80 1.06 34.34
C LYS A 137 -1.96 -0.25 35.09
N THR A 138 -1.14 -0.44 36.11
CA THR A 138 -1.20 -1.65 36.93
C THR A 138 -2.53 -1.69 37.68
N SER A 139 -3.25 -2.79 37.54
CA SER A 139 -4.54 -2.97 38.19
C SER A 139 -4.39 -3.96 39.33
N GLY A 140 -4.87 -3.56 40.51
CA GLY A 140 -4.74 -4.34 41.71
C GLY A 140 -4.94 -3.45 42.92
N PRO A 141 -4.77 -3.99 44.12
CA PRO A 141 -4.87 -3.15 45.31
C PRO A 141 -3.79 -2.09 45.32
N ARG A 142 -4.14 -0.92 45.85
CA ARG A 142 -3.21 0.18 45.97
C ARG A 142 -2.97 0.47 47.44
N ALA A 143 -1.72 0.73 47.79
CA ALA A 143 -1.35 1.04 49.16
C ALA A 143 -0.18 2.00 49.16
N ALA A 144 -0.33 3.13 49.83
CA ALA A 144 0.71 4.15 49.84
C ALA A 144 1.93 3.65 50.61
N PRO A 145 3.12 4.18 50.30
CA PRO A 145 4.35 3.70 50.94
C PRO A 145 4.63 4.33 52.29
N GLU A 146 5.26 3.54 53.16
CA GLU A 146 5.83 4.05 54.40
C GLU A 146 7.28 4.43 54.13
N VAL A 147 7.70 5.59 54.63
CA VAL A 147 9.04 6.11 54.36
C VAL A 147 9.76 6.34 55.68
N TYR A 148 10.97 5.80 55.78
CA TYR A 148 11.85 6.03 56.92
C TYR A 148 13.23 6.39 56.38
N ALA A 149 13.87 7.38 57.01
CA ALA A 149 15.21 7.78 56.66
C ALA A 149 16.13 7.60 57.86
N PHE A 150 17.42 7.40 57.57
CA PHE A 150 18.40 7.14 58.61
C PHE A 150 19.72 7.78 58.22
N ALA A 151 20.57 7.98 59.23
CA ALA A 151 21.91 8.50 59.03
C ALA A 151 22.92 7.58 59.69
N THR A 152 24.05 7.37 59.03
CA THR A 152 25.09 6.58 59.67
C THR A 152 25.87 7.46 60.65
N PRO A 153 26.25 6.91 61.79
CA PRO A 153 27.16 7.63 62.67
C PRO A 153 28.55 7.75 62.08
N GLU A 154 29.44 8.47 62.75
CA GLU A 154 30.79 8.64 62.23
C GLU A 154 31.57 7.36 62.36
N TRP A 155 32.08 6.91 61.29
CA TRP A 155 33.00 5.79 61.26
C TRP A 155 34.44 6.30 61.23
N PRO A 156 35.34 5.74 62.04
CA PRO A 156 36.72 6.23 62.05
C PRO A 156 37.36 6.14 60.67
N GLY A 157 38.16 7.14 60.33
CA GLY A 157 38.77 7.20 59.02
C GLY A 157 37.98 8.04 58.04
N SER A 158 36.88 7.51 57.51
CA SER A 158 36.02 8.22 56.57
C SER A 158 35.07 9.12 57.36
N ARG A 159 35.61 10.24 57.82
CA ARG A 159 34.87 11.14 58.70
C ARG A 159 34.41 12.42 58.00
N ASP A 160 34.73 12.59 56.72
CA ASP A 160 34.18 13.66 55.91
C ASP A 160 33.10 13.18 54.96
N LYS A 161 32.74 11.91 55.01
CA LYS A 161 31.65 11.33 54.24
C LYS A 161 30.63 10.74 55.20
N ARG A 162 29.35 10.80 54.82
CA ARG A 162 28.32 10.10 55.56
C ARG A 162 27.31 9.51 54.57
N THR A 163 26.78 8.36 54.94
CA THR A 163 25.78 7.67 54.14
C THR A 163 24.41 7.82 54.77
N LEU A 164 23.43 8.20 53.97
CA LEU A 164 22.04 8.23 54.38
C LEU A 164 21.30 7.06 53.74
N ALA A 165 20.39 6.47 54.50
CA ALA A 165 19.65 5.31 54.04
C ALA A 165 18.16 5.60 54.18
N CYS A 166 17.39 5.12 53.21
CA CYS A 166 15.95 5.33 53.20
C CYS A 166 15.26 4.02 52.92
N LEU A 167 14.46 3.55 53.87
CA LEU A 167 13.62 2.38 53.68
C LEU A 167 12.21 2.85 53.30
N ILE A 168 11.69 2.30 52.21
CA ILE A 168 10.38 2.64 51.67
C ILE A 168 9.67 1.32 51.42
N GLN A 169 8.64 1.03 52.21
CA GLN A 169 8.09 -0.33 52.22
C GLN A 169 6.57 -0.32 52.27
N ASN A 170 6.00 -1.47 51.91
CA ASN A 170 4.57 -1.78 52.07
C ASN A 170 3.69 -1.02 51.10
N PHE A 171 4.20 -0.80 49.89
CA PHE A 171 3.46 -0.09 48.86
C PHE A 171 3.09 -1.03 47.72
N MET A 172 1.96 -0.74 47.09
CA MET A 172 1.51 -1.44 45.89
C MET A 172 0.83 -0.46 44.94
N PRO A 173 1.05 -0.58 43.62
CA PRO A 173 1.92 -1.54 42.94
C PRO A 173 3.40 -1.20 43.07
N GLU A 174 4.25 -1.95 42.35
CA GLU A 174 5.68 -1.77 42.52
C GLU A 174 6.18 -0.46 41.96
N ASP A 175 5.45 0.17 41.04
CA ASP A 175 5.92 1.39 40.39
C ASP A 175 6.19 2.48 41.42
N ILE A 176 7.45 2.90 41.52
CA ILE A 176 7.84 3.91 42.50
C ILE A 176 9.04 4.68 41.98
N SER A 177 9.13 5.96 42.33
CA SER A 177 10.26 6.80 42.02
C SER A 177 10.78 7.41 43.31
N VAL A 178 12.09 7.60 43.40
CA VAL A 178 12.72 8.11 44.62
C VAL A 178 13.69 9.22 44.26
N GLN A 179 13.59 10.37 44.95
CA GLN A 179 14.56 11.45 44.81
C GLN A 179 14.98 11.95 46.19
N TRP A 180 16.18 12.53 46.24
CA TRP A 180 16.73 13.09 47.47
C TRP A 180 16.81 14.60 47.32
N LEU A 181 16.31 15.33 48.31
CA LEU A 181 16.27 16.77 48.29
C LEU A 181 17.18 17.32 49.38
N HIS A 182 17.87 18.40 49.08
CA HIS A 182 18.72 19.09 50.04
C HIS A 182 18.65 20.57 49.76
N ASN A 183 18.37 21.36 50.80
CA ASN A 183 18.23 22.81 50.67
C ASN A 183 17.19 23.17 49.62
N GLU A 184 16.05 22.49 49.66
CA GLU A 184 14.86 22.75 48.84
C GLU A 184 15.07 22.48 47.35
N VAL A 185 16.14 21.79 46.95
CA VAL A 185 16.42 21.51 45.55
C VAL A 185 16.78 20.04 45.40
N GLN A 186 16.26 19.43 44.34
CA GLN A 186 16.52 18.02 44.08
C GLN A 186 17.98 17.82 43.69
N LEU A 187 18.58 16.76 44.23
CA LEU A 187 19.96 16.41 43.87
C LEU A 187 19.96 15.65 42.55
N PRO A 188 21.06 15.69 41.81
CA PRO A 188 21.14 14.89 40.58
C PRO A 188 20.79 13.44 40.84
N ASP A 189 20.07 12.83 39.90
CA ASP A 189 19.53 11.50 40.11
C ASP A 189 20.61 10.44 40.25
N ALA A 190 21.80 10.69 39.75
CA ALA A 190 22.91 9.75 39.86
C ALA A 190 23.68 9.90 41.16
N ARG A 191 23.16 10.66 42.12
CA ARG A 191 23.79 10.78 43.42
C ARG A 191 23.41 9.65 44.37
N HIS A 192 22.33 8.93 44.08
CA HIS A 192 21.81 7.91 44.98
C HIS A 192 21.66 6.56 44.28
N SER A 193 21.41 5.54 45.08
CA SER A 193 21.11 4.20 44.62
C SER A 193 19.68 3.85 45.01
N THR A 194 19.11 2.88 44.31
CA THR A 194 17.81 2.36 44.71
C THR A 194 17.71 0.91 44.31
N THR A 195 17.37 0.05 45.27
CA THR A 195 17.29 -1.36 44.97
C THR A 195 16.05 -1.66 44.14
N GLN A 196 16.09 -2.78 43.45
CA GLN A 196 14.91 -3.26 42.75
C GLN A 196 13.84 -3.60 43.77
N PRO A 197 12.57 -3.36 43.48
CA PRO A 197 11.51 -3.64 44.47
C PRO A 197 11.37 -5.13 44.73
N ARG A 198 11.32 -5.50 46.01
CA ARG A 198 11.17 -6.88 46.44
C ARG A 198 9.98 -6.98 47.38
N LYS A 199 9.52 -8.21 47.63
CA LYS A 199 8.27 -8.42 48.34
C LYS A 199 8.50 -8.58 49.84
N THR A 200 7.63 -7.93 50.63
CA THR A 200 7.64 -8.07 52.08
C THR A 200 7.00 -9.41 52.46
N LYS A 201 7.05 -9.76 53.74
CA LYS A 201 6.37 -10.98 54.20
C LYS A 201 4.88 -10.90 53.96
N GLY A 202 4.31 -9.72 54.14
CA GLY A 202 2.90 -9.50 53.85
C GLY A 202 2.66 -9.23 52.37
N SER A 203 2.10 -8.07 52.05
CA SER A 203 1.66 -7.77 50.69
C SER A 203 2.54 -6.76 49.97
N GLY A 204 3.03 -5.74 50.65
CA GLY A 204 3.68 -4.65 49.96
C GLY A 204 5.04 -5.02 49.39
N PHE A 205 5.57 -4.09 48.60
CA PHE A 205 6.95 -4.11 48.15
C PHE A 205 7.80 -3.22 49.03
N PHE A 206 9.11 -3.33 48.89
CA PHE A 206 10.01 -2.44 49.61
C PHE A 206 11.25 -2.18 48.76
N VAL A 207 11.82 -0.99 48.94
CA VAL A 207 13.08 -0.61 48.30
C VAL A 207 13.90 0.16 49.32
N PHE A 208 15.22 -0.01 49.23
CA PHE A 208 16.17 0.79 49.99
C PHE A 208 16.85 1.78 49.07
N SER A 209 17.09 3.00 49.58
CA SER A 209 17.80 4.03 48.83
C SER A 209 18.96 4.54 49.68
N ARG A 210 20.11 4.74 49.02
CA ARG A 210 21.37 5.08 49.67
C ARG A 210 21.94 6.33 49.02
N LEU A 211 22.47 7.24 49.84
CA LEU A 211 22.98 8.51 49.34
C LEU A 211 24.19 8.93 50.15
N GLU A 212 25.36 8.92 49.54
CA GLU A 212 26.53 9.49 50.20
C GLU A 212 26.43 11.01 50.19
N VAL A 213 26.65 11.63 51.35
CA VAL A 213 26.65 13.09 51.43
C VAL A 213 27.98 13.54 52.05
N THR A 214 28.30 14.81 51.83
CA THR A 214 29.62 15.35 52.16
C THR A 214 29.54 16.23 53.39
N ARG A 215 30.70 16.46 54.00
CA ARG A 215 30.77 17.33 55.16
C ARG A 215 30.33 18.75 54.83
N ALA A 216 30.73 19.24 53.65
CA ALA A 216 30.33 20.57 53.23
C ALA A 216 28.83 20.69 53.00
N GLU A 217 28.14 19.56 52.89
CA GLU A 217 26.71 19.59 52.63
C GLU A 217 25.90 19.65 53.92
N TRP A 218 26.26 18.89 54.95
CA TRP A 218 25.49 19.00 56.18
C TRP A 218 25.92 20.19 57.03
N GLU A 219 27.04 20.82 56.72
CA GLU A 219 27.40 22.06 57.40
C GLU A 219 26.76 23.27 56.75
N GLN A 220 26.33 23.16 55.48
CA GLN A 220 25.54 24.21 54.84
C GLN A 220 24.10 24.17 55.30
N LYS A 221 23.47 23.00 55.24
CA LYS A 221 22.13 22.80 55.79
C LYS A 221 22.00 21.33 56.14
N ASP A 222 21.93 21.04 57.44
CA ASP A 222 21.94 19.66 57.94
C ASP A 222 20.52 19.09 57.91
N GLU A 223 20.03 18.90 56.70
CA GLU A 223 18.67 18.40 56.52
C GLU A 223 18.57 17.84 55.12
N PHE A 224 18.20 16.57 55.02
CA PHE A 224 18.04 15.88 53.74
C PHE A 224 16.68 15.24 53.71
N ILE A 225 15.99 15.37 52.58
CA ILE A 225 14.66 14.82 52.40
C ILE A 225 14.76 13.61 51.50
N CYS A 226 14.26 12.47 51.98
CA CYS A 226 14.00 11.31 51.15
C CYS A 226 12.54 11.37 50.71
N ARG A 227 12.30 11.45 49.39
CA ARG A 227 10.96 11.58 48.86
C ARG A 227 10.63 10.40 47.96
N ALA A 228 9.41 9.89 48.11
CA ALA A 228 8.91 8.77 47.31
C ALA A 228 7.68 9.23 46.55
N VAL A 229 7.64 8.90 45.27
CA VAL A 229 6.50 9.23 44.41
C VAL A 229 5.83 7.92 44.01
N HIS A 230 4.56 7.78 44.38
CA HIS A 230 3.83 6.53 44.19
C HIS A 230 2.37 6.88 43.99
N GLU A 231 1.70 6.08 43.14
CA GLU A 231 0.36 6.48 42.71
C GLU A 231 -0.65 6.46 43.86
N ALA A 232 -0.39 5.68 44.90
CA ALA A 232 -1.35 5.50 45.98
C ALA A 232 -1.23 6.56 47.06
N ALA A 233 -0.13 7.29 47.12
CA ALA A 233 0.00 8.36 48.09
C ALA A 233 -0.96 9.49 47.74
N SER A 234 -1.62 10.04 48.74
CA SER A 234 -2.67 11.01 48.50
C SER A 234 -2.46 12.26 49.32
N PRO A 235 -2.72 13.45 48.73
CA PRO A 235 -2.80 13.68 47.29
C PRO A 235 -1.43 14.07 46.78
N SER A 236 -1.29 14.39 45.51
CA SER A 236 -0.01 14.75 44.90
C SER A 236 1.02 13.61 44.99
N GLN A 237 0.62 12.42 45.43
CA GLN A 237 1.38 11.18 45.25
C GLN A 237 2.79 11.28 45.83
N THR A 238 2.88 11.89 47.00
CA THR A 238 4.17 12.16 47.62
C THR A 238 4.14 11.70 49.07
N VAL A 239 5.16 10.94 49.46
CA VAL A 239 5.46 10.67 50.85
C VAL A 239 6.94 10.98 51.05
N GLN A 240 7.28 11.62 52.15
CA GLN A 240 8.68 11.97 52.36
C GLN A 240 9.02 11.91 53.85
N ARG A 241 10.32 12.00 54.12
CA ARG A 241 10.85 11.94 55.47
C ARG A 241 12.14 12.75 55.49
N ALA A 242 12.38 13.44 56.60
CA ALA A 242 13.60 14.20 56.79
C ALA A 242 14.57 13.46 57.68
N VAL A 243 15.86 13.66 57.43
CA VAL A 243 16.91 13.11 58.28
C VAL A 243 17.99 14.16 58.45
N SER A 244 18.57 14.23 59.63
CA SER A 244 19.67 15.13 59.93
C SER A 244 20.85 14.31 60.42
N VAL A 245 22.05 14.64 59.93
CA VAL A 245 23.28 14.13 60.50
C VAL A 245 23.63 15.03 61.68
N ASN A 246 23.64 14.47 62.89
CA ASN A 246 23.74 15.18 64.21
C ASN A 246 22.33 15.47 64.71
N GLU B 2 15.97 17.76 -29.13
CA GLU B 2 16.97 18.19 -28.15
C GLU B 2 18.18 17.25 -28.18
N VAL B 3 18.21 16.38 -29.18
CA VAL B 3 19.30 15.44 -29.39
C VAL B 3 20.21 15.95 -30.50
N GLN B 4 21.52 15.84 -30.29
CA GLN B 4 22.53 16.35 -31.21
C GLN B 4 23.46 15.23 -31.67
N LEU B 5 23.79 15.22 -32.96
CA LEU B 5 24.71 14.25 -33.53
C LEU B 5 25.74 15.00 -34.35
N VAL B 6 27.01 14.90 -33.94
CA VAL B 6 28.09 15.68 -34.51
C VAL B 6 29.12 14.71 -35.10
N GLU B 7 29.24 14.70 -36.42
CA GLU B 7 30.23 13.87 -37.10
C GLU B 7 31.58 14.55 -37.13
N SER B 8 32.63 13.73 -37.18
CA SER B 8 33.98 14.21 -37.39
C SER B 8 34.81 13.07 -37.97
N GLY B 9 35.99 13.43 -38.48
CA GLY B 9 36.91 12.47 -39.06
C GLY B 9 36.98 12.50 -40.57
N GLY B 10 36.14 13.26 -41.26
CA GLY B 10 36.22 13.35 -42.69
C GLY B 10 37.52 13.99 -43.15
N GLY B 11 37.83 13.81 -44.43
CA GLY B 11 39.02 14.38 -45.00
C GLY B 11 39.37 13.72 -46.32
N LEU B 12 40.45 14.21 -46.91
CA LEU B 12 40.97 13.65 -48.15
C LEU B 12 41.85 12.45 -47.80
N VAL B 13 41.41 11.25 -48.18
CA VAL B 13 42.13 10.04 -47.83
C VAL B 13 42.59 9.34 -49.11
N GLN B 14 43.69 8.56 -48.98
CA GLN B 14 44.30 7.75 -50.03
C GLN B 14 43.65 6.37 -50.10
N PRO B 15 43.57 5.78 -51.28
CA PRO B 15 43.00 4.43 -51.38
C PRO B 15 43.80 3.43 -50.56
N ASP B 16 43.13 2.32 -50.22
CA ASP B 16 43.69 1.20 -49.47
C ASP B 16 44.13 1.62 -48.06
N GLY B 17 43.86 2.85 -47.66
CA GLY B 17 44.07 3.28 -46.30
C GLY B 17 42.85 2.98 -45.45
N SER B 18 42.83 3.57 -44.26
CA SER B 18 41.72 3.40 -43.34
C SER B 18 41.43 4.72 -42.66
N LEU B 19 40.15 4.96 -42.38
CA LEU B 19 39.69 6.19 -41.74
C LEU B 19 38.72 5.82 -40.63
N ARG B 20 38.65 6.68 -39.62
CA ARG B 20 37.77 6.48 -38.47
C ARG B 20 36.88 7.70 -38.30
N LEU B 21 35.58 7.53 -38.49
CA LEU B 21 34.61 8.59 -38.31
C LEU B 21 33.95 8.44 -36.94
N SER B 22 33.86 9.55 -36.22
CA SER B 22 33.28 9.59 -34.89
C SER B 22 31.94 10.33 -34.96
N CYS B 23 31.01 9.95 -34.09
CA CYS B 23 29.73 10.64 -33.97
C CYS B 23 29.43 10.89 -32.49
N ALA B 24 29.62 12.12 -32.04
CA ALA B 24 29.35 12.48 -30.66
C ALA B 24 27.87 12.78 -30.50
N VAL B 25 27.19 12.04 -29.62
CA VAL B 25 25.78 12.26 -29.31
C VAL B 25 25.70 13.00 -27.99
N SER B 26 24.82 13.99 -27.92
CA SER B 26 24.58 14.76 -26.70
C SER B 26 23.09 15.00 -26.56
N GLY B 27 22.64 15.16 -25.31
CA GLY B 27 21.24 15.25 -25.01
C GLY B 27 20.52 13.93 -24.89
N TYR B 28 21.17 12.82 -25.23
CA TYR B 28 20.56 11.50 -25.12
C TYR B 28 21.68 10.47 -25.08
N SER B 29 21.51 9.45 -24.24
CA SER B 29 22.54 8.43 -24.05
C SER B 29 22.35 7.31 -25.06
N ILE B 30 23.43 6.97 -25.78
CA ILE B 30 23.34 5.93 -26.80
C ILE B 30 23.03 4.56 -26.22
N THR B 31 23.13 4.38 -24.91
CA THR B 31 22.81 3.13 -24.25
C THR B 31 21.34 3.01 -23.86
N SER B 32 20.57 4.10 -23.98
CA SER B 32 19.13 4.07 -23.78
C SER B 32 18.38 4.13 -25.10
N GLY B 33 19.08 4.10 -26.24
CA GLY B 33 18.52 4.20 -27.59
C GLY B 33 17.35 3.25 -27.86
N TYR B 34 16.72 3.19 -29.04
CA TYR B 34 17.08 3.73 -30.35
C TYR B 34 18.27 3.02 -30.94
N SER B 35 18.23 2.85 -32.26
CA SER B 35 19.35 2.41 -33.06
C SER B 35 20.18 3.61 -33.47
N TRP B 36 21.43 3.35 -33.82
CA TRP B 36 22.40 4.40 -34.12
C TRP B 36 23.15 4.00 -35.38
N ASN B 37 22.92 4.74 -36.47
CA ASN B 37 23.23 4.31 -37.83
C ASN B 37 24.28 5.22 -38.46
N TRP B 38 24.94 4.69 -39.51
CA TRP B 38 25.77 5.45 -40.42
C TRP B 38 25.18 5.33 -41.82
N ILE B 39 24.88 6.46 -42.44
CA ILE B 39 24.31 6.52 -43.79
C ILE B 39 25.17 7.45 -44.63
N ARG B 40 25.54 7.01 -45.83
CA ARG B 40 26.42 7.78 -46.70
C ARG B 40 25.71 8.21 -47.97
N GLN B 41 26.08 9.39 -48.46
CA GLN B 41 25.48 9.97 -49.65
C GLN B 41 26.57 10.21 -50.67
N ALA B 42 26.70 9.27 -51.60
CA ALA B 42 27.69 9.38 -52.65
C ALA B 42 27.41 10.60 -53.53
N PRO B 43 28.43 11.16 -54.18
CA PRO B 43 28.23 12.40 -54.95
C PRO B 43 27.01 12.42 -55.85
N GLY B 44 26.87 11.43 -56.72
CA GLY B 44 25.73 11.39 -57.62
C GLY B 44 24.94 10.12 -57.48
N LYS B 45 24.76 9.66 -56.25
CA LYS B 45 24.01 8.45 -55.99
C LYS B 45 23.09 8.67 -54.79
N GLY B 46 22.05 7.85 -54.71
CA GLY B 46 21.11 7.93 -53.60
C GLY B 46 21.79 7.66 -52.28
N LEU B 47 21.04 7.73 -51.19
CA LEU B 47 21.60 7.42 -49.89
C LEU B 47 21.74 5.93 -49.71
N GLU B 48 22.79 5.51 -49.03
CA GLU B 48 23.06 4.12 -48.76
C GLU B 48 23.21 3.91 -47.28
N TRP B 49 22.49 2.93 -46.73
CA TRP B 49 22.62 2.60 -45.31
C TRP B 49 23.79 1.65 -45.12
N VAL B 50 24.64 1.94 -44.14
CA VAL B 50 25.91 1.24 -43.97
C VAL B 50 25.86 0.25 -42.81
N ALA B 51 25.69 0.76 -41.59
CA ALA B 51 25.81 -0.03 -40.37
C ALA B 51 24.99 0.61 -39.27
N SER B 52 24.62 -0.20 -38.26
CA SER B 52 23.88 0.32 -37.12
C SER B 52 24.23 -0.44 -35.85
N VAL B 53 24.19 0.27 -34.71
CA VAL B 53 24.29 -0.32 -33.38
C VAL B 53 23.05 0.06 -32.60
N THR B 54 22.39 -0.91 -32.00
CA THR B 54 21.28 -0.59 -31.11
C THR B 54 21.82 -0.30 -29.72
N TYR B 55 20.92 0.03 -28.80
CA TYR B 55 21.37 0.41 -27.46
C TYR B 55 22.07 -0.73 -26.74
N ASP B 56 21.71 -1.98 -27.03
CA ASP B 56 22.31 -3.11 -26.34
C ASP B 56 23.55 -3.64 -27.05
N GLY B 57 24.10 -2.91 -28.02
CA GLY B 57 25.38 -3.23 -28.62
C GLY B 57 25.34 -4.18 -29.80
N SER B 58 24.15 -4.56 -30.28
CA SER B 58 24.06 -5.42 -31.44
C SER B 58 24.38 -4.64 -32.71
N THR B 59 25.20 -5.24 -33.56
CA THR B 59 25.54 -4.56 -34.81
C THR B 59 24.73 -5.13 -35.95
N ASN B 60 24.79 -4.43 -37.08
CA ASN B 60 24.06 -4.82 -38.29
C ASN B 60 24.71 -4.10 -39.46
N TYR B 61 24.92 -4.80 -40.56
CA TYR B 61 25.72 -4.26 -41.64
C TYR B 61 25.02 -4.40 -42.98
N ASN B 62 25.41 -3.55 -43.89
CA ASN B 62 25.00 -3.73 -45.27
C ASN B 62 25.96 -4.71 -45.94
N PRO B 63 25.45 -5.79 -46.54
CA PRO B 63 26.35 -6.74 -47.21
C PRO B 63 27.29 -6.09 -48.22
N SER B 64 26.94 -4.92 -48.77
CA SER B 64 27.83 -4.23 -49.70
C SER B 64 29.16 -3.88 -49.04
N VAL B 65 29.14 -3.58 -47.74
CA VAL B 65 30.36 -3.25 -47.01
C VAL B 65 30.73 -4.32 -45.99
N LYS B 66 29.85 -5.28 -45.73
CA LYS B 66 30.14 -6.34 -44.78
C LYS B 66 31.47 -7.02 -45.12
N GLY B 67 32.42 -6.97 -44.18
CA GLY B 67 33.74 -7.53 -44.37
C GLY B 67 34.87 -6.53 -44.43
N ARG B 68 34.59 -5.22 -44.52
CA ARG B 68 35.66 -4.24 -44.55
C ARG B 68 35.25 -2.91 -43.94
N ILE B 69 34.07 -2.82 -43.33
CA ILE B 69 33.64 -1.62 -42.62
C ILE B 69 33.04 -2.04 -41.30
N THR B 70 33.52 -1.43 -40.22
CA THR B 70 33.19 -1.81 -38.86
C THR B 70 32.52 -0.64 -38.14
N ILE B 71 31.48 -0.93 -37.38
CA ILE B 71 30.84 0.05 -36.51
C ILE B 71 31.12 -0.35 -35.06
N SER B 72 31.31 0.64 -34.20
CA SER B 72 31.56 0.40 -32.79
C SER B 72 31.08 1.61 -32.00
N ARG B 73 31.12 1.47 -30.68
CA ARG B 73 30.69 2.55 -29.79
C ARG B 73 31.60 2.59 -28.58
N ASP B 74 31.59 3.73 -27.91
CA ASP B 74 32.32 3.89 -26.64
C ASP B 74 31.36 4.61 -25.68
N ASP B 75 30.71 3.84 -24.81
CA ASP B 75 29.74 4.43 -23.89
C ASP B 75 30.38 5.52 -23.04
N SER B 76 31.64 5.34 -22.64
CA SER B 76 32.34 6.33 -21.82
C SER B 76 32.43 7.68 -22.50
N LYS B 77 32.19 7.76 -23.82
CA LYS B 77 32.29 9.02 -24.55
C LYS B 77 31.01 9.38 -25.27
N ASN B 78 29.93 8.62 -25.05
CA ASN B 78 28.67 8.76 -25.78
C ASN B 78 28.93 9.10 -27.23
N THR B 79 29.72 8.23 -27.87
CA THR B 79 30.15 8.38 -29.24
C THR B 79 30.19 7.01 -29.89
N PHE B 80 29.74 6.92 -31.13
CA PHE B 80 29.94 5.70 -31.89
C PHE B 80 30.68 6.03 -33.17
N TYR B 81 31.32 5.02 -33.73
CA TYR B 81 32.36 5.20 -34.73
C TYR B 81 32.11 4.34 -35.95
N LEU B 82 32.65 4.78 -37.08
CA LEU B 82 32.66 4.00 -38.30
C LEU B 82 34.11 3.80 -38.72
N GLN B 83 34.51 2.56 -38.90
CA GLN B 83 35.86 2.20 -39.30
C GLN B 83 35.81 1.70 -40.74
N MET B 84 36.51 2.38 -41.63
CA MET B 84 36.53 2.03 -43.04
C MET B 84 37.94 1.63 -43.40
N ASN B 85 38.10 0.39 -43.87
CA ASN B 85 39.41 -0.13 -44.25
C ASN B 85 39.40 -0.47 -45.74
N SER B 86 40.59 -0.50 -46.30
CA SER B 86 40.78 -0.75 -47.73
C SER B 86 39.88 0.17 -48.55
N LEU B 87 40.06 1.46 -48.34
CA LEU B 87 39.22 2.46 -49.00
C LEU B 87 39.32 2.35 -50.51
N ARG B 88 38.19 2.55 -51.18
CA ARG B 88 38.15 2.54 -52.63
C ARG B 88 37.42 3.78 -53.11
N ALA B 89 37.02 3.82 -54.38
CA ALA B 89 36.43 5.02 -54.95
C ALA B 89 34.97 5.18 -54.54
N GLU B 90 34.19 4.10 -54.53
CA GLU B 90 32.79 4.22 -54.13
C GLU B 90 32.61 4.56 -52.65
N ASP B 91 33.69 4.75 -51.89
CA ASP B 91 33.60 5.26 -50.53
C ASP B 91 33.60 6.77 -50.48
N THR B 92 34.06 7.44 -51.53
CA THR B 92 33.91 8.88 -51.62
C THR B 92 32.45 9.25 -51.48
N ALA B 93 32.11 9.97 -50.43
CA ALA B 93 30.72 10.32 -50.15
C ALA B 93 30.68 11.25 -48.95
N VAL B 94 29.47 11.63 -48.57
CA VAL B 94 29.20 12.35 -47.34
C VAL B 94 28.58 11.36 -46.37
N TYR B 95 29.20 11.19 -45.20
CA TYR B 95 28.80 10.18 -44.24
C TYR B 95 27.94 10.84 -43.16
N TYR B 96 26.72 10.35 -43.02
CA TYR B 96 25.73 10.94 -42.13
C TYR B 96 25.58 10.06 -40.90
N CYS B 97 25.57 10.70 -39.75
CA CYS B 97 25.23 10.06 -38.49
C CYS B 97 23.74 10.21 -38.28
N ALA B 98 23.08 9.16 -37.81
CA ALA B 98 21.63 9.22 -37.69
C ALA B 98 21.11 8.22 -36.67
N ARG B 99 20.16 8.68 -35.86
CA ARG B 99 19.55 7.88 -34.81
C ARG B 99 18.18 7.41 -35.30
N GLY B 100 17.98 6.10 -35.38
CA GLY B 100 16.75 5.55 -35.89
C GLY B 100 15.75 5.23 -34.79
N SER B 101 14.48 5.54 -35.05
CA SER B 101 13.40 5.23 -34.13
C SER B 101 12.75 3.90 -34.50
N HIS B 102 11.98 3.35 -33.56
CA HIS B 102 11.45 2.00 -33.67
C HIS B 102 9.94 2.01 -33.91
N TYR B 103 9.49 1.17 -34.82
CA TYR B 103 8.07 1.01 -35.11
C TYR B 103 7.84 -0.48 -35.40
N PHE B 104 7.39 -1.20 -34.37
CA PHE B 104 6.96 -2.59 -34.47
C PHE B 104 7.95 -3.46 -35.25
N GLY B 105 9.22 -3.37 -34.87
CA GLY B 105 10.27 -4.17 -35.47
C GLY B 105 10.98 -3.55 -36.65
N HIS B 106 10.68 -2.31 -37.00
CA HIS B 106 11.28 -1.65 -38.14
C HIS B 106 11.69 -0.24 -37.72
N TRP B 107 12.64 0.34 -38.46
CA TRP B 107 13.24 1.58 -38.03
C TRP B 107 13.19 2.62 -39.15
N HIS B 108 13.04 3.88 -38.73
CA HIS B 108 13.17 5.04 -39.59
C HIS B 108 14.10 6.03 -38.92
N PHE B 109 14.83 6.80 -39.72
CA PHE B 109 15.90 7.65 -39.22
C PHE B 109 15.35 9.05 -38.97
N ALA B 110 15.09 9.36 -37.69
CA ALA B 110 14.35 10.55 -37.33
C ALA B 110 15.23 11.71 -36.88
N VAL B 111 16.49 11.48 -36.54
CA VAL B 111 17.42 12.54 -36.15
C VAL B 111 18.74 12.31 -36.87
N TRP B 112 19.17 13.29 -37.66
CA TRP B 112 20.40 13.23 -38.42
C TRP B 112 21.41 14.26 -37.93
N GLY B 113 22.67 14.02 -38.28
CA GLY B 113 23.75 14.93 -37.98
C GLY B 113 24.12 15.76 -39.20
N GLN B 114 25.04 16.70 -38.96
CA GLN B 114 25.44 17.61 -40.02
C GLN B 114 25.97 16.88 -41.25
N GLY B 115 26.60 15.73 -41.06
CA GLY B 115 27.34 15.07 -42.12
C GLY B 115 28.82 15.40 -42.09
N THR B 116 29.64 14.45 -42.52
CA THR B 116 31.07 14.68 -42.69
C THR B 116 31.49 14.08 -44.03
N LEU B 117 32.46 14.72 -44.67
CA LEU B 117 32.80 14.44 -46.06
C LEU B 117 34.10 13.65 -46.14
N VAL B 118 34.06 12.54 -46.88
CA VAL B 118 35.23 11.70 -47.11
C VAL B 118 35.50 11.68 -48.62
N THR B 119 36.74 11.98 -48.99
CA THR B 119 37.17 11.97 -50.37
C THR B 119 38.33 10.99 -50.52
N VAL B 120 38.22 10.10 -51.50
CA VAL B 120 39.24 9.08 -51.74
C VAL B 120 39.99 9.43 -53.01
N SER B 121 41.30 9.67 -52.87
CA SER B 121 42.19 9.98 -53.99
C SER B 121 42.08 8.91 -55.08
N SER B 122 42.63 9.20 -56.26
CA SER B 122 42.64 8.21 -57.32
C SER B 122 43.76 7.20 -57.11
N GLY B 123 43.57 5.99 -57.66
CA GLY B 123 44.54 4.91 -57.55
C GLY B 123 43.92 3.55 -57.33
N SER C 2 20.22 -8.79 -54.75
CA SER C 2 18.94 -9.23 -54.17
C SER C 2 18.33 -8.19 -53.21
N ASP C 3 19.03 -7.07 -53.01
CA ASP C 3 18.47 -5.98 -52.23
C ASP C 3 17.22 -5.45 -52.91
N ILE C 4 16.39 -4.75 -52.15
CA ILE C 4 15.21 -4.10 -52.70
C ILE C 4 15.62 -2.78 -53.34
N GLN C 5 15.42 -2.67 -54.66
CA GLN C 5 15.73 -1.45 -55.38
C GLN C 5 14.49 -0.54 -55.42
N LEU C 6 14.69 0.72 -55.08
CA LEU C 6 13.63 1.73 -55.11
C LEU C 6 13.92 2.75 -56.19
N THR C 7 12.95 2.95 -57.09
CA THR C 7 13.05 3.92 -58.17
C THR C 7 11.98 4.99 -57.99
N GLN C 8 12.40 6.25 -58.08
CA GLN C 8 11.49 7.39 -57.93
C GLN C 8 11.21 8.06 -59.27
N SER C 9 10.10 8.78 -59.31
CA SER C 9 9.67 9.46 -60.53
C SER C 9 8.81 10.66 -60.21
N PRO C 10 9.16 11.84 -60.75
CA PRO C 10 10.29 12.00 -61.66
C PRO C 10 11.63 12.18 -60.93
N SER C 11 12.72 12.21 -61.69
CA SER C 11 14.03 12.44 -61.09
C SER C 11 14.21 13.89 -60.66
N SER C 12 13.52 14.81 -61.32
CA SER C 12 13.55 16.21 -60.94
C SER C 12 12.36 16.90 -61.57
N LEU C 13 11.94 18.01 -60.97
CA LEU C 13 10.83 18.78 -61.50
C LEU C 13 10.98 20.23 -61.08
N SER C 14 10.26 21.10 -61.78
CA SER C 14 10.30 22.54 -61.56
C SER C 14 8.87 23.04 -61.52
N ALA C 15 8.38 23.40 -60.34
CA ALA C 15 7.00 23.83 -60.16
C ALA C 15 6.96 25.21 -59.51
N SER C 16 5.76 25.75 -59.42
CA SER C 16 5.53 27.11 -58.94
C SER C 16 4.82 27.05 -57.58
N VAL C 17 4.93 28.15 -56.83
CA VAL C 17 4.38 28.17 -55.49
C VAL C 17 2.85 28.08 -55.56
N GLY C 18 2.27 27.24 -54.72
CA GLY C 18 0.86 26.93 -54.77
C GLY C 18 0.51 25.68 -55.56
N ASP C 19 1.46 25.11 -56.28
CA ASP C 19 1.20 23.91 -57.06
C ASP C 19 1.05 22.70 -56.13
N ARG C 20 0.61 21.60 -56.72
CA ARG C 20 0.49 20.32 -56.04
C ARG C 20 1.46 19.35 -56.71
N VAL C 21 2.49 18.94 -55.96
CA VAL C 21 3.53 18.06 -56.46
C VAL C 21 3.17 16.62 -56.11
N THR C 22 3.52 15.70 -57.00
CA THR C 22 3.26 14.27 -56.82
C THR C 22 4.52 13.50 -57.14
N ILE C 23 5.08 12.81 -56.14
CA ILE C 23 6.31 12.04 -56.31
C ILE C 23 6.00 10.57 -56.10
N THR C 24 6.49 9.73 -57.00
CA THR C 24 6.21 8.31 -57.02
C THR C 24 7.46 7.54 -56.62
N CYS C 25 7.25 6.41 -55.93
CA CYS C 25 8.32 5.50 -55.50
C CYS C 25 7.84 4.08 -55.75
N ARG C 26 8.58 3.33 -56.58
CA ARG C 26 8.24 1.96 -56.91
C ARG C 26 9.32 1.01 -56.40
N ALA C 27 8.88 -0.11 -55.82
CA ALA C 27 9.75 -1.10 -55.20
C ALA C 27 9.75 -2.39 -55.99
N SER C 28 10.90 -3.05 -56.04
CA SER C 28 10.99 -4.32 -56.75
C SER C 28 10.39 -5.47 -55.96
N GLN C 29 10.26 -5.33 -54.65
CA GLN C 29 9.58 -6.30 -53.81
C GLN C 29 8.55 -5.58 -52.95
N SER C 30 7.53 -6.30 -52.53
CA SER C 30 6.52 -5.71 -51.68
C SER C 30 7.10 -5.39 -50.31
N VAL C 31 6.91 -4.15 -49.85
CA VAL C 31 7.43 -3.70 -48.57
C VAL C 31 6.29 -3.69 -47.56
N ASP C 32 5.31 -4.57 -47.76
CA ASP C 32 4.15 -4.70 -46.90
C ASP C 32 4.34 -5.85 -45.92
N SER C 33 3.82 -5.67 -44.71
CA SER C 33 3.85 -6.71 -43.69
C SER C 33 2.98 -6.28 -42.52
N ASP C 34 2.10 -7.17 -42.07
CA ASP C 34 1.24 -6.93 -40.92
C ASP C 34 0.31 -5.74 -41.14
N GLY C 35 -0.17 -5.55 -42.36
CA GLY C 35 -1.11 -4.48 -42.64
C GLY C 35 -0.53 -3.09 -42.65
N ASP C 36 0.79 -2.98 -42.78
CA ASP C 36 1.47 -1.69 -42.86
C ASP C 36 2.44 -1.73 -44.03
N SER C 37 3.00 -0.57 -44.33
CA SER C 37 3.92 -0.42 -45.45
C SER C 37 5.13 0.36 -44.96
N TYR C 38 6.25 -0.34 -44.78
CA TYR C 38 7.43 0.27 -44.15
C TYR C 38 8.21 1.04 -45.22
N MET C 39 7.65 2.19 -45.59
CA MET C 39 8.23 3.11 -46.57
C MET C 39 8.22 4.49 -45.97
N ASN C 40 9.39 5.13 -45.92
CA ASN C 40 9.54 6.42 -45.28
C ASN C 40 9.98 7.45 -46.30
N TRP C 41 9.72 8.72 -45.99
CA TRP C 41 9.97 9.82 -46.90
C TRP C 41 10.83 10.86 -46.19
N TYR C 42 11.91 11.28 -46.84
CA TYR C 42 12.83 12.25 -46.29
C TYR C 42 12.93 13.45 -47.20
N GLN C 43 13.26 14.60 -46.61
CA GLN C 43 13.44 15.85 -47.34
C GLN C 43 14.82 16.41 -47.04
N GLN C 44 15.64 16.57 -48.07
CA GLN C 44 17.01 17.02 -47.89
C GLN C 44 17.20 18.36 -48.59
N LYS C 45 17.34 19.41 -47.80
CA LYS C 45 17.65 20.74 -48.33
C LYS C 45 19.11 20.82 -48.71
N PRO C 46 19.46 21.72 -49.63
CA PRO C 46 20.81 21.69 -50.22
C PRO C 46 21.90 21.97 -49.19
N GLY C 47 22.89 21.08 -49.15
CA GLY C 47 23.99 21.20 -48.22
C GLY C 47 23.66 20.87 -46.78
N LYS C 48 22.51 20.28 -46.51
CA LYS C 48 22.08 19.99 -45.15
C LYS C 48 21.74 18.52 -45.00
N ALA C 49 21.49 18.13 -43.76
CA ALA C 49 21.13 16.76 -43.45
C ALA C 49 19.71 16.46 -43.93
N PRO C 50 19.41 15.20 -44.24
CA PRO C 50 18.03 14.82 -44.50
C PRO C 50 17.15 15.04 -43.28
N LYS C 51 15.84 14.99 -43.52
CA LYS C 51 14.85 15.20 -42.48
C LYS C 51 13.69 14.26 -42.74
N LEU C 52 13.25 13.53 -41.72
CA LEU C 52 12.20 12.55 -41.88
C LEU C 52 10.85 13.26 -41.95
N LEU C 53 10.11 13.03 -43.03
CA LEU C 53 8.77 13.59 -43.20
C LEU C 53 7.69 12.59 -42.79
N ILE C 54 7.75 11.40 -43.35
CA ILE C 54 6.69 10.42 -43.20
C ILE C 54 7.33 9.07 -42.92
N TYR C 55 6.75 8.33 -41.98
CA TYR C 55 7.14 6.95 -41.74
C TYR C 55 5.92 6.06 -41.92
N ALA C 56 6.17 4.81 -42.27
CA ALA C 56 5.13 3.82 -42.47
C ALA C 56 4.07 4.32 -43.46
N ALA C 57 4.55 4.77 -44.62
CA ALA C 57 3.72 5.10 -45.77
C ALA C 57 2.90 6.37 -45.59
N SER C 58 2.14 6.49 -44.50
CA SER C 58 1.18 7.57 -44.37
C SER C 58 1.17 8.31 -43.04
N TYR C 59 2.07 7.99 -42.11
CA TYR C 59 2.06 8.59 -40.78
C TYR C 59 3.03 9.76 -40.74
N LEU C 60 2.52 10.92 -40.38
CA LEU C 60 3.32 12.14 -40.39
C LEU C 60 4.20 12.20 -39.15
N GLU C 61 5.50 12.41 -39.36
CA GLU C 61 6.38 12.65 -38.24
C GLU C 61 6.00 13.97 -37.55
N SER C 62 6.16 14.00 -36.23
CA SER C 62 5.64 15.10 -35.43
C SER C 62 6.18 16.45 -35.91
N GLY C 63 5.30 17.46 -35.92
CA GLY C 63 5.67 18.80 -36.29
C GLY C 63 5.78 19.07 -37.78
N VAL C 64 5.80 18.04 -38.62
CA VAL C 64 5.91 18.22 -40.07
C VAL C 64 4.63 18.87 -40.59
N PRO C 65 4.71 19.84 -41.50
CA PRO C 65 3.49 20.52 -41.96
C PRO C 65 2.50 19.56 -42.61
N SER C 66 1.21 19.85 -42.44
CA SER C 66 0.15 18.98 -42.95
C SER C 66 0.02 19.01 -44.46
N ARG C 67 0.72 19.90 -45.16
CA ARG C 67 0.71 19.88 -46.62
C ARG C 67 1.22 18.56 -47.16
N PHE C 68 2.10 17.88 -46.41
CA PHE C 68 2.71 16.62 -46.83
C PHE C 68 1.83 15.43 -46.46
N SER C 69 1.71 14.50 -47.39
CA SER C 69 0.97 13.26 -47.15
C SER C 69 1.65 12.14 -47.91
N GLY C 70 1.38 10.91 -47.47
CA GLY C 70 1.90 9.73 -48.14
C GLY C 70 0.80 8.72 -48.37
N SER C 71 0.90 8.02 -49.49
CA SER C 71 -0.07 7.00 -49.86
C SER C 71 0.64 5.85 -50.53
N GLY C 72 -0.12 4.80 -50.79
CA GLY C 72 0.36 3.64 -51.51
C GLY C 72 0.54 2.44 -50.61
N SER C 73 0.78 1.30 -51.25
CA SER C 73 1.01 0.05 -50.57
C SER C 73 1.70 -0.89 -51.54
N GLY C 74 2.21 -1.99 -51.01
CA GLY C 74 2.85 -3.00 -51.84
C GLY C 74 4.10 -2.48 -52.54
N THR C 75 3.97 -2.19 -53.83
CA THR C 75 5.11 -1.80 -54.65
C THR C 75 5.04 -0.36 -55.15
N ASP C 76 3.94 0.36 -54.88
CA ASP C 76 3.76 1.71 -55.39
C ASP C 76 3.44 2.65 -54.25
N PHE C 77 4.23 3.72 -54.13
CA PHE C 77 4.04 4.72 -53.09
C PHE C 77 4.12 6.11 -53.69
N THR C 78 3.49 7.06 -53.01
CA THR C 78 3.29 8.40 -53.54
C THR C 78 3.39 9.42 -52.43
N LEU C 79 4.27 10.40 -52.60
CA LEU C 79 4.33 11.55 -51.71
C LEU C 79 3.72 12.74 -52.40
N THR C 80 2.94 13.54 -51.65
CA THR C 80 2.18 14.64 -52.21
C THR C 80 2.39 15.89 -51.34
N ILE C 81 2.84 16.97 -51.96
CA ILE C 81 2.83 18.29 -51.35
C ILE C 81 1.55 18.99 -51.83
N SER C 82 0.63 19.25 -50.90
CA SER C 82 -0.70 19.71 -51.29
C SER C 82 -0.70 21.12 -51.85
N SER C 83 0.25 21.96 -51.42
CA SER C 83 0.30 23.34 -51.86
C SER C 83 1.75 23.79 -51.68
N LEU C 84 2.52 23.70 -52.75
CA LEU C 84 3.96 23.93 -52.67
C LEU C 84 4.25 25.30 -52.07
N GLN C 85 5.19 25.33 -51.13
CA GLN C 85 5.61 26.54 -50.45
C GLN C 85 7.02 26.92 -50.86
N PRO C 86 7.38 28.21 -50.77
CA PRO C 86 8.72 28.62 -51.23
C PRO C 86 9.83 27.89 -50.52
N GLU C 87 9.58 27.42 -49.30
CA GLU C 87 10.55 26.74 -48.46
C GLU C 87 10.70 25.26 -48.79
N ASP C 88 9.98 24.75 -49.79
CA ASP C 88 9.88 23.33 -50.03
C ASP C 88 10.87 22.81 -51.07
N PHE C 89 11.72 23.67 -51.64
CA PHE C 89 12.67 23.21 -52.64
C PHE C 89 13.70 22.31 -51.96
N ALA C 90 13.82 21.09 -52.44
CA ALA C 90 14.64 20.09 -51.78
C ALA C 90 14.75 18.88 -52.70
N THR C 91 15.48 17.87 -52.24
CA THR C 91 15.48 16.56 -52.86
C THR C 91 14.75 15.63 -51.91
N TYR C 92 13.73 14.95 -52.40
CA TYR C 92 12.91 14.07 -51.58
C TYR C 92 13.25 12.61 -51.87
N TYR C 93 13.35 11.82 -50.81
CA TYR C 93 13.79 10.43 -50.88
C TYR C 93 12.77 9.52 -50.24
N CYS C 94 12.54 8.37 -50.87
CA CYS C 94 11.80 7.29 -50.23
C CYS C 94 12.78 6.21 -49.77
N GLN C 95 12.42 5.53 -48.68
CA GLN C 95 13.31 4.54 -48.09
C GLN C 95 12.48 3.42 -47.49
N GLN C 96 12.86 2.17 -47.75
CA GLN C 96 12.14 1.01 -47.26
C GLN C 96 12.78 0.48 -45.99
N SER C 97 11.93 -0.01 -45.08
CA SER C 97 12.36 -0.59 -43.81
C SER C 97 11.77 -1.97 -43.63
N HIS C 98 11.53 -2.67 -44.74
CA HIS C 98 10.87 -3.96 -44.69
C HIS C 98 11.84 -5.11 -44.46
N GLU C 99 13.09 -4.97 -44.90
CA GLU C 99 14.07 -6.03 -44.70
C GLU C 99 15.46 -5.47 -44.95
N ASP C 100 16.45 -6.15 -44.38
CA ASP C 100 17.86 -5.74 -44.53
C ASP C 100 18.41 -6.14 -45.88
N PRO C 101 19.25 -5.27 -46.48
CA PRO C 101 19.59 -3.98 -45.89
C PRO C 101 18.58 -2.95 -46.28
N TYR C 102 18.30 -1.98 -45.41
CA TYR C 102 17.41 -0.89 -45.79
C TYR C 102 17.98 -0.20 -47.02
N THR C 103 17.09 0.24 -47.91
CA THR C 103 17.52 0.86 -49.16
C THR C 103 16.70 2.12 -49.40
N PHE C 104 17.33 3.07 -50.09
CA PHE C 104 16.75 4.34 -50.46
C PHE C 104 16.47 4.38 -51.95
N GLY C 105 15.73 5.41 -52.36
CA GLY C 105 15.56 5.75 -53.75
C GLY C 105 16.51 6.87 -54.16
N GLN C 106 16.64 7.05 -55.47
CA GLN C 106 17.65 7.98 -55.97
C GLN C 106 17.31 9.44 -55.71
N GLY C 107 16.11 9.75 -55.26
CA GLY C 107 15.82 11.13 -54.94
C GLY C 107 15.05 11.83 -56.05
N THR C 108 14.22 12.79 -55.65
CA THR C 108 13.50 13.64 -56.57
C THR C 108 13.80 15.09 -56.21
N LYS C 109 14.62 15.74 -57.02
CA LYS C 109 14.93 17.14 -56.76
C LYS C 109 13.72 18.00 -57.12
N VAL C 110 13.33 18.88 -56.21
CA VAL C 110 12.22 19.80 -56.45
C VAL C 110 12.80 21.21 -56.45
N GLU C 111 12.60 21.93 -57.56
CA GLU C 111 13.03 23.30 -57.72
C GLU C 111 11.81 24.20 -57.89
N ILE C 112 11.93 25.43 -57.42
CA ILE C 112 10.84 26.40 -57.44
C ILE C 112 11.21 27.53 -58.40
N LYS C 113 10.21 28.01 -59.15
CA LYS C 113 10.39 29.08 -60.14
C LYS C 113 9.84 30.42 -59.65
N SER D 1 -15.38 3.58 35.85
CA SER D 1 -15.06 2.26 36.38
C SER D 1 -15.06 1.21 35.27
N GLU D 2 -16.17 0.48 35.16
CA GLU D 2 -16.35 -0.49 34.09
C GLU D 2 -17.41 0.02 33.13
N VAL D 3 -17.25 -0.32 31.86
CA VAL D 3 -18.11 0.18 30.80
C VAL D 3 -19.32 -0.74 30.67
N GLN D 4 -20.51 -0.14 30.66
CA GLN D 4 -21.73 -0.90 30.50
C GLN D 4 -22.55 -0.33 29.35
N LEU D 5 -23.09 -1.23 28.54
CA LEU D 5 -23.91 -0.88 27.39
C LEU D 5 -25.26 -1.56 27.55
N VAL D 6 -26.32 -0.75 27.58
CA VAL D 6 -27.68 -1.25 27.79
C VAL D 6 -28.52 -0.83 26.59
N GLU D 7 -29.08 -1.81 25.87
CA GLU D 7 -29.90 -1.52 24.71
C GLU D 7 -31.35 -1.32 25.10
N SER D 8 -32.09 -0.64 24.22
CA SER D 8 -33.49 -0.35 24.45
C SER D 8 -34.19 -0.20 23.11
N GLY D 9 -35.50 -0.39 23.12
CA GLY D 9 -36.33 -0.16 21.96
C GLY D 9 -36.70 -1.42 21.19
N GLY D 10 -36.03 -2.54 21.45
CA GLY D 10 -36.39 -3.77 20.78
C GLY D 10 -37.82 -4.17 21.07
N GLY D 11 -38.47 -4.72 20.06
CA GLY D 11 -39.85 -5.15 20.22
C GLY D 11 -40.40 -5.62 18.89
N LEU D 12 -41.69 -5.93 18.91
CA LEU D 12 -42.37 -6.36 17.71
C LEU D 12 -42.43 -5.22 16.70
N VAL D 13 -42.18 -5.55 15.43
CA VAL D 13 -41.92 -4.56 14.41
C VAL D 13 -42.66 -4.95 13.13
N GLN D 14 -43.25 -3.88 12.37
CA GLN D 14 -44.04 -3.97 11.16
C GLN D 14 -43.16 -3.96 9.92
N PRO D 15 -43.54 -4.68 8.88
CA PRO D 15 -42.71 -4.77 7.67
C PRO D 15 -42.81 -3.52 6.83
N ASP D 16 -41.71 -3.21 6.16
CA ASP D 16 -41.49 -1.95 5.45
C ASP D 16 -41.61 -0.74 6.37
N GLY D 17 -41.78 -0.95 7.66
CA GLY D 17 -41.75 0.13 8.62
C GLY D 17 -40.33 0.54 8.93
N SER D 18 -40.15 1.16 10.09
CA SER D 18 -38.84 1.63 10.51
C SER D 18 -38.61 1.20 11.96
N LEU D 19 -37.36 1.34 12.39
CA LEU D 19 -36.91 0.82 13.66
C LEU D 19 -35.89 1.78 14.27
N ARG D 20 -35.94 1.92 15.59
CA ARG D 20 -35.03 2.80 16.31
C ARG D 20 -34.62 2.12 17.60
N LEU D 21 -33.32 1.88 17.76
CA LEU D 21 -32.76 1.30 18.96
C LEU D 21 -31.71 2.24 19.53
N SER D 22 -31.60 2.24 20.85
CA SER D 22 -30.67 3.09 21.57
C SER D 22 -29.72 2.24 22.38
N CYS D 23 -28.62 2.85 22.81
CA CYS D 23 -27.62 2.17 23.63
C CYS D 23 -27.10 3.15 24.66
N ALA D 24 -27.52 2.99 25.91
CA ALA D 24 -27.11 3.88 27.01
C ALA D 24 -25.74 3.46 27.52
N VAL D 25 -24.70 4.13 27.04
CA VAL D 25 -23.35 3.87 27.52
C VAL D 25 -23.16 4.57 28.86
N SER D 26 -22.82 3.80 29.89
CA SER D 26 -22.52 4.34 31.21
C SER D 26 -21.16 3.84 31.63
N GLY D 27 -20.30 4.75 32.10
CA GLY D 27 -18.97 4.40 32.55
C GLY D 27 -17.87 4.94 31.67
N TYR D 28 -18.15 5.21 30.40
CA TYR D 28 -17.19 5.80 29.49
C TYR D 28 -17.91 6.79 28.59
N SER D 29 -17.20 7.82 28.19
CA SER D 29 -17.77 8.87 27.35
C SER D 29 -17.58 8.49 25.88
N ILE D 30 -18.68 8.32 25.15
CA ILE D 30 -18.57 7.98 23.73
C ILE D 30 -17.86 9.06 22.95
N THR D 31 -17.78 10.27 23.49
CA THR D 31 -16.99 11.32 22.85
C THR D 31 -15.49 11.07 22.98
N SER D 32 -15.07 10.32 24.01
CA SER D 32 -13.68 9.98 24.22
C SER D 32 -13.30 8.62 23.66
N GLY D 33 -14.22 7.94 22.95
CA GLY D 33 -14.10 6.59 22.41
C GLY D 33 -12.87 6.42 21.54
N TYR D 34 -12.54 5.25 20.96
CA TYR D 34 -13.30 4.00 20.79
C TYR D 34 -14.41 4.13 19.76
N SER D 35 -14.54 3.08 18.94
CA SER D 35 -15.62 2.95 17.98
C SER D 35 -16.84 2.33 18.65
N TRP D 36 -18.00 2.60 18.09
CA TRP D 36 -19.27 2.22 18.70
C TRP D 36 -20.16 1.63 17.63
N ASN D 37 -20.49 0.35 17.77
CA ASN D 37 -20.95 -0.47 16.67
C ASN D 37 -22.31 -1.07 16.96
N TRP D 38 -23.00 -1.46 15.89
CA TRP D 38 -24.20 -2.28 15.96
C TRP D 38 -23.96 -3.58 15.20
N ILE D 39 -24.21 -4.71 15.86
CA ILE D 39 -23.97 -6.04 15.30
C ILE D 39 -25.17 -6.91 15.61
N ARG D 40 -25.80 -7.44 14.58
CA ARG D 40 -27.02 -8.23 14.76
C ARG D 40 -26.77 -9.71 14.49
N GLN D 41 -27.69 -10.53 14.99
CA GLN D 41 -27.59 -11.98 14.89
C GLN D 41 -28.95 -12.51 14.47
N ALA D 42 -29.11 -12.73 13.18
CA ALA D 42 -30.41 -13.19 12.69
C ALA D 42 -30.60 -14.66 13.04
N PRO D 43 -31.83 -15.07 13.35
CA PRO D 43 -32.10 -16.48 13.68
C PRO D 43 -31.48 -17.45 12.68
N GLY D 44 -30.71 -18.41 13.20
CA GLY D 44 -30.05 -19.41 12.39
C GLY D 44 -29.09 -18.83 11.39
N LYS D 45 -28.19 -17.96 11.85
CA LYS D 45 -27.25 -17.29 10.96
C LYS D 45 -26.12 -16.72 11.82
N GLY D 46 -24.99 -16.46 11.18
CA GLY D 46 -23.86 -15.86 11.85
C GLY D 46 -24.15 -14.41 12.24
N LEU D 47 -23.18 -13.84 12.98
CA LEU D 47 -23.27 -12.44 13.35
C LEU D 47 -23.00 -11.54 12.15
N GLU D 48 -23.69 -10.41 12.08
CA GLU D 48 -23.52 -9.47 10.99
C GLU D 48 -23.19 -8.11 11.56
N TRP D 49 -21.99 -7.61 11.27
CA TRP D 49 -21.65 -6.24 11.61
C TRP D 49 -22.46 -5.30 10.73
N VAL D 50 -23.08 -4.30 11.34
CA VAL D 50 -24.13 -3.51 10.69
C VAL D 50 -23.68 -2.06 10.48
N ALA D 51 -23.13 -1.42 11.52
CA ALA D 51 -22.73 -0.02 11.41
C ALA D 51 -21.77 0.29 12.55
N SER D 52 -21.17 1.48 12.48
CA SER D 52 -20.23 1.92 13.52
C SER D 52 -20.08 3.44 13.44
N VAL D 53 -19.62 4.01 14.55
CA VAL D 53 -19.25 5.42 14.60
C VAL D 53 -18.09 5.57 15.57
N THR D 54 -17.02 6.23 15.14
CA THR D 54 -15.86 6.41 16.00
C THR D 54 -16.14 7.56 16.95
N TYR D 55 -15.11 7.99 17.69
CA TYR D 55 -15.29 9.06 18.64
C TYR D 55 -15.50 10.41 17.95
N ASP D 56 -14.83 10.63 16.81
CA ASP D 56 -14.96 11.86 16.06
C ASP D 56 -16.06 11.79 15.01
N GLY D 57 -17.08 10.96 15.24
CA GLY D 57 -18.25 10.92 14.41
C GLY D 57 -18.10 10.20 13.09
N SER D 58 -16.90 9.74 12.75
CA SER D 58 -16.72 9.03 11.48
C SER D 58 -17.60 7.80 11.45
N THR D 59 -18.38 7.66 10.37
CA THR D 59 -19.37 6.61 10.25
C THR D 59 -18.94 5.59 9.20
N ASN D 60 -19.35 4.34 9.44
CA ASN D 60 -19.13 3.23 8.53
C ASN D 60 -20.36 2.33 8.55
N TYR D 61 -20.72 1.81 7.37
CA TYR D 61 -21.88 0.96 7.24
C TYR D 61 -21.50 -0.30 6.48
N ASN D 62 -22.20 -1.39 6.78
CA ASN D 62 -22.03 -2.61 6.03
C ASN D 62 -22.75 -2.48 4.69
N PRO D 63 -22.04 -2.59 3.57
CA PRO D 63 -22.69 -2.40 2.26
C PRO D 63 -23.98 -3.16 2.09
N SER D 64 -24.14 -4.29 2.78
CA SER D 64 -25.34 -5.11 2.65
C SER D 64 -26.60 -4.43 3.19
N VAL D 65 -26.46 -3.32 3.92
CA VAL D 65 -27.60 -2.59 4.44
C VAL D 65 -27.48 -1.09 4.19
N LYS D 66 -26.37 -0.63 3.63
CA LYS D 66 -26.18 0.79 3.37
C LYS D 66 -27.29 1.31 2.47
N GLY D 67 -28.06 2.27 2.97
CA GLY D 67 -29.20 2.77 2.23
C GLY D 67 -30.44 2.92 3.10
N ARG D 68 -30.77 1.88 3.85
CA ARG D 68 -31.91 1.89 4.76
C ARG D 68 -31.45 1.87 6.21
N ILE D 69 -30.35 2.57 6.50
CA ILE D 69 -29.69 2.47 7.79
C ILE D 69 -29.02 3.80 8.13
N THR D 70 -29.02 4.11 9.42
CA THR D 70 -28.35 5.33 9.89
C THR D 70 -27.98 5.15 11.35
N ILE D 71 -26.75 5.52 11.69
CA ILE D 71 -26.26 5.48 13.06
C ILE D 71 -26.04 6.92 13.53
N SER D 72 -26.67 7.28 14.63
CA SER D 72 -26.65 8.63 15.17
C SER D 72 -26.20 8.59 16.62
N ARG D 73 -25.92 9.76 17.18
CA ARG D 73 -25.53 9.82 18.59
C ARG D 73 -26.03 11.12 19.20
N ASP D 74 -26.24 11.08 20.51
CA ASP D 74 -26.74 12.20 21.30
C ASP D 74 -25.77 12.34 22.47
N ASP D 75 -24.71 13.14 22.27
CA ASP D 75 -23.68 13.31 23.29
C ASP D 75 -24.27 13.70 24.65
N SER D 76 -25.34 14.51 24.64
CA SER D 76 -25.94 14.98 25.89
C SER D 76 -26.51 13.84 26.72
N LYS D 77 -26.91 12.75 26.08
CA LYS D 77 -27.39 11.56 26.78
C LYS D 77 -26.34 10.46 26.85
N ASN D 78 -25.16 10.68 26.25
CA ASN D 78 -24.14 9.65 26.09
C ASN D 78 -24.76 8.35 25.59
N THR D 79 -25.61 8.49 24.58
CA THR D 79 -26.32 7.39 23.95
C THR D 79 -26.12 7.52 22.46
N PHE D 80 -26.00 6.40 21.76
CA PHE D 80 -26.01 6.41 20.31
C PHE D 80 -27.04 5.41 19.81
N TYR D 81 -27.62 5.74 18.66
CA TYR D 81 -28.85 5.14 18.19
C TYR D 81 -28.61 4.47 16.85
N LEU D 82 -29.51 3.54 16.52
CA LEU D 82 -29.50 2.85 15.23
C LEU D 82 -30.89 2.93 14.63
N GLN D 83 -30.98 3.44 13.41
CA GLN D 83 -32.25 3.58 12.70
C GLN D 83 -32.19 2.77 11.42
N MET D 84 -33.20 1.93 11.23
CA MET D 84 -33.37 1.14 10.02
C MET D 84 -34.82 1.24 9.59
N ASN D 85 -35.03 1.57 8.32
CA ASN D 85 -36.35 1.63 7.72
C ASN D 85 -36.41 0.62 6.58
N SER D 86 -37.61 0.49 5.99
CA SER D 86 -37.84 -0.43 4.89
C SER D 86 -37.54 -1.87 5.31
N LEU D 87 -38.18 -2.27 6.40
CA LEU D 87 -37.80 -3.50 7.08
C LEU D 87 -38.39 -4.72 6.38
N ARG D 88 -37.60 -5.80 6.36
CA ARG D 88 -37.98 -7.05 5.70
C ARG D 88 -37.80 -8.19 6.71
N ALA D 89 -37.70 -9.42 6.20
CA ALA D 89 -37.58 -10.57 7.09
C ALA D 89 -36.17 -10.71 7.66
N GLU D 90 -35.14 -10.54 6.82
CA GLU D 90 -33.77 -10.71 7.27
C GLU D 90 -33.38 -9.69 8.34
N ASP D 91 -34.23 -8.73 8.71
CA ASP D 91 -33.95 -7.82 9.81
C ASP D 91 -34.34 -8.38 11.18
N THR D 92 -35.16 -9.41 11.21
CA THR D 92 -35.41 -10.14 12.45
C THR D 92 -34.09 -10.68 13.00
N ALA D 93 -33.72 -10.20 14.17
CA ALA D 93 -32.42 -10.51 14.75
C ALA D 93 -32.41 -10.05 16.19
N VAL D 94 -31.33 -10.40 16.89
CA VAL D 94 -31.01 -9.82 18.18
C VAL D 94 -29.92 -8.77 17.93
N TYR D 95 -30.20 -7.53 18.27
CA TYR D 95 -29.34 -6.42 17.94
C TYR D 95 -28.44 -6.12 19.11
N TYR D 96 -27.13 -6.08 18.84
CA TYR D 96 -26.12 -5.89 19.85
C TYR D 96 -25.43 -4.56 19.63
N CYS D 97 -25.12 -3.92 20.74
CA CYS D 97 -24.36 -2.69 20.77
C CYS D 97 -23.01 -3.02 21.41
N ALA D 98 -21.92 -2.49 20.85
CA ALA D 98 -20.60 -2.97 21.27
C ALA D 98 -19.53 -1.90 21.03
N ARG D 99 -18.54 -1.87 21.93
CA ARG D 99 -17.47 -0.87 21.93
C ARG D 99 -16.18 -1.51 21.45
N GLY D 100 -15.76 -1.20 20.23
CA GLY D 100 -14.56 -1.78 19.69
C GLY D 100 -13.30 -1.07 20.15
N SER D 101 -12.24 -1.84 20.30
CA SER D 101 -10.94 -1.32 20.68
C SER D 101 -10.00 -1.37 19.48
N HIS D 102 -8.93 -0.58 19.54
CA HIS D 102 -8.14 -0.26 18.36
C HIS D 102 -6.78 -0.93 18.39
N TYR D 103 -6.41 -1.55 17.27
CA TYR D 103 -5.11 -2.21 17.13
C TYR D 103 -4.51 -1.84 15.78
N PHE D 104 -3.76 -0.73 15.75
CA PHE D 104 -2.96 -0.33 14.59
C PHE D 104 -3.81 -0.25 13.32
N GLY D 105 -4.93 0.44 13.43
CA GLY D 105 -5.84 0.61 12.32
C GLY D 105 -6.93 -0.43 12.23
N HIS D 106 -6.98 -1.38 13.15
CA HIS D 106 -7.96 -2.46 13.12
C HIS D 106 -8.69 -2.52 14.45
N TRP D 107 -9.92 -3.03 14.43
CA TRP D 107 -10.82 -2.93 15.57
C TRP D 107 -11.36 -4.29 15.94
N HIS D 108 -11.53 -4.51 17.25
CA HIS D 108 -12.14 -5.72 17.79
C HIS D 108 -13.13 -5.32 18.89
N PHE D 109 -14.26 -6.00 18.94
CA PHE D 109 -15.36 -5.61 19.83
C PHE D 109 -15.15 -6.25 21.19
N ALA D 110 -14.67 -5.46 22.15
CA ALA D 110 -14.26 -5.96 23.46
C ALA D 110 -15.32 -5.85 24.54
N VAL D 111 -16.32 -4.99 24.37
CA VAL D 111 -17.38 -4.79 25.35
C VAL D 111 -18.72 -4.85 24.63
N TRP D 112 -19.64 -5.66 25.14
CA TRP D 112 -20.95 -5.81 24.51
C TRP D 112 -22.05 -5.57 25.52
N GLY D 113 -23.21 -5.19 25.00
CA GLY D 113 -24.43 -5.15 25.79
C GLY D 113 -25.18 -6.46 25.70
N GLN D 114 -26.25 -6.57 26.49
CA GLN D 114 -27.05 -7.78 26.47
C GLN D 114 -27.75 -7.99 25.13
N GLY D 115 -27.95 -6.92 24.38
CA GLY D 115 -28.71 -6.98 23.15
C GLY D 115 -30.20 -6.94 23.39
N THR D 116 -30.93 -6.59 22.34
CA THR D 116 -32.38 -6.54 22.41
C THR D 116 -32.97 -7.24 21.20
N LEU D 117 -34.15 -7.83 21.39
CA LEU D 117 -34.77 -8.67 20.37
C LEU D 117 -35.72 -7.86 19.50
N VAL D 118 -35.58 -8.03 18.18
CA VAL D 118 -36.40 -7.33 17.21
C VAL D 118 -36.96 -8.37 16.25
N THR D 119 -38.27 -8.33 16.03
CA THR D 119 -38.95 -9.28 15.16
C THR D 119 -39.81 -8.53 14.16
N VAL D 120 -39.69 -8.89 12.88
CA VAL D 120 -40.52 -8.32 11.84
C VAL D 120 -41.70 -9.25 11.58
N SER D 121 -42.88 -8.67 11.42
CA SER D 121 -44.09 -9.44 11.21
C SER D 121 -44.26 -9.78 9.74
N SER D 122 -45.34 -10.50 9.43
CA SER D 122 -45.63 -10.88 8.07
C SER D 122 -46.20 -9.70 7.28
N GLY D 123 -45.82 -9.60 6.01
CA GLY D 123 -46.32 -8.55 5.13
C GLY D 123 -45.38 -8.16 4.00
N GLY E 1 -20.50 -12.34 -1.84
CA GLY E 1 -19.86 -11.62 -2.92
C GLY E 1 -19.15 -10.36 -2.47
N SER E 2 -17.84 -10.32 -2.69
CA SER E 2 -16.91 -9.23 -2.34
C SER E 2 -16.68 -9.11 -0.83
N ASP E 3 -17.23 -9.99 -0.01
CA ASP E 3 -16.99 -9.99 1.43
C ASP E 3 -16.09 -11.16 1.77
N ILE E 4 -15.09 -10.92 2.61
CA ILE E 4 -14.24 -11.99 3.08
C ILE E 4 -15.08 -12.95 3.89
N GLN E 5 -15.28 -14.16 3.36
CA GLN E 5 -16.15 -15.14 3.99
C GLN E 5 -15.34 -16.04 4.93
N LEU E 6 -15.96 -16.39 6.06
CA LEU E 6 -15.33 -17.20 7.09
C LEU E 6 -16.07 -18.50 7.25
N THR E 7 -15.33 -19.61 7.23
CA THR E 7 -15.88 -20.95 7.42
C THR E 7 -15.21 -21.58 8.63
N GLN E 8 -16.01 -22.10 9.54
CA GLN E 8 -15.51 -22.74 10.75
C GLN E 8 -15.73 -24.25 10.69
N SER E 9 -14.80 -24.99 11.25
CA SER E 9 -14.95 -26.43 11.40
C SER E 9 -14.27 -26.86 12.69
N PRO E 10 -14.86 -27.84 13.40
CA PRO E 10 -16.10 -28.50 12.97
C PRO E 10 -17.33 -27.64 13.25
N SER E 11 -18.42 -27.96 12.56
CA SER E 11 -19.68 -27.24 12.81
C SER E 11 -20.10 -27.39 14.27
N SER E 12 -19.70 -28.47 14.93
CA SER E 12 -20.14 -28.79 16.27
C SER E 12 -19.28 -29.90 16.81
N LEU E 13 -19.07 -29.91 18.13
CA LEU E 13 -18.28 -30.95 18.77
C LEU E 13 -18.65 -31.03 20.24
N SER E 14 -18.69 -32.26 20.77
CA SER E 14 -18.91 -32.51 22.17
C SER E 14 -17.65 -33.09 22.79
N ALA E 15 -17.35 -32.68 24.03
CA ALA E 15 -16.16 -33.16 24.70
C ALA E 15 -16.44 -33.26 26.19
N SER E 16 -15.42 -33.56 26.98
CA SER E 16 -15.52 -33.68 28.42
C SER E 16 -14.59 -32.67 29.08
N VAL E 17 -14.78 -32.47 30.39
CA VAL E 17 -13.92 -31.56 31.12
C VAL E 17 -12.52 -32.14 31.19
N GLY E 18 -11.51 -31.30 30.91
CA GLY E 18 -10.14 -31.74 30.81
C GLY E 18 -9.65 -31.96 29.40
N ASP E 19 -10.54 -32.04 28.42
CA ASP E 19 -10.15 -32.30 27.05
C ASP E 19 -9.51 -31.09 26.41
N ARG E 20 -8.72 -31.35 25.37
CA ARG E 20 -8.21 -30.32 24.49
C ARG E 20 -9.11 -30.24 23.27
N VAL E 21 -9.59 -29.05 22.95
CA VAL E 21 -10.56 -28.83 21.89
C VAL E 21 -9.96 -27.86 20.89
N THR E 22 -10.04 -28.19 19.61
CA THR E 22 -9.47 -27.40 18.52
C THR E 22 -10.58 -26.99 17.56
N ILE E 23 -10.67 -25.69 17.27
CA ILE E 23 -11.67 -25.14 16.35
C ILE E 23 -10.97 -24.37 15.24
N THR E 24 -11.31 -24.69 13.99
CA THR E 24 -10.67 -24.07 12.83
C THR E 24 -11.52 -22.93 12.28
N CYS E 25 -10.85 -21.92 11.71
CA CYS E 25 -11.49 -20.84 10.97
C CYS E 25 -10.66 -20.61 9.72
N ARG E 26 -11.31 -20.70 8.56
CA ARG E 26 -10.63 -20.51 7.28
C ARG E 26 -11.30 -19.38 6.54
N ALA E 27 -10.51 -18.36 6.20
CA ALA E 27 -11.01 -17.18 5.52
C ALA E 27 -10.84 -17.34 4.02
N SER E 28 -11.76 -16.76 3.25
CA SER E 28 -11.70 -16.87 1.80
C SER E 28 -10.50 -16.11 1.23
N GLN E 29 -10.14 -14.98 1.83
CA GLN E 29 -8.98 -14.21 1.44
C GLN E 29 -8.08 -13.98 2.65
N SER E 30 -6.78 -13.86 2.38
CA SER E 30 -5.79 -13.59 3.43
C SER E 30 -6.19 -12.36 4.24
N VAL E 31 -5.99 -12.44 5.56
CA VAL E 31 -6.27 -11.34 6.46
C VAL E 31 -4.99 -10.82 7.10
N ASP E 32 -3.83 -11.16 6.55
CA ASP E 32 -2.57 -10.68 7.08
C ASP E 32 -2.27 -9.28 6.56
N SER E 33 -1.50 -8.53 7.36
CA SER E 33 -1.17 -7.15 7.05
C SER E 33 -0.21 -6.59 8.10
N ASP E 34 0.94 -6.10 7.65
CA ASP E 34 1.95 -5.48 8.53
C ASP E 34 2.46 -6.44 9.60
N GLY E 35 2.45 -7.74 9.33
CA GLY E 35 3.04 -8.72 10.22
C GLY E 35 2.11 -9.32 11.25
N ASP E 36 0.83 -9.01 11.20
CA ASP E 36 -0.17 -9.58 12.09
C ASP E 36 -1.26 -10.25 11.26
N SER E 37 -2.21 -10.88 11.95
CA SER E 37 -3.33 -11.56 11.31
C SER E 37 -4.58 -11.10 12.02
N TYR E 38 -5.43 -10.32 11.36
CA TYR E 38 -6.54 -9.66 12.05
C TYR E 38 -7.74 -10.60 12.10
N MET E 39 -7.63 -11.58 13.00
CA MET E 39 -8.64 -12.60 13.22
C MET E 39 -8.92 -12.72 14.71
N ASN E 40 -10.15 -12.41 15.11
CA ASN E 40 -10.53 -12.36 16.51
C ASN E 40 -11.50 -13.48 16.82
N TRP E 41 -11.42 -13.98 18.05
CA TRP E 41 -12.23 -15.10 18.51
C TRP E 41 -13.17 -14.64 19.60
N TYR E 42 -14.42 -15.13 19.56
CA TYR E 42 -15.42 -14.77 20.55
C TYR E 42 -16.06 -16.02 21.15
N GLN E 43 -16.42 -15.91 22.42
CA GLN E 43 -17.21 -16.91 23.13
C GLN E 43 -18.59 -16.34 23.42
N GLN E 44 -19.63 -17.13 23.21
CA GLN E 44 -21.01 -16.68 23.45
C GLN E 44 -21.80 -17.84 24.05
N LYS E 45 -22.21 -17.69 25.30
CA LYS E 45 -23.07 -18.64 26.00
C LYS E 45 -24.52 -18.33 25.70
N PRO E 46 -25.42 -19.31 25.82
CA PRO E 46 -26.80 -19.10 25.35
C PRO E 46 -27.48 -17.95 26.07
N GLY E 47 -28.23 -17.16 25.30
CA GLY E 47 -28.97 -16.04 25.84
C GLY E 47 -28.16 -14.81 26.18
N LYS E 48 -26.84 -14.94 26.28
CA LYS E 48 -25.98 -13.83 26.66
C LYS E 48 -25.19 -13.34 25.47
N ALA E 49 -24.51 -12.23 25.67
CA ALA E 49 -23.75 -11.55 24.63
C ALA E 49 -22.44 -12.29 24.36
N PRO E 50 -21.81 -12.00 23.24
CA PRO E 50 -20.45 -12.52 23.02
C PRO E 50 -19.46 -11.94 24.02
N LYS E 51 -18.30 -12.57 24.08
CA LYS E 51 -17.20 -12.15 24.92
C LYS E 51 -15.94 -12.27 24.10
N LEU E 52 -15.12 -11.23 24.09
CA LEU E 52 -13.90 -11.27 23.28
C LEU E 52 -12.84 -12.10 24.00
N LEU E 53 -12.36 -13.14 23.32
CA LEU E 53 -11.31 -14.01 23.86
C LEU E 53 -9.94 -13.62 23.36
N ILE E 54 -9.73 -13.66 22.04
CA ILE E 54 -8.44 -13.40 21.43
C ILE E 54 -8.62 -12.40 20.29
N TYR E 55 -7.70 -11.46 20.17
CA TYR E 55 -7.72 -10.50 19.08
C TYR E 55 -6.39 -10.55 18.33
N ALA E 56 -6.43 -10.21 17.04
CA ALA E 56 -5.26 -10.27 16.16
C ALA E 56 -4.63 -11.66 16.17
N ALA E 57 -5.48 -12.69 16.09
CA ALA E 57 -5.10 -14.09 15.84
C ALA E 57 -4.56 -14.82 17.07
N SER E 58 -3.78 -14.16 17.91
CA SER E 58 -3.06 -14.91 18.94
C SER E 58 -2.88 -14.16 20.26
N TYR E 59 -3.41 -12.96 20.44
CA TYR E 59 -3.21 -12.20 21.66
C TYR E 59 -4.40 -12.38 22.59
N LEU E 60 -4.10 -12.61 23.86
CA LEU E 60 -5.14 -12.88 24.85
C LEU E 60 -5.70 -11.56 25.38
N GLU E 61 -7.03 -11.42 25.32
CA GLU E 61 -7.65 -10.24 25.88
C GLU E 61 -7.49 -10.22 27.39
N SER E 62 -7.38 -9.03 27.97
CA SER E 62 -7.12 -8.89 29.39
C SER E 62 -8.13 -9.69 30.20
N GLY E 63 -7.62 -10.41 31.20
CA GLY E 63 -8.47 -11.18 32.09
C GLY E 63 -9.12 -12.38 31.45
N VAL E 64 -8.50 -12.97 30.43
CA VAL E 64 -9.04 -14.18 29.81
C VAL E 64 -8.12 -15.32 30.23
N PRO E 65 -8.66 -16.49 30.56
CA PRO E 65 -7.80 -17.57 31.05
C PRO E 65 -6.75 -18.00 30.04
N SER E 66 -5.61 -18.44 30.54
CA SER E 66 -4.48 -18.83 29.70
C SER E 66 -4.74 -20.10 28.90
N ARG E 67 -5.77 -20.89 29.25
CA ARG E 67 -6.08 -22.10 28.50
C ARG E 67 -6.63 -21.81 27.11
N PHE E 68 -7.02 -20.58 26.83
CA PHE E 68 -7.38 -20.16 25.48
C PHE E 68 -6.13 -19.66 24.77
N SER E 69 -5.79 -20.29 23.66
CA SER E 69 -4.70 -19.82 22.83
C SER E 69 -5.17 -19.83 21.39
N GLY E 70 -4.74 -18.84 20.63
CA GLY E 70 -5.09 -18.74 19.24
C GLY E 70 -3.83 -18.78 18.40
N SER E 71 -3.96 -19.36 17.21
CA SER E 71 -2.82 -19.50 16.30
C SER E 71 -3.36 -19.46 14.88
N GLY E 72 -2.42 -19.40 13.93
CA GLY E 72 -2.73 -19.38 12.52
C GLY E 72 -2.12 -18.20 11.83
N SER E 73 -2.33 -18.16 10.52
CA SER E 73 -1.76 -17.14 9.66
C SER E 73 -2.46 -17.24 8.31
N GLY E 74 -2.28 -16.22 7.48
CA GLY E 74 -2.84 -16.24 6.15
C GLY E 74 -4.34 -16.45 6.11
N THR E 75 -4.75 -17.66 5.75
CA THR E 75 -6.16 -17.98 5.65
C THR E 75 -6.61 -19.08 6.61
N ASP E 76 -5.71 -19.60 7.45
CA ASP E 76 -6.04 -20.69 8.35
C ASP E 76 -5.74 -20.26 9.79
N PHE E 77 -6.68 -20.51 10.69
CA PHE E 77 -6.57 -20.10 12.08
C PHE E 77 -7.19 -21.16 12.99
N THR E 78 -6.67 -21.22 14.21
CA THR E 78 -7.06 -22.27 15.15
C THR E 78 -7.14 -21.68 16.56
N LEU E 79 -8.33 -21.75 17.15
CA LEU E 79 -8.51 -21.52 18.57
C LEU E 79 -8.33 -22.84 19.31
N THR E 80 -7.55 -22.82 20.38
CA THR E 80 -7.26 -24.02 21.16
C THR E 80 -7.66 -23.78 22.61
N ILE E 81 -8.51 -24.64 23.13
CA ILE E 81 -8.80 -24.68 24.56
C ILE E 81 -8.04 -25.86 25.15
N SER E 82 -6.96 -25.58 25.88
CA SER E 82 -6.01 -26.63 26.28
C SER E 82 -6.65 -27.63 27.23
N SER E 83 -7.39 -27.15 28.22
CA SER E 83 -8.04 -28.01 29.21
C SER E 83 -9.46 -27.51 29.38
N LEU E 84 -10.41 -28.13 28.70
CA LEU E 84 -11.79 -27.67 28.72
C LEU E 84 -12.33 -27.66 30.14
N GLN E 85 -12.86 -26.50 30.55
CA GLN E 85 -13.47 -26.28 31.85
C GLN E 85 -14.99 -26.22 31.72
N PRO E 86 -15.73 -26.45 32.82
CA PRO E 86 -17.20 -26.48 32.70
C PRO E 86 -17.81 -25.18 32.20
N GLU E 87 -17.19 -24.03 32.48
CA GLU E 87 -17.72 -22.77 31.98
C GLU E 87 -17.20 -22.41 30.61
N ASP E 88 -16.61 -23.37 29.88
CA ASP E 88 -16.11 -23.13 28.54
C ASP E 88 -17.05 -23.63 27.45
N PHE E 89 -18.15 -24.28 27.83
CA PHE E 89 -19.09 -24.83 26.85
C PHE E 89 -19.97 -23.71 26.33
N ALA E 90 -19.85 -23.41 25.04
CA ALA E 90 -20.52 -22.29 24.40
C ALA E 90 -20.29 -22.39 22.91
N THR E 91 -20.91 -21.49 22.16
CA THR E 91 -20.63 -21.35 20.74
C THR E 91 -19.46 -20.39 20.57
N TYR E 92 -18.60 -20.68 19.59
CA TYR E 92 -17.38 -19.93 19.35
C TYR E 92 -17.38 -19.37 17.94
N TYR E 93 -17.09 -18.08 17.82
CA TYR E 93 -17.10 -17.40 16.53
C TYR E 93 -15.73 -16.80 16.26
N CYS E 94 -15.33 -16.82 14.98
CA CYS E 94 -14.20 -16.03 14.53
C CYS E 94 -14.70 -14.85 13.71
N GLN E 95 -13.85 -13.86 13.57
CA GLN E 95 -14.23 -12.62 12.90
C GLN E 95 -12.98 -11.92 12.43
N GLN E 96 -12.98 -11.46 11.18
CA GLN E 96 -11.85 -10.76 10.60
C GLN E 96 -12.04 -9.26 10.74
N SER E 97 -10.94 -8.55 11.01
CA SER E 97 -10.94 -7.10 11.14
C SER E 97 -10.00 -6.47 10.14
N HIS E 98 -9.86 -7.10 8.97
CA HIS E 98 -8.85 -6.74 7.99
C HIS E 98 -9.40 -5.88 6.87
N GLU E 99 -10.70 -5.97 6.59
CA GLU E 99 -11.29 -5.32 5.43
C GLU E 99 -12.77 -5.15 5.67
N ASP E 100 -13.30 -3.98 5.30
CA ASP E 100 -14.72 -3.72 5.48
C ASP E 100 -15.52 -4.38 4.38
N PRO E 101 -16.68 -4.95 4.72
CA PRO E 101 -17.20 -4.99 6.09
C PRO E 101 -16.58 -6.10 6.92
N TYR E 102 -16.64 -5.96 8.24
CA TYR E 102 -16.21 -7.04 9.12
C TYR E 102 -17.25 -8.17 9.07
N THR E 103 -16.75 -9.40 8.94
CA THR E 103 -17.60 -10.57 8.84
C THR E 103 -17.23 -11.58 9.92
N PHE E 104 -18.25 -12.32 10.36
CA PHE E 104 -18.09 -13.38 11.34
C PHE E 104 -18.18 -14.74 10.66
N GLY E 105 -17.75 -15.77 11.39
CA GLY E 105 -17.98 -17.13 10.99
C GLY E 105 -19.38 -17.59 11.37
N GLN E 106 -19.72 -18.80 10.93
CA GLN E 106 -21.06 -19.33 11.15
C GLN E 106 -21.25 -19.82 12.58
N GLY E 107 -20.18 -20.13 13.29
CA GLY E 107 -20.23 -20.59 14.66
C GLY E 107 -19.80 -22.05 14.82
N THR E 108 -19.37 -22.39 16.04
CA THR E 108 -18.94 -23.74 16.39
C THR E 108 -19.44 -24.03 17.80
N LYS E 109 -20.34 -24.99 17.94
CA LYS E 109 -20.88 -25.34 19.26
C LYS E 109 -19.95 -26.30 19.97
N VAL E 110 -19.75 -26.08 21.27
CA VAL E 110 -18.95 -26.96 22.11
C VAL E 110 -19.87 -27.44 23.22
N GLU E 111 -20.40 -28.64 23.07
CA GLU E 111 -21.34 -29.23 24.02
C GLU E 111 -20.63 -30.17 24.99
N ILE E 112 -21.33 -30.51 26.05
CA ILE E 112 -20.83 -31.48 27.01
C ILE E 112 -21.27 -32.88 26.58
N LYS E 113 -20.56 -33.89 27.08
CA LYS E 113 -20.77 -35.25 26.60
C LYS E 113 -22.14 -35.77 26.99
N GLY E 114 -22.47 -35.73 28.28
CA GLY E 114 -23.79 -36.15 28.73
C GLY E 114 -24.74 -35.00 29.06
N VAL F 38 -15.23 1.47 -37.66
CA VAL F 38 -14.31 1.06 -36.61
C VAL F 38 -13.35 2.19 -36.27
N SER F 39 -13.33 2.59 -35.00
CA SER F 39 -12.47 3.66 -34.51
C SER F 39 -11.42 3.10 -33.58
N ALA F 40 -10.41 3.92 -33.29
CA ALA F 40 -9.33 3.55 -32.38
C ALA F 40 -8.93 4.76 -31.55
N TYR F 41 -8.70 4.53 -30.26
CA TYR F 41 -8.35 5.59 -29.34
C TYR F 41 -7.21 5.14 -28.44
N LEU F 42 -6.27 6.03 -28.20
CA LEU F 42 -5.17 5.79 -27.28
C LEU F 42 -5.10 6.99 -26.34
N SER F 43 -5.02 6.71 -25.05
CA SER F 43 -5.06 7.74 -24.03
C SER F 43 -3.71 7.86 -23.34
N ARG F 44 -3.49 8.99 -22.72
CA ARG F 44 -2.31 9.23 -21.91
C ARG F 44 -2.62 8.88 -20.46
N PRO F 45 -1.60 8.67 -19.62
CA PRO F 45 -1.87 8.40 -18.22
C PRO F 45 -2.54 9.59 -17.54
N SER F 46 -3.47 9.29 -16.65
CA SER F 46 -4.05 10.35 -15.84
C SER F 46 -3.00 10.82 -14.84
N PRO F 47 -2.91 12.13 -14.58
CA PRO F 47 -1.92 12.62 -13.62
C PRO F 47 -1.99 11.96 -12.26
N PHE F 48 -3.15 11.49 -11.84
CA PHE F 48 -3.26 10.79 -10.56
C PHE F 48 -2.46 9.49 -10.59
N ASP F 49 -2.66 8.67 -11.63
CA ASP F 49 -1.86 7.46 -11.79
C ASP F 49 -0.38 7.80 -11.91
N LEU F 50 -0.06 8.86 -12.65
CA LEU F 50 1.32 9.17 -13.01
C LEU F 50 2.13 9.74 -11.85
N PHE F 51 1.51 10.52 -10.96
CA PHE F 51 2.25 11.22 -9.91
C PHE F 51 1.89 10.81 -8.49
N ILE F 52 0.66 10.35 -8.25
CA ILE F 52 0.29 10.00 -6.89
C ILE F 52 0.39 8.49 -6.70
N ARG F 53 -0.36 7.73 -7.51
CA ARG F 53 -0.26 6.28 -7.45
C ARG F 53 1.07 5.76 -7.95
N LYS F 54 1.86 6.60 -8.64
CA LYS F 54 3.12 6.20 -9.26
C LYS F 54 3.00 4.85 -9.98
N SER F 55 1.89 4.65 -10.67
CA SER F 55 1.68 3.46 -11.50
C SER F 55 0.95 3.87 -12.77
N PRO F 56 1.62 4.64 -13.63
CA PRO F 56 0.95 5.13 -14.85
C PRO F 56 0.52 3.99 -15.74
N THR F 57 -0.45 4.28 -16.60
CA THR F 57 -1.03 3.27 -17.46
C THR F 57 -1.75 3.96 -18.60
N ILE F 58 -1.56 3.43 -19.81
CA ILE F 58 -2.27 3.89 -21.01
C ILE F 58 -3.14 2.76 -21.53
N THR F 59 -4.33 3.11 -22.01
CA THR F 59 -5.28 2.14 -22.52
C THR F 59 -5.60 2.45 -23.98
N CYS F 60 -5.71 1.39 -24.78
CA CYS F 60 -5.99 1.49 -26.21
C CYS F 60 -7.39 0.95 -26.47
N LEU F 61 -8.25 1.81 -27.01
CA LEU F 61 -9.68 1.52 -27.15
C LEU F 61 -10.06 1.36 -28.62
N VAL F 62 -10.73 0.26 -28.93
CA VAL F 62 -11.24 0.00 -30.27
C VAL F 62 -12.73 -0.27 -30.15
N VAL F 63 -13.54 0.52 -30.87
CA VAL F 63 -14.96 0.24 -31.04
C VAL F 63 -15.12 -0.48 -32.38
N ASP F 64 -15.19 -1.82 -32.32
CA ASP F 64 -15.30 -2.63 -33.54
C ASP F 64 -16.77 -2.75 -33.93
N LEU F 65 -17.32 -1.62 -34.38
CA LEU F 65 -18.70 -1.60 -34.87
C LEU F 65 -18.89 -2.68 -35.93
N ALA F 66 -20.09 -3.26 -35.96
CA ALA F 66 -20.38 -4.44 -36.76
C ALA F 66 -19.33 -5.52 -36.52
N PRO F 67 -19.22 -6.04 -35.29
CA PRO F 67 -18.18 -7.02 -34.99
C PRO F 67 -18.30 -8.26 -35.89
N SER F 68 -17.14 -8.82 -36.21
CA SER F 68 -17.06 -9.96 -37.10
C SER F 68 -16.37 -11.11 -36.39
N LYS F 69 -16.28 -12.25 -37.09
CA LYS F 69 -15.72 -13.45 -36.47
C LYS F 69 -14.21 -13.35 -36.29
N GLY F 70 -13.53 -12.53 -37.10
CA GLY F 70 -12.09 -12.44 -37.00
C GLY F 70 -11.64 -11.87 -35.66
N THR F 71 -10.52 -12.36 -35.16
CA THR F 71 -10.00 -11.97 -33.86
C THR F 71 -9.16 -10.70 -33.99
N VAL F 72 -9.43 -9.72 -33.12
CA VAL F 72 -8.70 -8.47 -33.12
C VAL F 72 -7.36 -8.66 -32.41
N ASN F 73 -6.31 -8.06 -32.95
CA ASN F 73 -4.98 -8.09 -32.36
C ASN F 73 -4.56 -6.66 -32.01
N LEU F 74 -4.32 -6.41 -30.73
CA LEU F 74 -3.76 -5.13 -30.27
C LEU F 74 -2.35 -5.39 -29.77
N THR F 75 -1.36 -4.88 -30.50
CA THR F 75 0.05 -5.04 -30.16
C THR F 75 0.70 -3.68 -29.92
N TRP F 76 1.72 -3.65 -29.08
CA TRP F 76 2.35 -2.40 -28.64
C TRP F 76 3.77 -2.26 -29.16
N SER F 77 4.22 -1.01 -29.22
CA SER F 77 5.58 -0.67 -29.64
C SER F 77 5.99 0.63 -28.96
N ARG F 78 7.28 0.73 -28.69
CA ARG F 78 7.88 1.95 -28.14
C ARG F 78 8.79 2.57 -29.17
N ALA F 79 8.79 3.90 -29.22
CA ALA F 79 9.63 4.63 -30.16
C ALA F 79 11.10 4.27 -29.97
N SER F 80 11.52 4.04 -28.74
CA SER F 80 12.91 3.73 -28.44
C SER F 80 13.29 2.28 -28.73
N GLY F 81 12.32 1.43 -29.05
CA GLY F 81 12.60 0.04 -29.29
C GLY F 81 12.67 -0.84 -28.06
N LYS F 82 12.60 -0.26 -26.87
CA LYS F 82 12.64 -1.06 -25.65
C LYS F 82 11.37 -1.90 -25.55
N PRO F 83 11.42 -3.00 -24.79
CA PRO F 83 10.26 -3.90 -24.72
C PRO F 83 9.10 -3.26 -23.97
N VAL F 84 7.96 -3.93 -24.05
CA VAL F 84 6.71 -3.44 -23.48
C VAL F 84 6.19 -4.45 -22.47
N ASN F 85 5.70 -3.94 -21.35
CA ASN F 85 5.16 -4.80 -20.30
C ASN F 85 3.99 -5.62 -20.85
N HIS F 86 3.57 -6.60 -20.06
CA HIS F 86 2.40 -7.37 -20.46
C HIS F 86 1.13 -6.54 -20.30
N SER F 87 0.34 -6.48 -21.36
CA SER F 87 -0.85 -5.65 -21.41
C SER F 87 -2.09 -6.51 -21.22
N THR F 88 -2.97 -6.08 -20.32
CA THR F 88 -4.24 -6.76 -20.12
C THR F 88 -5.20 -6.44 -21.26
N ARG F 89 -6.04 -7.40 -21.61
CA ARG F 89 -6.98 -7.25 -22.71
C ARG F 89 -8.39 -7.54 -22.24
N LYS F 90 -9.33 -6.68 -22.61
CA LYS F 90 -10.72 -6.77 -22.20
C LYS F 90 -11.61 -6.63 -23.42
N GLU F 91 -12.67 -7.44 -23.48
CA GLU F 91 -13.63 -7.41 -24.57
C GLU F 91 -15.02 -7.18 -24.02
N GLU F 92 -15.86 -6.52 -24.83
CA GLU F 92 -17.16 -6.04 -24.36
C GLU F 92 -18.16 -6.09 -25.50
N LYS F 93 -19.36 -6.57 -25.21
CA LYS F 93 -20.46 -6.57 -26.18
C LYS F 93 -21.40 -5.42 -25.88
N GLN F 94 -21.74 -4.67 -26.92
CA GLN F 94 -22.57 -3.49 -26.79
C GLN F 94 -24.03 -3.80 -27.11
N ARG F 95 -24.91 -2.89 -26.72
CA ARG F 95 -26.33 -3.03 -26.99
C ARG F 95 -26.72 -2.49 -28.36
N ASN F 96 -25.94 -1.56 -28.92
CA ASN F 96 -26.16 -1.11 -30.29
C ASN F 96 -25.42 -1.98 -31.30
N GLY F 97 -25.17 -3.25 -30.95
CA GLY F 97 -24.65 -4.24 -31.85
C GLY F 97 -23.16 -4.27 -32.01
N THR F 98 -22.41 -3.41 -31.31
CA THR F 98 -21.01 -3.20 -31.60
C THR F 98 -20.12 -3.79 -30.49
N LEU F 99 -18.87 -3.34 -30.44
CA LEU F 99 -17.85 -4.00 -29.64
C LEU F 99 -16.96 -2.97 -28.95
N THR F 100 -16.34 -3.38 -27.85
CA THR F 100 -15.38 -2.56 -27.12
C THR F 100 -14.29 -3.52 -26.63
N VAL F 101 -13.16 -3.53 -27.32
CA VAL F 101 -12.03 -4.37 -26.98
C VAL F 101 -10.87 -3.44 -26.63
N THR F 102 -10.45 -3.47 -25.36
CA THR F 102 -9.44 -2.55 -24.87
C THR F 102 -8.22 -3.34 -24.37
N SER F 103 -7.06 -2.73 -24.54
CA SER F 103 -5.80 -3.28 -24.03
C SER F 103 -5.11 -2.18 -23.23
N THR F 104 -4.80 -2.47 -21.97
CA THR F 104 -4.23 -1.49 -21.05
C THR F 104 -2.77 -1.84 -20.83
N LEU F 105 -1.88 -0.88 -21.11
CA LEU F 105 -0.45 -1.08 -21.00
C LEU F 105 0.11 -0.27 -19.85
N PRO F 106 0.81 -0.88 -18.90
CA PRO F 106 1.53 -0.09 -17.89
C PRO F 106 2.83 0.46 -18.46
N VAL F 107 3.12 1.71 -18.12
CA VAL F 107 4.31 2.38 -18.61
C VAL F 107 5.14 2.84 -17.43
N GLY F 108 6.45 2.95 -17.64
CA GLY F 108 7.32 3.46 -16.60
C GLY F 108 7.00 4.92 -16.32
N THR F 109 7.11 5.30 -15.04
CA THR F 109 6.87 6.69 -14.69
C THR F 109 7.94 7.58 -15.29
N ARG F 110 9.21 7.23 -15.08
CA ARG F 110 10.30 8.04 -15.62
C ARG F 110 10.34 7.96 -17.14
N ASP F 111 9.87 6.85 -17.72
CA ASP F 111 9.83 6.75 -19.18
C ASP F 111 8.89 7.78 -19.77
N TRP F 112 7.74 8.00 -19.13
CA TRP F 112 6.76 8.90 -19.72
C TRP F 112 7.21 10.34 -19.59
N ILE F 113 7.86 10.70 -18.48
CA ILE F 113 8.26 12.09 -18.31
C ILE F 113 9.37 12.44 -19.30
N GLU F 114 10.28 11.50 -19.56
CA GLU F 114 11.41 11.77 -20.43
C GLU F 114 11.03 11.85 -21.91
N GLY F 115 9.75 11.75 -22.22
CA GLY F 115 9.27 11.96 -23.57
C GLY F 115 9.15 10.72 -24.44
N GLU F 116 8.97 9.55 -23.86
CA GLU F 116 8.81 8.35 -24.66
C GLU F 116 7.47 8.36 -25.39
N THR F 117 7.43 7.68 -26.53
CA THR F 117 6.24 7.56 -27.35
C THR F 117 5.81 6.10 -27.40
N TYR F 118 4.52 5.84 -27.19
CA TYR F 118 3.97 4.50 -27.22
C TYR F 118 2.94 4.41 -28.34
N GLN F 119 2.83 3.24 -28.95
CA GLN F 119 2.01 3.07 -30.14
C GLN F 119 1.24 1.75 -30.11
N CYS F 120 -0.06 1.82 -30.37
CA CYS F 120 -0.96 0.68 -30.38
C CYS F 120 -1.36 0.39 -31.82
N ARG F 121 -1.08 -0.84 -32.29
CA ARG F 121 -1.42 -1.25 -33.65
C ARG F 121 -2.53 -2.29 -33.60
N VAL F 122 -3.63 -2.00 -34.30
CA VAL F 122 -4.80 -2.87 -34.35
C VAL F 122 -4.83 -3.57 -35.70
N THR F 123 -4.47 -4.85 -35.72
CA THR F 123 -4.54 -5.68 -36.90
C THR F 123 -5.71 -6.64 -36.78
N HIS F 124 -6.41 -6.88 -37.88
CA HIS F 124 -7.56 -7.77 -37.88
C HIS F 124 -7.75 -8.34 -39.28
N PRO F 125 -8.13 -9.61 -39.40
CA PRO F 125 -8.25 -10.21 -40.72
C PRO F 125 -9.32 -9.56 -41.59
N HIS F 126 -10.34 -8.97 -40.98
CA HIS F 126 -11.36 -8.25 -41.73
C HIS F 126 -10.94 -6.82 -42.06
N LEU F 127 -9.67 -6.48 -41.85
CA LEU F 127 -9.14 -5.15 -42.14
C LEU F 127 -7.90 -5.27 -43.01
N PRO F 128 -7.95 -4.90 -44.29
CA PRO F 128 -6.74 -4.96 -45.12
C PRO F 128 -5.67 -3.99 -44.69
N ARG F 129 -6.06 -2.89 -44.05
CA ARG F 129 -5.14 -1.90 -43.52
C ARG F 129 -5.25 -1.89 -42.00
N ALA F 130 -4.11 -1.69 -41.34
CA ALA F 130 -4.05 -1.66 -39.89
C ALA F 130 -4.23 -0.24 -39.37
N LEU F 131 -4.85 -0.13 -38.20
CA LEU F 131 -4.98 1.13 -37.50
C LEU F 131 -3.79 1.36 -36.57
N MET F 132 -3.51 2.63 -36.28
CA MET F 132 -2.43 2.95 -35.35
C MET F 132 -2.68 4.32 -34.74
N ARG F 133 -2.70 4.38 -33.41
CA ARG F 133 -2.66 5.64 -32.68
C ARG F 133 -1.38 5.67 -31.87
N SER F 134 -0.88 6.87 -31.60
CA SER F 134 0.35 7.01 -30.84
C SER F 134 0.17 8.09 -29.78
N THR F 135 0.62 7.81 -28.57
CA THR F 135 0.52 8.77 -27.48
C THR F 135 1.90 9.10 -26.92
N THR F 136 2.02 10.32 -26.39
CA THR F 136 3.26 10.77 -25.77
C THR F 136 2.95 11.99 -24.92
N LYS F 137 3.90 12.32 -24.06
CA LYS F 137 3.86 13.57 -23.31
C LYS F 137 3.59 14.74 -24.25
N THR F 138 2.71 15.65 -23.82
CA THR F 138 2.27 16.73 -24.68
C THR F 138 3.34 17.80 -24.81
N SER F 139 3.51 18.32 -26.04
CA SER F 139 4.67 19.12 -26.41
C SER F 139 4.59 20.58 -25.98
N GLY F 140 3.46 21.04 -25.43
CA GLY F 140 3.31 22.42 -25.08
C GLY F 140 4.19 22.81 -23.89
N PRO F 141 4.11 24.10 -23.53
CA PRO F 141 4.76 24.56 -22.29
C PRO F 141 3.96 24.11 -21.07
N ARG F 142 4.58 24.30 -19.91
CA ARG F 142 4.06 23.80 -18.64
C ARG F 142 3.70 24.95 -17.73
N ALA F 143 2.46 24.96 -17.22
CA ALA F 143 1.98 26.03 -16.34
C ALA F 143 1.25 25.45 -15.15
N ALA F 144 1.58 25.94 -13.95
CA ALA F 144 0.97 25.41 -12.75
C ALA F 144 -0.48 25.88 -12.64
N PRO F 145 -1.34 25.09 -11.99
CA PRO F 145 -2.75 25.47 -11.84
C PRO F 145 -3.06 26.28 -10.59
N GLU F 146 -4.10 27.10 -10.72
CA GLU F 146 -4.66 27.88 -9.62
C GLU F 146 -5.92 27.19 -9.11
N VAL F 147 -6.09 27.14 -7.79
CA VAL F 147 -7.17 26.39 -7.16
C VAL F 147 -7.97 27.31 -6.25
N TYR F 148 -9.30 27.30 -6.41
CA TYR F 148 -10.22 28.07 -5.58
C TYR F 148 -11.40 27.17 -5.23
N ALA F 149 -11.95 27.36 -4.04
CA ALA F 149 -13.02 26.49 -3.55
C ALA F 149 -14.12 27.32 -2.91
N PHE F 150 -15.37 26.93 -3.16
CA PHE F 150 -16.52 27.69 -2.73
C PHE F 150 -17.59 26.76 -2.19
N ALA F 151 -18.60 27.34 -1.53
CA ALA F 151 -19.71 26.60 -0.98
C ALA F 151 -21.00 27.37 -1.24
N THR F 152 -22.02 26.68 -1.74
CA THR F 152 -23.31 27.31 -1.92
C THR F 152 -23.97 27.50 -0.55
N PRO F 153 -24.76 28.55 -0.39
CA PRO F 153 -25.55 28.68 0.85
C PRO F 153 -26.76 27.77 0.84
N GLU F 154 -27.74 28.06 1.69
CA GLU F 154 -28.92 27.23 1.78
C GLU F 154 -29.95 27.67 0.74
N TRP F 155 -30.38 26.77 -0.04
CA TRP F 155 -31.56 26.91 -0.86
C TRP F 155 -32.77 26.32 -0.12
N PRO F 156 -33.93 26.95 -0.22
CA PRO F 156 -35.13 26.41 0.44
C PRO F 156 -35.36 24.95 0.07
N GLY F 157 -35.64 24.14 1.08
CA GLY F 157 -35.80 22.70 0.89
C GLY F 157 -34.53 21.90 1.08
N SER F 158 -33.43 22.35 0.48
CA SER F 158 -32.15 21.66 0.61
C SER F 158 -31.44 22.07 1.89
N ARG F 159 -32.15 22.02 3.02
CA ARG F 159 -31.55 22.43 4.28
C ARG F 159 -30.39 21.53 4.67
N ASP F 160 -30.48 20.24 4.36
CA ASP F 160 -29.47 19.26 4.74
C ASP F 160 -28.60 18.84 3.55
N LYS F 161 -28.42 19.74 2.59
CA LYS F 161 -27.63 19.42 1.41
C LYS F 161 -26.96 20.71 0.95
N ARG F 162 -25.65 20.66 0.76
CA ARG F 162 -24.92 21.77 0.19
C ARG F 162 -24.13 21.29 -1.01
N THR F 163 -24.02 22.16 -2.01
CA THR F 163 -23.18 21.91 -3.18
C THR F 163 -21.87 22.63 -2.98
N LEU F 164 -20.76 21.89 -3.12
CA LEU F 164 -19.43 22.46 -3.07
C LEU F 164 -18.84 22.49 -4.47
N ALA F 165 -18.14 23.57 -4.79
CA ALA F 165 -17.60 23.78 -6.13
C ALA F 165 -16.16 24.21 -6.05
N CYS F 166 -15.39 23.87 -7.08
CA CYS F 166 -13.96 24.12 -7.09
C CYS F 166 -13.52 24.57 -8.47
N LEU F 167 -12.79 25.67 -8.54
CA LEU F 167 -12.29 26.20 -9.81
C LEU F 167 -10.80 25.92 -9.90
N ILE F 168 -10.37 25.44 -11.07
CA ILE F 168 -8.97 25.12 -11.33
C ILE F 168 -8.66 25.64 -12.71
N GLN F 169 -7.80 26.66 -12.80
CA GLN F 169 -7.65 27.38 -14.06
C GLN F 169 -6.19 27.73 -14.31
N ASN F 170 -5.90 27.98 -15.60
CA ASN F 170 -4.63 28.54 -16.08
C ASN F 170 -3.48 27.54 -15.97
N PHE F 171 -3.73 26.29 -16.34
CA PHE F 171 -2.70 25.27 -16.31
C PHE F 171 -2.43 24.75 -17.70
N MET F 172 -1.20 24.32 -17.94
CA MET F 172 -0.78 23.74 -19.21
C MET F 172 0.18 22.59 -18.96
N PRO F 173 -0.03 21.44 -19.64
CA PRO F 173 -1.09 21.17 -20.61
C PRO F 173 -2.42 20.82 -19.96
N GLU F 174 -3.35 20.30 -20.75
CA GLU F 174 -4.72 20.14 -20.28
C GLU F 174 -4.89 18.99 -19.29
N ASP F 175 -3.99 18.01 -19.29
CA ASP F 175 -4.12 16.86 -18.40
C ASP F 175 -4.19 17.29 -16.95
N ILE F 176 -5.20 16.81 -16.23
CA ILE F 176 -5.34 17.12 -14.81
C ILE F 176 -6.23 16.06 -14.17
N SER F 177 -6.03 15.84 -12.88
CA SER F 177 -6.87 14.96 -12.07
C SER F 177 -7.27 15.70 -10.81
N VAL F 178 -8.48 15.45 -10.33
CA VAL F 178 -9.05 16.20 -9.22
C VAL F 178 -9.53 15.24 -8.14
N GLN F 179 -9.08 15.47 -6.91
CA GLN F 179 -9.47 14.69 -5.75
C GLN F 179 -10.28 15.54 -4.79
N TRP F 180 -11.27 14.93 -4.16
CA TRP F 180 -11.99 15.53 -3.04
C TRP F 180 -11.74 14.68 -1.80
N LEU F 181 -11.06 15.26 -0.83
CA LEU F 181 -10.76 14.57 0.44
C LEU F 181 -11.58 15.21 1.55
N HIS F 182 -12.19 14.37 2.37
CA HIS F 182 -12.93 14.82 3.54
C HIS F 182 -12.46 14.02 4.74
N ASN F 183 -12.14 14.71 5.83
CA ASN F 183 -11.55 14.09 7.00
C ASN F 183 -10.26 13.36 6.63
N GLU F 184 -9.47 14.00 5.76
CA GLU F 184 -8.16 13.52 5.38
C GLU F 184 -8.20 12.14 4.71
N VAL F 185 -9.37 11.76 4.19
CA VAL F 185 -9.55 10.56 3.40
C VAL F 185 -10.13 10.96 2.06
N GLN F 186 -9.56 10.43 0.97
CA GLN F 186 -10.07 10.73 -0.35
C GLN F 186 -11.44 10.09 -0.54
N LEU F 187 -12.41 10.90 -0.93
CA LEU F 187 -13.76 10.41 -1.19
C LEU F 187 -13.79 9.62 -2.50
N PRO F 188 -14.77 8.75 -2.68
CA PRO F 188 -14.86 8.00 -3.94
C PRO F 188 -15.03 8.94 -5.12
N ASP F 189 -14.60 8.46 -6.30
CA ASP F 189 -14.60 9.31 -7.48
C ASP F 189 -16.00 9.59 -7.99
N ALA F 190 -16.98 8.76 -7.66
CA ALA F 190 -18.34 8.97 -8.11
C ALA F 190 -19.06 10.10 -7.38
N ARG F 191 -18.42 10.71 -6.40
CA ARG F 191 -19.07 11.75 -5.61
C ARG F 191 -19.04 13.12 -6.28
N HIS F 192 -18.23 13.31 -7.32
CA HIS F 192 -18.08 14.62 -7.92
C HIS F 192 -18.12 14.52 -9.44
N SER F 193 -18.34 15.68 -10.07
CA SER F 193 -18.32 15.85 -11.51
C SER F 193 -17.27 16.90 -11.85
N THR F 194 -16.38 16.57 -12.79
CA THR F 194 -15.40 17.52 -13.29
C THR F 194 -15.65 17.76 -14.77
N THR F 195 -15.61 19.01 -15.18
CA THR F 195 -15.85 19.35 -16.57
C THR F 195 -14.62 19.06 -17.41
N GLN F 196 -14.86 18.84 -18.69
CA GLN F 196 -13.80 18.77 -19.67
C GLN F 196 -12.99 20.06 -19.62
N PRO F 197 -11.66 19.99 -19.72
CA PRO F 197 -10.85 21.21 -19.79
C PRO F 197 -11.27 22.06 -20.98
N ARG F 198 -11.35 23.37 -20.76
CA ARG F 198 -11.68 24.32 -21.80
C ARG F 198 -10.62 25.42 -21.80
N LYS F 199 -10.40 26.02 -22.97
CA LYS F 199 -9.38 27.04 -23.11
C LYS F 199 -9.84 28.35 -22.49
N THR F 200 -9.00 28.92 -21.63
CA THR F 200 -9.24 30.26 -21.12
C THR F 200 -9.00 31.27 -22.24
N LYS F 201 -9.20 32.55 -21.93
CA LYS F 201 -8.91 33.59 -22.90
C LYS F 201 -7.42 33.65 -23.20
N GLY F 202 -6.59 33.53 -22.16
CA GLY F 202 -5.16 33.45 -22.35
C GLY F 202 -4.75 32.13 -22.97
N SER F 203 -3.63 31.57 -22.53
CA SER F 203 -3.15 30.32 -23.08
C SER F 203 -3.54 29.10 -22.25
N GLY F 204 -3.92 29.29 -20.98
CA GLY F 204 -4.19 28.15 -20.11
C GLY F 204 -5.58 27.55 -20.27
N PHE F 205 -5.78 26.44 -19.56
CA PHE F 205 -7.05 25.72 -19.53
C PHE F 205 -7.70 25.89 -18.16
N PHE F 206 -8.96 25.46 -18.06
CA PHE F 206 -9.66 25.49 -16.78
C PHE F 206 -10.67 24.35 -16.72
N VAL F 207 -10.94 23.89 -15.50
CA VAL F 207 -11.97 22.89 -15.24
C VAL F 207 -12.74 23.30 -13.99
N PHE F 208 -13.99 22.84 -13.90
CA PHE F 208 -14.80 22.99 -12.71
C PHE F 208 -15.09 21.62 -12.11
N SER F 209 -15.20 21.57 -10.79
CA SER F 209 -15.52 20.33 -10.09
C SER F 209 -16.61 20.62 -9.07
N ARG F 210 -17.63 19.75 -9.04
CA ARG F 210 -18.81 19.96 -8.22
C ARG F 210 -19.04 18.75 -7.33
N LEU F 211 -19.26 19.00 -6.04
CA LEU F 211 -19.40 17.94 -5.04
C LEU F 211 -20.53 18.28 -4.09
N GLU F 212 -21.56 17.42 -4.04
CA GLU F 212 -22.62 17.61 -3.07
C GLU F 212 -22.25 16.97 -1.73
N VAL F 213 -22.61 17.64 -0.64
CA VAL F 213 -22.30 17.16 0.70
C VAL F 213 -23.58 17.17 1.54
N THR F 214 -23.63 16.26 2.51
CA THR F 214 -24.77 16.12 3.39
C THR F 214 -24.50 16.78 4.73
N ARG F 215 -25.58 17.08 5.45
CA ARG F 215 -25.46 17.77 6.73
C ARG F 215 -24.61 16.97 7.71
N ALA F 216 -24.82 15.65 7.77
CA ALA F 216 -24.04 14.81 8.68
C ALA F 216 -22.56 14.80 8.34
N GLU F 217 -22.18 15.23 7.14
CA GLU F 217 -20.77 15.28 6.75
C GLU F 217 -20.09 16.55 7.22
N TRP F 218 -20.71 17.72 7.00
CA TRP F 218 -20.08 18.96 7.46
C TRP F 218 -20.36 19.24 8.94
N GLU F 219 -21.31 18.53 9.55
CA GLU F 219 -21.55 18.73 10.98
C GLU F 219 -20.49 18.03 11.84
N GLN F 220 -20.09 16.81 11.45
CA GLN F 220 -19.01 16.15 12.18
C GLN F 220 -17.69 16.88 11.99
N LYS F 221 -17.47 17.45 10.81
CA LYS F 221 -16.26 18.21 10.52
C LYS F 221 -16.52 19.04 9.28
N ASP F 222 -16.27 20.35 9.39
CA ASP F 222 -16.57 21.27 8.31
C ASP F 222 -15.30 21.73 7.61
N GLU F 223 -14.61 20.79 6.97
CA GLU F 223 -13.47 21.11 6.12
C GLU F 223 -13.44 20.11 4.97
N PHE F 224 -13.34 20.61 3.75
CA PHE F 224 -13.28 19.80 2.54
C PHE F 224 -12.15 20.31 1.66
N ILE F 225 -11.37 19.38 1.12
CA ILE F 225 -10.18 19.71 0.36
C ILE F 225 -10.43 19.36 -1.10
N CYS F 226 -10.27 20.35 -1.97
CA CYS F 226 -10.20 20.12 -3.40
C CYS F 226 -8.73 20.07 -3.77
N ARG F 227 -8.29 18.94 -4.32
CA ARG F 227 -6.88 18.76 -4.67
C ARG F 227 -6.75 18.55 -6.16
N ALA F 228 -5.78 19.22 -6.76
CA ALA F 228 -5.50 19.09 -8.19
C ALA F 228 -4.13 18.49 -8.40
N VAL F 229 -4.03 17.58 -9.35
CA VAL F 229 -2.77 16.91 -9.69
C VAL F 229 -2.39 17.34 -11.11
N HIS F 230 -1.20 17.89 -11.26
CA HIS F 230 -0.75 18.42 -12.54
C HIS F 230 0.76 18.35 -12.62
N GLU F 231 1.28 18.07 -13.82
CA GLU F 231 2.71 17.84 -13.98
C GLU F 231 3.57 19.09 -13.76
N ALA F 232 2.97 20.27 -13.77
CA ALA F 232 3.71 21.50 -13.50
C ALA F 232 3.47 22.05 -12.11
N ALA F 233 2.56 21.45 -11.35
CA ALA F 233 2.34 21.89 -9.98
C ALA F 233 3.60 21.67 -9.17
N SER F 234 4.12 22.73 -8.58
CA SER F 234 5.41 22.65 -7.92
C SER F 234 5.36 23.11 -6.47
N PRO F 235 5.85 22.26 -5.55
CA PRO F 235 6.34 20.92 -5.90
C PRO F 235 5.26 19.86 -5.67
N SER F 236 5.66 18.60 -5.62
CA SER F 236 4.79 17.48 -5.24
C SER F 236 3.64 17.26 -6.23
N GLN F 237 3.62 18.04 -7.31
CA GLN F 237 2.60 17.93 -8.36
C GLN F 237 1.19 18.06 -7.80
N THR F 238 1.03 18.74 -6.66
CA THR F 238 -0.23 18.77 -5.95
C THR F 238 -0.49 20.18 -5.45
N VAL F 239 -1.63 20.74 -5.84
CA VAL F 239 -2.15 21.99 -5.30
C VAL F 239 -3.52 21.71 -4.73
N GLN F 240 -3.80 22.26 -3.55
CA GLN F 240 -5.06 22.01 -2.86
C GLN F 240 -5.53 23.26 -2.14
N ARG F 241 -6.84 23.37 -1.95
CA ARG F 241 -7.44 24.44 -1.18
C ARG F 241 -8.58 23.87 -0.33
N ALA F 242 -8.81 24.50 0.81
CA ALA F 242 -9.86 24.11 1.74
C ALA F 242 -11.12 24.91 1.51
N VAL F 243 -12.25 24.36 1.98
CA VAL F 243 -13.53 25.05 1.93
C VAL F 243 -14.37 24.56 3.10
N SER F 244 -15.15 25.46 3.67
CA SER F 244 -16.07 25.14 4.75
C SER F 244 -17.46 25.61 4.35
N VAL F 245 -18.46 25.14 5.09
CA VAL F 245 -19.84 25.57 4.85
C VAL F 245 -20.23 26.76 5.73
N ASN F 246 -19.43 27.10 6.73
CA ASN F 246 -19.68 28.26 7.58
C ASN F 246 -18.53 29.26 7.51
N VAL G 38 -23.31 11.51 -46.09
CA VAL G 38 -23.73 12.86 -45.74
C VAL G 38 -24.48 12.83 -44.41
N SER G 39 -24.35 13.91 -43.65
CA SER G 39 -25.01 14.04 -42.36
C SER G 39 -25.81 15.34 -42.36
N ALA G 40 -26.78 15.40 -41.45
CA ALA G 40 -27.65 16.57 -41.32
C ALA G 40 -27.95 16.82 -39.85
N TYR G 41 -27.93 18.08 -39.45
CA TYR G 41 -28.13 18.48 -38.07
C TYR G 41 -29.27 19.46 -37.98
N LEU G 42 -30.20 19.20 -37.05
CA LEU G 42 -31.35 20.07 -36.81
C LEU G 42 -31.36 20.44 -35.33
N SER G 43 -31.09 21.69 -35.05
CA SER G 43 -30.88 22.16 -33.70
C SER G 43 -32.18 22.63 -33.05
N ARG G 44 -32.09 22.96 -31.78
CA ARG G 44 -33.17 23.61 -31.05
C ARG G 44 -32.75 25.04 -30.71
N PRO G 45 -33.71 25.95 -30.56
CA PRO G 45 -33.35 27.33 -30.23
C PRO G 45 -33.02 27.49 -28.75
N SER G 46 -31.95 28.24 -28.48
CA SER G 46 -31.54 28.45 -27.11
C SER G 46 -32.61 29.21 -26.32
N PRO G 47 -32.69 28.98 -25.01
CA PRO G 47 -33.65 29.74 -24.20
C PRO G 47 -33.45 31.24 -24.31
N PHE G 48 -32.24 31.69 -24.62
CA PHE G 48 -32.02 33.12 -24.83
C PHE G 48 -32.80 33.62 -26.03
N ASP G 49 -32.77 32.87 -27.14
CA ASP G 49 -33.59 33.23 -28.29
C ASP G 49 -35.07 33.13 -27.97
N LEU G 50 -35.44 32.17 -27.13
CA LEU G 50 -36.85 31.94 -26.84
C LEU G 50 -37.44 33.09 -26.03
N PHE G 51 -36.85 33.40 -24.89
CA PHE G 51 -37.51 34.23 -23.88
C PHE G 51 -36.86 35.57 -23.64
N ILE G 52 -35.79 35.92 -24.35
CA ILE G 52 -35.18 37.23 -24.17
C ILE G 52 -35.13 37.97 -25.49
N ARG G 53 -34.48 37.37 -26.49
CA ARG G 53 -34.50 37.94 -27.83
C ARG G 53 -35.87 37.85 -28.47
N LYS G 54 -36.72 36.95 -27.98
CA LYS G 54 -38.09 36.77 -28.43
C LYS G 54 -38.20 36.50 -29.94
N SER G 55 -37.11 36.09 -30.58
CA SER G 55 -37.11 35.78 -32.01
C SER G 55 -36.31 34.51 -32.24
N PRO G 56 -36.87 33.35 -31.92
CA PRO G 56 -36.14 32.09 -32.07
C PRO G 56 -36.00 31.68 -33.53
N THR G 57 -34.97 30.86 -33.77
CA THR G 57 -34.69 30.29 -35.07
C THR G 57 -34.16 28.88 -34.90
N ILE G 58 -34.34 28.07 -35.95
CA ILE G 58 -33.76 26.74 -36.05
C ILE G 58 -33.04 26.63 -37.38
N THR G 59 -31.89 25.95 -37.38
CA THR G 59 -31.08 25.78 -38.57
C THR G 59 -30.91 24.31 -38.86
N CYS G 60 -31.13 23.94 -40.13
CA CYS G 60 -30.91 22.58 -40.60
C CYS G 60 -29.61 22.60 -41.41
N LEU G 61 -28.55 22.07 -40.82
CA LEU G 61 -27.22 22.11 -41.43
C LEU G 61 -26.95 20.80 -42.17
N VAL G 62 -26.67 20.90 -43.46
CA VAL G 62 -26.39 19.76 -44.31
C VAL G 62 -24.89 19.75 -44.58
N VAL G 63 -24.16 18.84 -43.94
CA VAL G 63 -22.72 18.68 -44.16
C VAL G 63 -22.51 17.51 -45.13
N ASP G 64 -21.93 17.82 -46.28
CA ASP G 64 -21.87 16.88 -47.39
C ASP G 64 -20.65 15.97 -47.27
N LEU G 65 -20.85 14.68 -47.55
CA LEU G 65 -19.74 13.74 -47.64
C LEU G 65 -18.70 14.25 -48.65
N ALA G 66 -19.09 14.33 -49.92
CA ALA G 66 -18.29 14.83 -51.02
C ALA G 66 -19.24 15.46 -52.01
N PRO G 67 -18.83 16.55 -52.68
CA PRO G 67 -19.77 17.28 -53.54
C PRO G 67 -20.31 16.41 -54.66
N SER G 68 -21.49 16.78 -55.15
CA SER G 68 -22.14 16.06 -56.24
C SER G 68 -22.71 17.07 -57.21
N LYS G 69 -23.18 16.57 -58.36
CA LYS G 69 -23.79 17.42 -59.35
C LYS G 69 -25.24 17.73 -58.99
N GLY G 70 -25.77 18.78 -59.60
CA GLY G 70 -27.13 19.19 -59.34
C GLY G 70 -27.30 19.90 -58.01
N THR G 71 -28.40 20.65 -57.91
CA THR G 71 -28.73 21.40 -56.72
C THR G 71 -29.59 20.56 -55.78
N VAL G 72 -29.25 20.54 -54.51
CA VAL G 72 -30.04 19.83 -53.50
C VAL G 72 -31.06 20.81 -52.92
N ASN G 73 -32.26 20.33 -52.69
CA ASN G 73 -33.31 21.15 -52.12
C ASN G 73 -33.50 20.79 -50.65
N LEU G 74 -34.11 21.72 -49.91
CA LEU G 74 -34.24 21.59 -48.46
C LEU G 74 -35.66 22.00 -48.09
N THR G 75 -36.48 21.04 -47.70
CA THR G 75 -37.90 21.25 -47.47
C THR G 75 -38.17 21.30 -45.97
N TRP G 76 -39.13 22.15 -45.58
CA TRP G 76 -39.56 22.27 -44.19
C TRP G 76 -41.02 21.84 -44.06
N SER G 77 -41.37 21.40 -42.87
CA SER G 77 -42.73 20.96 -42.57
C SER G 77 -42.93 21.00 -41.07
N ARG G 78 -44.17 21.26 -40.65
CA ARG G 78 -44.53 21.35 -39.24
C ARG G 78 -45.53 20.26 -38.89
N ALA G 79 -45.43 19.75 -37.66
CA ALA G 79 -46.28 18.65 -37.22
C ALA G 79 -47.75 19.01 -37.29
N SER G 80 -48.09 20.28 -37.11
CA SER G 80 -49.48 20.72 -37.07
C SER G 80 -50.07 20.96 -38.45
N GLY G 81 -49.24 21.20 -39.46
CA GLY G 81 -49.70 21.57 -40.79
C GLY G 81 -49.58 23.03 -41.10
N LYS G 82 -49.47 23.88 -40.09
CA LYS G 82 -49.36 25.32 -40.29
C LYS G 82 -48.15 25.63 -41.16
N PRO G 83 -48.12 26.81 -41.77
CA PRO G 83 -47.08 27.08 -42.78
C PRO G 83 -45.72 27.29 -42.14
N VAL G 84 -44.70 27.12 -42.97
CA VAL G 84 -43.31 27.31 -42.59
C VAL G 84 -42.87 28.69 -43.05
N ASN G 85 -42.23 29.44 -42.16
CA ASN G 85 -41.90 30.82 -42.44
C ASN G 85 -40.76 30.88 -43.48
N HIS G 86 -40.31 32.10 -43.75
CA HIS G 86 -39.28 32.31 -44.76
C HIS G 86 -37.96 31.67 -44.33
N SER G 87 -37.41 30.81 -45.18
CA SER G 87 -36.17 30.10 -44.90
C SER G 87 -35.05 30.63 -45.78
N THR G 88 -33.84 30.67 -45.21
CA THR G 88 -32.68 31.28 -45.85
C THR G 88 -31.62 30.23 -46.15
N ARG G 89 -31.20 30.16 -47.42
CA ARG G 89 -30.13 29.26 -47.82
C ARG G 89 -28.78 29.97 -47.77
N LYS G 90 -27.74 29.23 -47.35
CA LYS G 90 -26.36 29.71 -47.38
C LYS G 90 -25.45 28.52 -47.60
N GLU G 91 -24.68 28.53 -48.69
CA GLU G 91 -23.83 27.43 -49.09
C GLU G 91 -22.37 27.85 -48.98
N GLU G 92 -21.56 27.02 -48.30
CA GLU G 92 -20.18 27.35 -47.97
C GLU G 92 -19.27 26.23 -48.45
N LYS G 93 -18.30 26.57 -49.28
CA LYS G 93 -17.30 25.61 -49.73
C LYS G 93 -16.28 25.34 -48.63
N GLN G 94 -15.64 24.18 -48.71
CA GLN G 94 -14.66 23.78 -47.70
C GLN G 94 -13.45 23.13 -48.37
N ARG G 95 -12.28 23.32 -47.74
CA ARG G 95 -11.03 22.77 -48.28
C ARG G 95 -11.00 21.24 -48.24
N ASN G 96 -11.54 20.63 -47.16
CA ASN G 96 -11.64 19.17 -47.08
C ASN G 96 -12.51 18.60 -48.19
N GLY G 97 -13.16 19.41 -49.03
CA GLY G 97 -14.12 18.91 -50.02
C GLY G 97 -15.59 18.91 -49.59
N THR G 98 -15.84 18.91 -48.29
CA THR G 98 -17.20 18.93 -47.81
C THR G 98 -17.87 20.22 -48.29
N LEU G 99 -19.18 20.14 -48.51
CA LEU G 99 -20.01 21.29 -48.83
C LEU G 99 -21.10 21.38 -47.78
N THR G 100 -21.35 22.57 -47.27
CA THR G 100 -22.40 22.78 -46.28
C THR G 100 -23.47 23.67 -46.86
N VAL G 101 -24.71 23.16 -46.85
CA VAL G 101 -25.91 23.95 -47.13
C VAL G 101 -26.63 24.15 -45.81
N THR G 102 -26.95 25.41 -45.50
CA THR G 102 -27.59 25.79 -44.25
C THR G 102 -28.89 26.50 -44.54
N SER G 103 -29.95 26.09 -43.84
CA SER G 103 -31.24 26.75 -43.92
C SER G 103 -31.69 27.06 -42.49
N THR G 104 -31.85 28.35 -42.21
CA THR G 104 -32.37 28.81 -40.93
C THR G 104 -33.83 29.21 -41.12
N LEU G 105 -34.69 28.75 -40.20
CA LEU G 105 -36.12 28.97 -40.25
C LEU G 105 -36.59 29.62 -38.96
N PRO G 106 -37.29 30.75 -39.03
CA PRO G 106 -37.79 31.39 -37.81
C PRO G 106 -39.05 30.70 -37.31
N VAL G 107 -39.12 30.55 -35.99
CA VAL G 107 -40.24 29.87 -35.34
C VAL G 107 -40.80 30.80 -34.29
N GLY G 108 -41.98 30.44 -33.77
CA GLY G 108 -42.66 31.24 -32.77
C GLY G 108 -42.44 30.67 -31.39
N THR G 109 -42.04 31.55 -30.47
CA THR G 109 -41.79 31.11 -29.09
C THR G 109 -43.00 30.42 -28.51
N ARG G 110 -44.18 31.00 -28.70
CA ARG G 110 -45.40 30.32 -28.26
C ARG G 110 -45.52 28.95 -28.92
N ASP G 111 -45.24 28.88 -30.24
CA ASP G 111 -45.39 27.61 -30.95
C ASP G 111 -44.43 26.56 -30.40
N TRP G 112 -43.22 26.97 -30.03
CA TRP G 112 -42.25 26.03 -29.50
C TRP G 112 -42.72 25.44 -28.18
N ILE G 113 -43.12 26.31 -27.24
CA ILE G 113 -43.53 25.86 -25.91
C ILE G 113 -44.71 24.89 -26.00
N GLU G 114 -45.63 25.13 -26.92
CA GLU G 114 -46.86 24.35 -26.93
C GLU G 114 -46.71 23.03 -27.69
N GLY G 115 -45.49 22.55 -27.88
CA GLY G 115 -45.26 21.19 -28.35
C GLY G 115 -45.12 21.02 -29.83
N GLU G 116 -44.82 22.07 -30.57
CA GLU G 116 -44.71 21.96 -32.03
C GLU G 116 -43.45 21.19 -32.41
N THR G 117 -43.56 20.38 -33.45
CA THR G 117 -42.43 19.64 -33.99
C THR G 117 -42.16 20.11 -35.41
N TYR G 118 -40.92 20.51 -35.68
CA TYR G 118 -40.48 20.93 -37.00
C TYR G 118 -39.64 19.84 -37.65
N GLN G 119 -39.58 19.86 -38.96
CA GLN G 119 -38.93 18.78 -39.69
C GLN G 119 -38.25 19.31 -40.94
N CYS G 120 -37.08 18.75 -41.25
CA CYS G 120 -36.26 19.16 -42.37
C CYS G 120 -35.98 17.93 -43.23
N ARG G 121 -36.17 18.07 -44.53
CA ARG G 121 -36.00 16.96 -45.48
C ARG G 121 -35.00 17.35 -46.56
N VAL G 122 -33.97 16.52 -46.73
CA VAL G 122 -32.89 16.77 -47.68
C VAL G 122 -33.05 15.79 -48.84
N THR G 123 -33.31 16.32 -50.03
CA THR G 123 -33.42 15.50 -51.23
C THR G 123 -32.29 15.89 -52.17
N HIS G 124 -31.50 14.90 -52.58
CA HIS G 124 -30.38 15.11 -53.49
C HIS G 124 -30.49 14.16 -54.67
N PRO G 125 -29.98 14.55 -55.84
CA PRO G 125 -30.13 13.68 -57.01
C PRO G 125 -29.39 12.36 -56.88
N HIS G 126 -28.25 12.35 -56.19
CA HIS G 126 -27.49 11.13 -55.96
C HIS G 126 -27.84 10.46 -54.63
N LEU G 127 -28.90 10.91 -53.97
CA LEU G 127 -29.32 10.34 -52.70
C LEU G 127 -30.47 9.39 -52.92
N PRO G 128 -30.37 8.13 -52.46
CA PRO G 128 -31.45 7.18 -52.72
C PRO G 128 -32.73 7.56 -52.00
N ARG G 129 -32.66 7.64 -50.68
CA ARG G 129 -33.77 8.06 -49.85
C ARG G 129 -33.47 9.44 -49.24
N ALA G 130 -34.53 10.12 -48.82
CA ALA G 130 -34.41 11.47 -48.30
C ALA G 130 -33.95 11.46 -46.85
N LEU G 131 -33.17 12.48 -46.50
CA LEU G 131 -32.68 12.66 -45.15
C LEU G 131 -33.66 13.53 -44.37
N MET G 132 -34.06 13.06 -43.19
CA MET G 132 -35.11 13.72 -42.42
C MET G 132 -34.67 13.84 -40.97
N ARG G 133 -34.69 15.07 -40.45
CA ARG G 133 -34.42 15.35 -39.05
C ARG G 133 -35.62 16.08 -38.47
N SER G 134 -35.98 15.72 -37.24
CA SER G 134 -37.06 16.38 -36.54
C SER G 134 -36.53 16.98 -35.25
N THR G 135 -37.20 18.03 -34.78
CA THR G 135 -36.82 18.71 -33.55
C THR G 135 -38.08 19.26 -32.89
N THR G 136 -38.03 19.34 -31.55
CA THR G 136 -39.20 19.71 -30.77
C THR G 136 -38.77 20.05 -29.36
N LYS G 137 -39.63 20.79 -28.68
CA LYS G 137 -39.53 20.98 -27.24
C LYS G 137 -39.25 19.65 -26.56
N THR G 138 -38.06 19.49 -25.98
CA THR G 138 -37.76 18.27 -25.25
C THR G 138 -38.67 18.18 -24.02
N SER G 139 -39.40 17.08 -23.92
CA SER G 139 -40.35 16.89 -22.85
C SER G 139 -39.61 16.43 -21.59
N GLY G 140 -40.35 15.98 -20.58
CA GLY G 140 -39.80 15.73 -19.27
C GLY G 140 -40.28 16.80 -18.30
N PRO G 141 -40.01 16.59 -17.02
CA PRO G 141 -40.44 17.56 -15.99
C PRO G 141 -39.76 18.90 -16.19
N ARG G 142 -40.26 19.89 -15.46
CA ARG G 142 -39.76 21.26 -15.53
C ARG G 142 -39.40 21.75 -14.15
N ALA G 143 -38.17 22.23 -13.98
CA ALA G 143 -37.70 22.73 -12.70
C ALA G 143 -36.82 23.95 -12.94
N ALA G 144 -37.08 25.02 -12.21
CA ALA G 144 -36.29 26.23 -12.37
C ALA G 144 -34.88 26.04 -11.82
N PRO G 145 -33.90 26.73 -12.37
CA PRO G 145 -32.53 26.59 -11.89
C PRO G 145 -32.27 27.33 -10.60
N GLU G 146 -31.30 26.83 -9.86
CA GLU G 146 -30.69 27.58 -8.76
C GLU G 146 -29.45 28.29 -9.30
N VAL G 147 -29.20 29.50 -8.81
CA VAL G 147 -28.06 30.29 -9.27
C VAL G 147 -27.25 30.76 -8.07
N TYR G 148 -25.93 30.55 -8.14
CA TYR G 148 -24.99 31.00 -7.12
C TYR G 148 -23.78 31.58 -7.83
N ALA G 149 -23.37 32.79 -7.45
CA ALA G 149 -22.25 33.46 -8.10
C ALA G 149 -21.13 33.67 -7.10
N PHE G 150 -19.89 33.58 -7.58
CA PHE G 150 -18.71 33.64 -6.72
C PHE G 150 -17.62 34.50 -7.34
N ALA G 151 -16.77 35.05 -6.48
CA ALA G 151 -15.59 35.80 -6.90
C ALA G 151 -14.35 35.12 -6.37
N THR G 152 -13.24 35.14 -7.21
CA THR G 152 -12.02 34.54 -6.70
C THR G 152 -11.21 35.57 -5.91
N PRO G 153 -10.58 35.16 -4.81
CA PRO G 153 -9.60 36.03 -4.17
C PRO G 153 -8.45 36.31 -5.12
N GLU G 154 -7.65 37.31 -4.74
CA GLU G 154 -6.54 37.74 -5.58
C GLU G 154 -5.40 36.74 -5.49
N TRP G 155 -4.87 36.37 -6.63
CA TRP G 155 -3.70 35.54 -6.86
C TRP G 155 -2.45 36.40 -6.97
N PRO G 156 -1.29 35.93 -6.51
CA PRO G 156 -0.07 36.74 -6.63
C PRO G 156 0.38 36.84 -8.08
N GLY G 157 0.75 38.07 -8.48
CA GLY G 157 1.11 38.33 -9.86
C GLY G 157 -0.05 38.54 -10.80
N SER G 158 -1.28 38.20 -10.40
CA SER G 158 -2.48 38.51 -11.15
C SER G 158 -3.26 39.60 -10.42
N ARG G 159 -2.59 40.73 -10.14
CA ARG G 159 -3.19 41.77 -9.31
C ARG G 159 -4.31 42.49 -10.04
N ASP G 160 -4.19 42.69 -11.35
CA ASP G 160 -5.14 43.49 -12.11
C ASP G 160 -6.19 42.66 -12.85
N LYS G 161 -6.21 41.34 -12.67
CA LYS G 161 -7.27 40.50 -13.19
C LYS G 161 -7.97 39.79 -12.04
N ARG G 162 -9.13 39.21 -12.36
CA ARG G 162 -9.92 38.49 -11.37
C ARG G 162 -10.95 37.67 -12.13
N THR G 163 -11.30 36.52 -11.57
CA THR G 163 -12.20 35.60 -12.23
C THR G 163 -13.50 35.50 -11.43
N LEU G 164 -14.62 35.52 -12.14
CA LEU G 164 -15.94 35.32 -11.56
C LEU G 164 -16.53 34.03 -12.11
N ALA G 165 -17.21 33.28 -11.24
CA ALA G 165 -17.81 32.02 -11.63
C ALA G 165 -19.26 31.98 -11.17
N CYS G 166 -20.05 31.16 -11.85
CA CYS G 166 -21.48 31.09 -11.64
C CYS G 166 -21.90 29.63 -11.74
N LEU G 167 -22.54 29.11 -10.69
CA LEU G 167 -23.04 27.74 -10.66
C LEU G 167 -24.56 27.76 -10.81
N ILE G 168 -25.06 27.08 -11.83
CA ILE G 168 -26.47 27.05 -12.17
C ILE G 168 -26.89 25.59 -12.23
N GLN G 169 -27.69 25.16 -11.25
CA GLN G 169 -27.91 23.72 -11.09
C GLN G 169 -29.37 23.43 -10.82
N ASN G 170 -29.68 22.13 -10.87
CA ASN G 170 -30.95 21.50 -10.49
C ASN G 170 -32.11 21.94 -11.38
N PHE G 171 -31.85 22.58 -12.51
CA PHE G 171 -32.88 22.85 -13.49
C PHE G 171 -33.11 21.62 -14.36
N MET G 172 -34.23 21.63 -15.07
CA MET G 172 -34.47 20.68 -16.15
C MET G 172 -35.65 21.14 -16.99
N PRO G 173 -35.61 20.87 -18.30
CA PRO G 173 -34.58 20.13 -19.03
C PRO G 173 -33.27 20.90 -19.21
N GLU G 174 -32.30 20.27 -19.89
CA GLU G 174 -30.95 20.82 -19.95
C GLU G 174 -30.87 22.17 -20.64
N ASP G 175 -31.80 22.47 -21.54
CA ASP G 175 -31.77 23.72 -22.29
C ASP G 175 -31.64 24.93 -21.39
N ILE G 176 -30.46 25.56 -21.37
CA ILE G 176 -30.25 26.75 -20.57
C ILE G 176 -29.27 27.64 -21.33
N SER G 177 -29.43 28.95 -21.17
CA SER G 177 -28.46 29.92 -21.66
C SER G 177 -28.13 30.89 -20.55
N VAL G 178 -26.92 31.45 -20.59
CA VAL G 178 -26.38 32.25 -19.50
C VAL G 178 -25.91 33.58 -20.07
N GLN G 179 -26.19 34.67 -19.33
CA GLN G 179 -25.69 35.98 -19.70
C GLN G 179 -24.99 36.63 -18.51
N TRP G 180 -23.97 37.42 -18.82
CA TRP G 180 -23.27 38.24 -17.83
C TRP G 180 -23.60 39.70 -18.11
N LEU G 181 -23.99 40.43 -17.07
CA LEU G 181 -24.37 41.83 -17.22
C LEU G 181 -23.49 42.69 -16.33
N HIS G 182 -23.05 43.84 -16.86
CA HIS G 182 -22.21 44.77 -16.12
C HIS G 182 -22.59 46.18 -16.53
N ASN G 183 -22.78 47.06 -15.56
CA ASN G 183 -23.32 48.40 -15.80
C ASN G 183 -24.71 48.32 -16.42
N GLU G 184 -25.41 47.22 -16.17
CA GLU G 184 -26.76 46.92 -16.64
C GLU G 184 -26.83 46.64 -18.14
N VAL G 185 -25.71 46.74 -18.87
CA VAL G 185 -25.65 46.30 -20.27
C VAL G 185 -25.05 44.90 -20.31
N GLN G 186 -25.63 44.04 -21.14
CA GLN G 186 -25.16 42.67 -21.25
C GLN G 186 -23.77 42.63 -21.91
N LEU G 187 -22.83 41.97 -21.24
CA LEU G 187 -21.49 41.83 -21.80
C LEU G 187 -21.52 40.94 -23.05
N PRO G 188 -20.49 41.03 -23.89
CA PRO G 188 -20.42 40.15 -25.07
C PRO G 188 -20.40 38.68 -24.70
N ASP G 189 -20.59 37.84 -25.71
CA ASP G 189 -20.61 36.40 -25.49
C ASP G 189 -19.22 35.87 -25.20
N ALA G 190 -18.28 36.04 -26.14
CA ALA G 190 -16.97 35.41 -26.04
C ALA G 190 -16.20 35.81 -24.79
N ARG G 191 -16.67 36.80 -24.03
CA ARG G 191 -16.03 37.15 -22.78
C ARG G 191 -16.17 36.07 -21.72
N HIS G 192 -17.12 35.15 -21.88
CA HIS G 192 -17.40 34.12 -20.90
C HIS G 192 -17.46 32.75 -21.55
N SER G 193 -17.25 31.72 -20.73
CA SER G 193 -17.37 30.32 -21.11
C SER G 193 -18.43 29.67 -20.24
N THR G 194 -19.20 28.75 -20.82
CA THR G 194 -20.22 28.02 -20.09
C THR G 194 -20.09 26.53 -20.40
N THR G 195 -20.05 25.72 -19.35
CA THR G 195 -19.87 24.30 -19.55
C THR G 195 -21.15 23.65 -20.05
N GLN G 196 -20.97 22.48 -20.66
CA GLN G 196 -22.10 21.68 -21.11
C GLN G 196 -22.91 21.20 -19.91
N PRO G 197 -24.23 21.08 -20.07
CA PRO G 197 -25.06 20.55 -18.99
C PRO G 197 -24.71 19.10 -18.68
N ARG G 198 -24.23 18.87 -17.47
CA ARG G 198 -24.03 17.54 -16.93
C ARG G 198 -25.07 17.28 -15.85
N LYS G 199 -25.23 16.02 -15.51
CA LYS G 199 -26.34 15.61 -14.65
C LYS G 199 -25.92 15.64 -13.20
N THR G 200 -26.75 16.26 -12.36
CA THR G 200 -26.54 16.21 -10.93
C THR G 200 -26.81 14.79 -10.43
N LYS G 201 -26.39 14.52 -9.18
CA LYS G 201 -26.71 13.24 -8.56
C LYS G 201 -28.23 13.04 -8.47
N GLY G 202 -28.98 14.13 -8.32
CA GLY G 202 -30.43 14.04 -8.34
C GLY G 202 -30.95 13.90 -9.75
N SER G 203 -31.96 14.69 -10.11
CA SER G 203 -32.56 14.64 -11.43
C SER G 203 -32.19 15.83 -12.30
N GLY G 204 -31.83 16.96 -11.71
CA GLY G 204 -31.54 18.16 -12.47
C GLY G 204 -30.17 18.14 -13.11
N PHE G 205 -29.90 19.18 -13.90
CA PHE G 205 -28.62 19.37 -14.55
C PHE G 205 -27.87 20.50 -13.87
N PHE G 206 -26.60 20.64 -14.21
CA PHE G 206 -25.82 21.76 -13.74
C PHE G 206 -24.93 22.24 -14.87
N VAL G 207 -24.66 23.55 -14.87
CA VAL G 207 -23.68 24.17 -15.75
C VAL G 207 -22.88 25.18 -14.94
N PHE G 208 -21.63 25.38 -15.33
CA PHE G 208 -20.78 26.43 -14.79
C PHE G 208 -20.54 27.49 -15.85
N SER G 209 -20.49 28.75 -15.43
CA SER G 209 -20.11 29.84 -16.31
C SER G 209 -18.95 30.60 -15.71
N ARG G 210 -18.02 31.03 -16.56
CA ARG G 210 -16.78 31.65 -16.11
C ARG G 210 -16.57 32.94 -16.88
N LEU G 211 -16.19 34.00 -16.16
CA LEU G 211 -15.96 35.30 -16.78
C LEU G 211 -14.81 35.99 -16.05
N GLU G 212 -13.72 36.24 -16.77
CA GLU G 212 -12.63 37.06 -16.26
C GLU G 212 -12.99 38.53 -16.43
N VAL G 213 -12.63 39.33 -15.42
CA VAL G 213 -12.90 40.76 -15.43
C VAL G 213 -11.61 41.50 -15.08
N THR G 214 -11.54 42.75 -15.52
CA THR G 214 -10.34 43.57 -15.38
C THR G 214 -10.51 44.57 -14.25
N ARG G 215 -9.36 45.06 -13.76
CA ARG G 215 -9.37 46.05 -12.68
C ARG G 215 -10.19 47.27 -13.07
N ALA G 216 -9.98 47.79 -14.28
CA ALA G 216 -10.77 48.92 -14.73
C ALA G 216 -12.25 48.61 -14.81
N GLU G 217 -12.62 47.32 -14.88
CA GLU G 217 -14.03 46.96 -14.96
C GLU G 217 -14.70 47.00 -13.60
N TRP G 218 -14.16 46.26 -12.63
CA TRP G 218 -14.82 46.25 -11.32
C TRP G 218 -14.60 47.55 -10.56
N GLU G 219 -13.61 48.36 -10.94
CA GLU G 219 -13.48 49.70 -10.38
C GLU G 219 -14.57 50.62 -10.91
N GLN G 220 -14.85 50.55 -12.21
CA GLN G 220 -15.96 51.29 -12.80
C GLN G 220 -17.25 51.00 -12.06
N LYS G 221 -17.56 49.72 -11.88
CA LYS G 221 -18.68 49.30 -11.04
C LYS G 221 -18.39 47.89 -10.55
N ASP G 222 -18.55 47.68 -9.24
CA ASP G 222 -18.19 46.42 -8.60
C ASP G 222 -19.43 45.57 -8.28
N GLU G 223 -20.28 45.35 -9.29
CA GLU G 223 -21.39 44.43 -9.14
C GLU G 223 -21.63 43.79 -10.50
N PHE G 224 -21.26 42.53 -10.63
CA PHE G 224 -21.48 41.76 -11.84
C PHE G 224 -22.66 40.81 -11.63
N ILE G 225 -23.42 40.60 -12.70
CA ILE G 225 -24.68 39.88 -12.66
C ILE G 225 -24.57 38.67 -13.56
N CYS G 226 -24.91 37.50 -13.02
CA CYS G 226 -24.97 36.26 -13.78
C CYS G 226 -26.44 35.88 -13.94
N ARG G 227 -26.92 35.88 -15.18
CA ARG G 227 -28.34 35.64 -15.47
C ARG G 227 -28.50 34.31 -16.19
N ALA G 228 -29.38 33.46 -15.66
CA ALA G 228 -29.75 32.22 -16.31
C ALA G 228 -31.10 32.39 -16.99
N VAL G 229 -31.24 31.80 -18.18
CA VAL G 229 -32.48 31.80 -18.92
C VAL G 229 -32.93 30.36 -19.07
N HIS G 230 -34.14 30.07 -18.61
CA HIS G 230 -34.66 28.69 -18.64
C HIS G 230 -36.18 28.74 -18.63
N GLU G 231 -36.81 27.94 -19.49
CA GLU G 231 -38.27 27.99 -19.61
C GLU G 231 -38.97 27.74 -18.28
N ALA G 232 -38.33 27.05 -17.34
CA ALA G 232 -38.98 26.73 -16.08
C ALA G 232 -38.79 27.80 -15.01
N ALA G 233 -37.93 28.77 -15.24
CA ALA G 233 -37.85 29.90 -14.32
C ALA G 233 -39.06 30.81 -14.52
N SER G 234 -39.44 31.51 -13.47
CA SER G 234 -40.62 32.35 -13.55
C SER G 234 -40.57 33.49 -12.55
N PRO G 235 -41.06 34.68 -12.94
CA PRO G 235 -41.55 34.94 -14.30
C PRO G 235 -40.42 35.37 -15.21
N SER G 236 -40.75 35.58 -16.49
CA SER G 236 -39.81 36.04 -17.51
C SER G 236 -38.66 35.06 -17.74
N GLN G 237 -38.74 33.84 -17.19
CA GLN G 237 -37.79 32.77 -17.46
C GLN G 237 -36.36 33.20 -17.15
N THR G 238 -36.17 33.76 -15.96
CA THR G 238 -34.90 34.38 -15.62
C THR G 238 -34.65 34.25 -14.13
N VAL G 239 -33.45 33.77 -13.78
CA VAL G 239 -32.93 33.83 -12.43
C VAL G 239 -31.56 34.46 -12.50
N GLN G 240 -31.19 35.21 -11.48
CA GLN G 240 -29.88 35.87 -11.50
C GLN G 240 -29.43 36.16 -10.08
N ARG G 241 -28.11 36.25 -9.91
CA ARG G 241 -27.48 36.63 -8.65
C ARG G 241 -26.37 37.64 -8.95
N ALA G 242 -25.94 38.34 -7.91
CA ALA G 242 -24.91 39.36 -8.01
C ALA G 242 -23.64 38.91 -7.30
N VAL G 243 -22.52 39.43 -7.76
CA VAL G 243 -21.22 39.14 -7.18
C VAL G 243 -20.37 40.40 -7.21
N SER G 244 -19.56 40.60 -6.16
CA SER G 244 -18.65 41.72 -6.07
C SER G 244 -17.25 41.22 -5.74
N VAL G 245 -16.24 41.82 -6.37
CA VAL G 245 -14.86 41.40 -6.16
C VAL G 245 -14.41 41.69 -4.73
N ASN G 246 -14.81 42.83 -4.18
CA ASN G 246 -14.49 43.13 -2.79
C ASN G 246 -15.76 43.43 -2.00
N VAL H 38 21.06 -24.61 27.42
CA VAL H 38 21.71 -25.26 28.56
C VAL H 38 22.80 -24.37 29.12
N SER H 39 22.73 -24.11 30.41
CA SER H 39 23.68 -23.24 31.10
C SER H 39 24.32 -24.01 32.25
N ALA H 40 25.45 -23.48 32.71
CA ALA H 40 26.14 -24.04 33.85
C ALA H 40 26.68 -22.91 34.71
N TYR H 41 26.51 -23.05 36.02
CA TYR H 41 26.95 -22.05 36.97
C TYR H 41 27.79 -22.73 38.04
N LEU H 42 28.82 -22.04 38.52
CA LEU H 42 29.63 -22.54 39.62
C LEU H 42 29.89 -21.40 40.58
N SER H 43 29.52 -21.61 41.85
CA SER H 43 29.57 -20.58 42.87
C SER H 43 30.86 -20.67 43.67
N ARG H 44 31.06 -19.67 44.50
CA ARG H 44 32.03 -19.75 45.59
C ARG H 44 31.33 -20.28 46.83
N PRO H 45 32.06 -20.59 47.89
CA PRO H 45 31.41 -20.85 49.17
C PRO H 45 31.02 -19.55 49.84
N SER H 46 29.88 -19.57 50.52
CA SER H 46 29.48 -18.39 51.25
C SER H 46 30.47 -18.13 52.38
N PRO H 47 30.86 -16.88 52.60
CA PRO H 47 31.79 -16.60 53.71
C PRO H 47 31.30 -17.10 55.07
N PHE H 48 30.00 -17.38 55.20
CA PHE H 48 29.51 -18.04 56.41
C PHE H 48 30.09 -19.44 56.53
N ASP H 49 29.83 -20.28 55.52
CA ASP H 49 30.38 -21.62 55.51
C ASP H 49 31.90 -21.63 55.52
N LEU H 50 32.53 -20.54 55.10
CA LEU H 50 33.99 -20.54 55.02
C LEU H 50 34.62 -20.19 56.36
N PHE H 51 34.06 -19.22 57.08
CA PHE H 51 34.68 -18.72 58.30
C PHE H 51 33.87 -18.95 59.57
N ILE H 52 32.58 -19.21 59.47
CA ILE H 52 31.78 -19.52 60.65
C ILE H 52 31.72 -21.04 60.80
N ARG H 53 31.01 -21.71 59.88
CA ARG H 53 30.98 -23.16 59.89
C ARG H 53 32.35 -23.77 59.68
N LYS H 54 33.23 -23.09 58.95
CA LYS H 54 34.50 -23.65 58.51
C LYS H 54 34.33 -24.91 57.68
N SER H 55 33.14 -25.10 57.09
CA SER H 55 32.85 -26.23 56.21
C SER H 55 32.34 -25.69 54.87
N PRO H 56 33.24 -25.17 54.04
CA PRO H 56 32.80 -24.52 52.80
C PRO H 56 32.54 -25.52 51.68
N THR H 57 31.50 -25.24 50.89
CA THR H 57 31.15 -26.06 49.73
C THR H 57 30.92 -25.16 48.54
N ILE H 58 31.04 -25.74 47.34
CA ILE H 58 30.73 -25.06 46.09
C ILE H 58 29.72 -25.91 45.33
N THR H 59 28.80 -25.25 44.63
CA THR H 59 27.71 -25.92 43.95
C THR H 59 27.84 -25.69 42.44
N CYS H 60 27.74 -26.77 41.68
CA CYS H 60 27.72 -26.72 40.23
C CYS H 60 26.29 -26.96 39.76
N LEU H 61 25.74 -26.00 39.02
CA LEU H 61 24.33 -25.99 38.65
C LEU H 61 24.19 -26.10 37.13
N VAL H 62 23.22 -26.91 36.69
CA VAL H 62 22.95 -27.13 35.28
C VAL H 62 21.44 -27.05 35.08
N VAL H 63 20.98 -25.96 34.48
CA VAL H 63 19.61 -25.89 33.99
C VAL H 63 19.60 -26.49 32.58
N ASP H 64 18.69 -27.42 32.35
CA ASP H 64 18.64 -28.18 31.10
C ASP H 64 17.60 -27.55 30.16
N LEU H 65 18.04 -27.15 28.97
CA LEU H 65 17.12 -26.61 27.98
C LEU H 65 16.12 -27.68 27.54
N ALA H 66 16.58 -28.67 26.78
CA ALA H 66 15.77 -29.82 26.41
C ALA H 66 16.26 -31.05 27.18
N PRO H 67 15.55 -31.47 28.23
CA PRO H 67 16.02 -32.62 29.02
C PRO H 67 15.53 -33.97 28.49
N SER H 68 15.76 -35.02 29.29
CA SER H 68 15.17 -36.35 29.21
C SER H 68 15.93 -37.31 28.28
N LYS H 69 17.21 -37.06 28.06
CA LYS H 69 18.04 -37.91 27.21
C LYS H 69 19.14 -38.54 28.04
N GLY H 70 19.12 -39.87 28.12
CA GLY H 70 20.19 -40.61 28.78
C GLY H 70 20.39 -40.18 30.22
N THR H 71 21.64 -39.96 30.59
CA THR H 71 22.01 -39.47 31.90
C THR H 71 23.14 -38.45 31.76
N VAL H 72 23.17 -37.47 32.65
CA VAL H 72 24.17 -36.39 32.60
C VAL H 72 25.28 -36.69 33.59
N ASN H 73 26.52 -36.67 33.11
CA ASN H 73 27.68 -36.92 33.93
C ASN H 73 28.22 -35.58 34.44
N LEU H 74 28.71 -35.58 35.68
CA LEU H 74 29.13 -34.35 36.33
C LEU H 74 30.30 -34.70 37.25
N THR H 75 31.49 -34.19 36.93
CA THR H 75 32.72 -34.56 37.62
C THR H 75 33.48 -33.31 38.04
N TRP H 76 34.52 -33.51 38.86
CA TRP H 76 35.25 -32.41 39.48
C TRP H 76 36.76 -32.60 39.33
N SER H 77 37.49 -31.50 39.48
CA SER H 77 38.94 -31.49 39.40
C SER H 77 39.50 -30.26 40.11
N ARG H 78 40.76 -30.35 40.49
CA ARG H 78 41.47 -29.28 41.16
C ARG H 78 42.73 -28.95 40.39
N ALA H 79 43.13 -27.67 40.43
CA ALA H 79 44.30 -27.22 39.69
C ALA H 79 45.57 -27.89 40.20
N SER H 80 45.65 -28.10 41.51
CA SER H 80 46.86 -28.64 42.12
C SER H 80 47.03 -30.13 41.90
N GLY H 81 46.01 -30.80 41.37
CA GLY H 81 46.08 -32.24 41.21
C GLY H 81 45.65 -33.04 42.43
N LYS H 82 45.36 -32.38 43.54
CA LYS H 82 44.97 -33.11 44.74
C LYS H 82 43.58 -33.71 44.55
N PRO H 83 43.23 -34.73 45.32
CA PRO H 83 41.93 -35.37 45.16
C PRO H 83 40.80 -34.42 45.54
N VAL H 84 39.60 -34.80 45.12
CA VAL H 84 38.38 -34.08 45.46
C VAL H 84 37.52 -34.97 46.34
N ASN H 85 36.83 -34.35 47.30
CA ASN H 85 35.93 -35.08 48.17
C ASN H 85 34.78 -35.66 47.35
N HIS H 86 33.88 -36.37 48.03
CA HIS H 86 32.72 -36.92 47.35
C HIS H 86 31.64 -35.85 47.25
N SER H 87 31.16 -35.61 46.04
CA SER H 87 30.07 -34.69 45.80
C SER H 87 28.72 -35.37 46.08
N THR H 88 27.68 -34.56 46.15
CA THR H 88 26.31 -35.04 46.35
C THR H 88 25.48 -34.64 45.14
N ARG H 89 24.83 -35.62 44.51
CA ARG H 89 24.13 -35.44 43.25
C ARG H 89 22.64 -35.23 43.53
N LYS H 90 22.10 -34.12 43.03
CA LYS H 90 20.70 -33.78 43.21
C LYS H 90 20.14 -33.31 41.88
N GLU H 91 18.86 -33.59 41.65
CA GLU H 91 18.16 -33.09 40.48
C GLU H 91 16.68 -32.95 40.79
N GLU H 92 16.05 -31.94 40.16
CA GLU H 92 14.63 -31.67 40.35
C GLU H 92 14.04 -31.20 39.04
N LYS H 93 12.91 -31.80 38.65
CA LYS H 93 12.24 -31.39 37.42
C LYS H 93 11.59 -30.01 37.61
N GLN H 94 11.33 -29.36 36.48
CA GLN H 94 10.75 -28.02 36.48
C GLN H 94 9.37 -28.02 35.83
N ARG H 95 8.60 -26.98 36.14
CA ARG H 95 7.26 -26.83 35.58
C ARG H 95 7.28 -26.23 34.19
N ASN H 96 8.34 -25.52 33.83
CA ASN H 96 8.50 -25.01 32.47
C ASN H 96 9.18 -26.03 31.55
N GLY H 97 9.09 -27.31 31.87
CA GLY H 97 9.59 -28.36 31.01
C GLY H 97 11.07 -28.65 31.13
N THR H 98 11.77 -28.06 32.09
CA THR H 98 13.22 -28.16 32.17
C THR H 98 13.65 -29.05 33.33
N LEU H 99 14.93 -29.43 33.31
CA LEU H 99 15.53 -30.25 34.34
C LEU H 99 16.69 -29.50 34.95
N THR H 100 16.82 -29.60 36.28
CA THR H 100 17.87 -28.93 37.03
C THR H 100 18.68 -29.98 37.77
N VAL H 101 20.01 -29.93 37.62
CA VAL H 101 20.93 -30.90 38.20
C VAL H 101 22.04 -30.16 38.94
N THR H 102 22.24 -30.49 40.20
CA THR H 102 23.25 -29.84 41.03
C THR H 102 24.20 -30.86 41.62
N SER H 103 25.42 -30.40 41.91
CA SER H 103 26.45 -31.21 42.55
C SER H 103 27.22 -30.31 43.50
N THR H 104 27.23 -30.67 44.79
CA THR H 104 27.86 -29.86 45.82
C THR H 104 29.13 -30.56 46.28
N LEU H 105 30.24 -29.83 46.28
CA LEU H 105 31.53 -30.39 46.62
C LEU H 105 32.08 -29.71 47.87
N PRO H 106 32.28 -30.43 48.97
CA PRO H 106 32.96 -29.81 50.11
C PRO H 106 34.43 -29.57 49.78
N VAL H 107 34.91 -28.39 50.16
CA VAL H 107 36.28 -28.00 49.88
C VAL H 107 36.94 -27.56 51.17
N GLY H 108 38.26 -27.63 51.19
CA GLY H 108 39.00 -27.21 52.36
C GLY H 108 38.97 -25.71 52.55
N THR H 109 39.33 -25.28 53.75
CA THR H 109 39.45 -23.85 54.02
C THR H 109 40.84 -23.33 53.69
N ARG H 110 41.89 -24.02 54.14
CA ARG H 110 43.24 -23.71 53.68
C ARG H 110 43.32 -23.76 52.17
N ASP H 111 42.66 -24.74 51.54
CA ASP H 111 42.73 -24.89 50.09
C ASP H 111 42.13 -23.68 49.39
N TRP H 112 40.97 -23.23 49.82
CA TRP H 112 40.30 -22.14 49.13
C TRP H 112 41.04 -20.82 49.34
N ILE H 113 41.36 -20.51 50.60
CA ILE H 113 42.01 -19.23 50.90
C ILE H 113 43.37 -19.13 50.23
N GLU H 114 44.14 -20.22 50.24
CA GLU H 114 45.43 -20.19 49.57
C GLU H 114 45.30 -20.13 48.05
N GLY H 115 44.09 -20.23 47.51
CA GLY H 115 43.86 -19.98 46.10
C GLY H 115 43.80 -21.19 45.20
N GLU H 116 43.24 -22.29 45.69
CA GLU H 116 43.02 -23.45 44.84
C GLU H 116 41.96 -23.12 43.80
N THR H 117 42.04 -23.80 42.65
CA THR H 117 41.06 -23.64 41.59
C THR H 117 40.29 -24.94 41.45
N TYR H 118 38.98 -24.86 41.56
CA TYR H 118 38.10 -26.01 41.41
C TYR H 118 37.36 -25.91 40.09
N GLN H 119 37.09 -27.08 39.49
CA GLN H 119 36.60 -27.12 38.13
C GLN H 119 35.52 -28.18 38.00
N CYS H 120 34.42 -27.81 37.37
CA CYS H 120 33.28 -28.68 37.15
C CYS H 120 33.14 -28.96 35.67
N ARG H 121 32.98 -30.24 35.30
CA ARG H 121 32.86 -30.64 33.90
C ARG H 121 31.60 -31.45 33.71
N VAL H 122 30.63 -30.89 32.99
CA VAL H 122 29.36 -31.55 32.73
C VAL H 122 29.39 -32.14 31.34
N THR H 123 29.01 -33.40 31.20
CA THR H 123 28.88 -34.05 29.90
C THR H 123 27.47 -34.59 29.75
N HIS H 124 26.87 -34.34 28.58
CA HIS H 124 25.55 -34.82 28.22
C HIS H 124 25.63 -35.56 26.90
N PRO H 125 24.95 -36.70 26.76
CA PRO H 125 24.97 -37.41 25.47
C PRO H 125 24.40 -36.61 24.30
N HIS H 126 23.64 -35.55 24.56
CA HIS H 126 23.11 -34.71 23.50
C HIS H 126 23.92 -33.43 23.28
N LEU H 127 25.00 -33.21 24.07
CA LEU H 127 25.85 -32.07 23.77
C LEU H 127 27.07 -32.51 22.97
N PRO H 128 27.49 -31.76 21.96
CA PRO H 128 28.65 -32.19 21.16
C PRO H 128 29.91 -32.35 21.99
N ARG H 129 30.23 -31.37 22.82
CA ARG H 129 31.37 -31.44 23.72
C ARG H 129 30.96 -30.85 25.07
N ALA H 130 31.77 -31.11 26.08
CA ALA H 130 31.38 -30.85 27.45
C ALA H 130 31.37 -29.36 27.78
N LEU H 131 30.48 -28.99 28.69
CA LEU H 131 30.54 -27.68 29.34
C LEU H 131 31.51 -27.73 30.50
N MET H 132 32.09 -26.59 30.84
CA MET H 132 33.04 -26.53 31.94
C MET H 132 33.00 -25.16 32.57
N ARG H 133 32.98 -25.13 33.90
CA ARG H 133 33.08 -23.91 34.67
C ARG H 133 34.18 -24.09 35.72
N SER H 134 34.68 -22.98 36.24
CA SER H 134 35.70 -23.06 37.28
C SER H 134 35.46 -21.95 38.29
N THR H 135 36.08 -22.09 39.46
CA THR H 135 35.91 -21.16 40.56
C THR H 135 37.20 -21.08 41.36
N THR H 136 37.45 -19.91 41.95
CA THR H 136 38.62 -19.72 42.78
C THR H 136 38.44 -18.47 43.62
N LYS H 137 39.38 -18.26 44.53
CA LYS H 137 39.36 -17.08 45.39
C LYS H 137 39.33 -15.84 44.53
N THR H 138 38.31 -15.00 44.74
CA THR H 138 38.16 -13.78 43.96
C THR H 138 39.32 -12.82 44.24
N SER H 139 39.88 -12.26 43.16
CA SER H 139 41.06 -11.43 43.24
C SER H 139 40.70 -10.01 43.68
N GLY H 140 41.72 -9.18 43.86
CA GLY H 140 41.50 -7.79 44.13
C GLY H 140 41.93 -7.40 45.52
N PRO H 141 41.93 -6.09 45.80
CA PRO H 141 42.25 -5.63 47.15
C PRO H 141 41.16 -6.02 48.13
N ARG H 142 41.52 -6.00 49.40
CA ARG H 142 40.63 -6.42 50.48
C ARG H 142 40.34 -5.22 51.37
N ALA H 143 39.06 -5.04 51.71
CA ALA H 143 38.62 -3.98 52.61
C ALA H 143 37.50 -4.51 53.48
N ALA H 144 37.56 -4.19 54.77
CA ALA H 144 36.62 -4.68 55.76
C ALA H 144 35.29 -3.95 55.67
N PRO H 145 34.19 -4.63 55.99
CA PRO H 145 32.88 -3.99 55.92
C PRO H 145 32.58 -3.12 57.13
N GLU H 146 31.84 -2.06 56.88
CA GLU H 146 31.21 -1.25 57.93
C GLU H 146 29.77 -1.71 58.08
N VAL H 147 29.28 -1.75 59.31
CA VAL H 147 27.94 -2.25 59.60
C VAL H 147 27.18 -1.24 60.43
N TYR H 148 25.97 -0.89 59.98
CA TYR H 148 25.09 0.03 60.69
C TYR H 148 23.69 -0.57 60.73
N ALA H 149 23.11 -0.65 61.93
CA ALA H 149 21.80 -1.25 62.12
C ALA H 149 20.81 -0.23 62.64
N PHE H 150 19.60 -0.25 62.08
CA PHE H 150 18.56 0.72 62.41
C PHE H 150 17.24 0.02 62.66
N ALA H 151 16.31 0.75 63.26
CA ALA H 151 14.97 0.26 63.54
C ALA H 151 13.95 1.33 63.23
N THR H 152 12.84 0.94 62.65
CA THR H 152 11.83 1.90 62.24
C THR H 152 10.93 2.26 63.41
N PRO H 153 10.47 3.51 63.48
CA PRO H 153 9.54 3.91 64.54
C PRO H 153 8.19 3.21 64.43
N GLU H 154 7.31 3.46 65.39
CA GLU H 154 6.00 2.84 65.36
C GLU H 154 5.17 3.42 64.23
N TRP H 155 4.51 2.55 63.46
CA TRP H 155 3.61 2.96 62.40
C TRP H 155 2.19 2.68 62.84
N PRO H 156 1.32 3.68 62.95
CA PRO H 156 -0.06 3.42 63.39
C PRO H 156 -0.71 2.34 62.53
N GLY H 157 -1.43 1.44 63.18
CA GLY H 157 -1.89 0.25 62.49
C GLY H 157 -0.86 -0.84 62.37
N SER H 158 0.26 -0.71 63.07
CA SER H 158 1.30 -1.74 63.09
C SER H 158 2.01 -1.67 64.42
N ARG H 159 1.24 -1.64 65.51
CA ARG H 159 1.78 -1.43 66.84
C ARG H 159 2.54 -2.64 67.38
N ASP H 160 2.41 -3.81 66.76
CA ASP H 160 3.11 -5.01 67.18
C ASP H 160 4.10 -5.52 66.15
N LYS H 161 4.27 -4.83 65.02
CA LYS H 161 5.32 -5.09 64.05
C LYS H 161 6.32 -3.94 64.08
N ARG H 162 7.61 -4.28 64.02
CA ARG H 162 8.65 -3.31 63.72
C ARG H 162 9.56 -3.90 62.66
N THR H 163 10.18 -3.04 61.87
CA THR H 163 11.06 -3.46 60.80
C THR H 163 12.47 -2.98 61.10
N LEU H 164 13.42 -3.90 61.07
CA LEU H 164 14.83 -3.59 61.29
C LEU H 164 15.57 -3.54 59.96
N ALA H 165 16.54 -2.66 59.87
CA ALA H 165 17.36 -2.51 58.67
C ALA H 165 18.83 -2.52 59.05
N CYS H 166 19.66 -2.96 58.10
CA CYS H 166 21.09 -3.07 58.31
C CYS H 166 21.80 -2.71 57.02
N LEU H 167 22.71 -1.74 57.08
CA LEU H 167 23.48 -1.31 55.93
C LEU H 167 24.93 -1.73 56.12
N ILE H 168 25.43 -2.54 55.19
CA ILE H 168 26.81 -3.00 55.19
C ILE H 168 27.45 -2.51 53.91
N GLN H 169 28.54 -1.76 54.02
CA GLN H 169 29.09 -1.06 52.86
C GLN H 169 30.61 -0.98 52.94
N ASN H 170 31.20 -0.63 51.80
CA ASN H 170 32.62 -0.28 51.66
C ASN H 170 33.55 -1.47 51.78
N PHE H 171 33.03 -2.68 51.66
CA PHE H 171 33.87 -3.87 51.70
C PHE H 171 34.23 -4.30 50.29
N MET H 172 35.38 -4.94 50.17
CA MET H 172 35.70 -5.71 48.97
C MET H 172 36.59 -6.88 49.36
N PRO H 173 36.44 -8.02 48.66
CA PRO H 173 35.58 -8.26 47.51
C PRO H 173 34.10 -8.40 47.86
N GLU H 174 33.27 -8.75 46.88
CA GLU H 174 31.83 -8.69 47.05
C GLU H 174 31.26 -9.84 47.87
N ASP H 175 31.98 -10.96 47.99
CA ASP H 175 31.46 -12.08 48.77
C ASP H 175 31.23 -11.64 50.20
N ILE H 176 29.99 -11.75 50.68
CA ILE H 176 29.66 -11.41 52.05
C ILE H 176 28.46 -12.22 52.49
N SER H 177 28.45 -12.60 53.76
CA SER H 177 27.33 -13.30 54.38
C SER H 177 26.78 -12.45 55.51
N VAL H 178 25.47 -12.52 55.71
CA VAL H 178 24.76 -11.62 56.62
C VAL H 178 23.74 -12.42 57.41
N GLN H 179 23.76 -12.29 58.74
CA GLN H 179 22.82 -13.00 59.59
C GLN H 179 22.30 -12.06 60.68
N TRP H 180 21.13 -12.43 61.20
CA TRP H 180 20.47 -11.70 62.28
C TRP H 180 20.37 -12.60 63.51
N LEU H 181 20.90 -12.11 64.63
CA LEU H 181 20.98 -12.88 65.87
C LEU H 181 20.12 -12.23 66.94
N HIS H 182 19.30 -13.04 67.60
CA HIS H 182 18.44 -12.56 68.66
C HIS H 182 18.42 -13.61 69.76
N ASN H 183 18.68 -13.18 71.00
CA ASN H 183 18.85 -14.09 72.13
C ASN H 183 20.02 -15.03 71.90
N GLU H 184 21.01 -14.55 71.15
CA GLU H 184 22.28 -15.22 70.91
C GLU H 184 22.13 -16.49 70.09
N VAL H 185 20.92 -16.80 69.60
CA VAL H 185 20.69 -17.86 68.62
C VAL H 185 20.41 -17.20 67.28
N GLN H 186 21.05 -17.69 66.23
CA GLN H 186 20.84 -17.14 64.90
C GLN H 186 19.42 -17.39 64.44
N LEU H 187 18.82 -16.40 63.76
CA LEU H 187 17.45 -16.49 63.31
C LEU H 187 17.35 -17.22 61.98
N PRO H 188 16.18 -17.74 61.63
CA PRO H 188 16.02 -18.39 60.32
C PRO H 188 16.34 -17.44 59.18
N ASP H 189 17.21 -17.87 58.29
CA ASP H 189 17.67 -17.03 57.18
C ASP H 189 16.52 -16.55 56.29
N ALA H 190 15.38 -17.21 56.33
CA ALA H 190 14.23 -16.77 55.55
C ALA H 190 13.41 -15.71 56.28
N ARG H 191 13.82 -15.31 57.47
CA ARG H 191 13.15 -14.22 58.15
C ARG H 191 13.54 -12.86 57.61
N HIS H 192 14.64 -12.76 56.89
CA HIS H 192 15.14 -11.50 56.39
C HIS H 192 15.44 -11.61 54.90
N SER H 193 15.76 -10.47 54.30
CA SER H 193 16.13 -10.38 52.89
C SER H 193 17.35 -9.49 52.77
N THR H 194 18.24 -9.84 51.85
CA THR H 194 19.49 -9.12 51.65
C THR H 194 19.68 -8.85 50.18
N THR H 195 20.02 -7.61 49.85
CA THR H 195 20.20 -7.23 48.47
C THR H 195 21.51 -7.79 47.92
N GLN H 196 21.55 -7.97 46.60
CA GLN H 196 22.82 -8.42 46.04
C GLN H 196 23.81 -7.26 46.01
N PRO H 197 25.09 -7.52 46.28
CA PRO H 197 26.06 -6.42 46.40
C PRO H 197 26.12 -5.57 45.14
N ARG H 198 26.02 -4.25 45.34
CA ARG H 198 26.23 -3.26 44.29
C ARG H 198 27.34 -2.32 44.74
N LYS H 199 27.86 -1.53 43.80
CA LYS H 199 29.09 -0.76 44.03
C LYS H 199 28.80 0.60 44.65
N THR H 200 29.66 1.00 45.59
CA THR H 200 29.62 2.35 46.11
C THR H 200 30.20 3.32 45.09
N LYS H 201 30.15 4.62 45.43
CA LYS H 201 30.83 5.61 44.61
C LYS H 201 32.33 5.38 44.61
N GLY H 202 32.89 5.07 45.78
CA GLY H 202 34.29 4.71 45.88
C GLY H 202 34.55 3.31 45.35
N SER H 203 35.31 2.54 46.11
CA SER H 203 35.76 1.23 45.66
C SER H 203 34.98 0.07 46.25
N GLY H 204 34.21 0.31 47.31
CA GLY H 204 33.56 -0.77 48.02
C GLY H 204 32.20 -1.13 47.46
N PHE H 205 31.67 -2.25 47.97
CA PHE H 205 30.33 -2.72 47.66
C PHE H 205 29.39 -2.40 48.82
N PHE H 206 28.11 -2.63 48.61
CA PHE H 206 27.16 -2.43 49.70
C PHE H 206 25.96 -3.36 49.52
N VAL H 207 25.37 -3.73 50.65
CA VAL H 207 24.12 -4.47 50.68
C VAL H 207 23.25 -3.89 51.79
N PHE H 208 21.94 -4.11 51.65
CA PHE H 208 20.96 -3.82 52.68
C PHE H 208 20.29 -5.12 53.11
N SER H 209 19.94 -5.20 54.40
CA SER H 209 19.23 -6.36 54.93
C SER H 209 18.04 -5.87 55.75
N ARG H 210 16.88 -6.49 55.54
CA ARG H 210 15.62 -6.09 56.16
C ARG H 210 15.04 -7.25 56.97
N LEU H 211 14.56 -6.95 58.19
CA LEU H 211 14.03 -7.98 59.08
C LEU H 211 12.82 -7.46 59.85
N GLU H 212 11.64 -8.03 59.59
CA GLU H 212 10.45 -7.72 60.37
C GLU H 212 10.47 -8.53 61.66
N VAL H 213 10.49 -7.85 62.81
CA VAL H 213 10.44 -8.51 64.09
C VAL H 213 9.08 -8.25 64.71
N THR H 214 8.71 -9.10 65.67
CA THR H 214 7.41 -9.04 66.31
C THR H 214 7.52 -8.48 67.72
N ARG H 215 6.40 -7.99 68.23
CA ARG H 215 6.38 -7.47 69.60
C ARG H 215 6.83 -8.54 70.59
N ALA H 216 6.34 -9.77 70.42
CA ALA H 216 6.76 -10.86 71.28
C ALA H 216 8.27 -10.98 71.31
N GLU H 217 8.93 -10.74 70.18
CA GLU H 217 10.37 -10.94 70.11
C GLU H 217 11.13 -9.86 70.88
N TRP H 218 10.76 -8.60 70.69
CA TRP H 218 11.54 -7.54 71.37
C TRP H 218 11.12 -7.36 72.82
N GLU H 219 9.90 -7.77 73.19
CA GLU H 219 9.53 -7.79 74.60
C GLU H 219 10.20 -8.93 75.35
N GLN H 220 10.64 -9.97 74.65
CA GLN H 220 11.45 -11.02 75.26
C GLN H 220 12.85 -10.52 75.55
N LYS H 221 13.54 -10.01 74.53
CA LYS H 221 14.80 -9.29 74.73
C LYS H 221 14.94 -8.27 73.62
N ASP H 222 15.08 -6.99 74.00
CA ASP H 222 15.09 -5.89 73.03
C ASP H 222 16.50 -5.60 72.55
N GLU H 223 17.10 -6.61 71.93
CA GLU H 223 18.40 -6.49 71.28
C GLU H 223 18.39 -7.40 70.07
N PHE H 224 18.80 -6.87 68.93
CA PHE H 224 18.99 -7.69 67.74
C PHE H 224 20.36 -7.38 67.16
N ILE H 225 21.01 -8.41 66.62
CA ILE H 225 22.38 -8.29 66.13
C ILE H 225 22.34 -8.38 64.62
N CYS H 226 23.07 -7.49 63.95
CA CYS H 226 23.31 -7.63 62.52
C CYS H 226 24.77 -8.01 62.35
N ARG H 227 25.03 -9.26 62.02
CA ARG H 227 26.38 -9.77 61.88
C ARG H 227 26.69 -9.95 60.40
N ALA H 228 27.85 -9.45 59.99
CA ALA H 228 28.34 -9.59 58.63
C ALA H 228 29.63 -10.42 58.66
N VAL H 229 29.71 -11.42 57.79
CA VAL H 229 30.87 -12.28 57.69
C VAL H 229 31.55 -12.00 56.36
N HIS H 230 32.78 -11.49 56.42
CA HIS H 230 33.53 -11.11 55.24
C HIS H 230 35.00 -11.42 55.49
N GLU H 231 35.68 -11.94 54.45
CA GLU H 231 37.02 -12.46 54.66
C GLU H 231 37.99 -11.37 55.10
N ALA H 232 37.74 -10.12 54.72
CA ALA H 232 38.65 -9.05 55.09
C ALA H 232 38.36 -8.47 56.48
N ALA H 233 37.26 -8.87 57.10
CA ALA H 233 36.98 -8.42 58.46
C ALA H 233 37.97 -9.02 59.44
N SER H 234 38.35 -8.25 60.44
CA SER H 234 39.31 -8.70 61.43
C SER H 234 38.88 -8.34 62.85
N PRO H 235 39.06 -9.28 63.79
CA PRO H 235 39.48 -10.64 63.49
C PRO H 235 38.27 -11.54 63.36
N SER H 236 38.48 -12.84 63.15
CA SER H 236 37.40 -13.81 63.06
C SER H 236 36.38 -13.47 61.98
N GLN H 237 36.76 -12.62 61.02
CA GLN H 237 35.96 -12.36 59.83
C GLN H 237 34.53 -11.98 60.18
N THR H 238 34.34 -11.27 61.29
CA THR H 238 33.02 -10.94 61.79
C THR H 238 33.01 -9.50 62.29
N VAL H 239 32.11 -8.70 61.71
CA VAL H 239 31.77 -7.38 62.24
C VAL H 239 30.27 -7.38 62.49
N GLN H 240 29.84 -6.83 63.62
CA GLN H 240 28.44 -6.83 63.97
C GLN H 240 28.07 -5.52 64.63
N ARG H 241 26.77 -5.25 64.69
CA ARG H 241 26.22 -4.11 65.41
C ARG H 241 24.89 -4.51 66.03
N ALA H 242 24.63 -4.01 67.22
CA ALA H 242 23.38 -4.26 67.92
C ALA H 242 22.42 -3.11 67.69
N VAL H 243 21.13 -3.43 67.70
CA VAL H 243 20.08 -2.43 67.56
C VAL H 243 18.92 -2.82 68.46
N SER H 244 18.26 -1.81 69.01
CA SER H 244 17.12 -2.01 69.89
C SER H 244 15.89 -1.34 69.29
N VAL H 245 14.72 -1.70 69.81
CA VAL H 245 13.49 -1.09 69.32
C VAL H 245 13.11 0.16 70.13
N ASN H 246 13.51 0.23 71.39
CA ASN H 246 13.26 1.42 72.19
C ASN H 246 14.57 2.05 72.65
N GLU I 2 52.77 -15.06 44.31
CA GLU I 2 53.01 -15.68 43.00
C GLU I 2 54.15 -16.69 43.07
N VAL I 3 54.01 -17.76 42.30
CA VAL I 3 55.02 -18.81 42.23
C VAL I 3 56.13 -18.39 41.27
N GLN I 4 57.38 -18.69 41.64
CA GLN I 4 58.53 -18.36 40.81
C GLN I 4 59.45 -19.58 40.73
N LEU I 5 60.12 -19.72 39.60
CA LEU I 5 61.01 -20.84 39.31
C LEU I 5 62.30 -20.32 38.73
N VAL I 6 63.43 -20.74 39.30
CA VAL I 6 64.75 -20.26 38.92
C VAL I 6 65.64 -21.47 38.63
N GLU I 7 65.96 -21.69 37.37
CA GLU I 7 66.93 -22.71 37.01
C GLU I 7 68.34 -22.25 37.33
N SER I 8 69.24 -23.22 37.41
CA SER I 8 70.66 -22.98 37.59
C SER I 8 71.37 -24.30 37.31
N GLY I 9 72.65 -24.19 36.96
CA GLY I 9 73.53 -25.34 36.84
C GLY I 9 73.93 -25.68 35.42
N GLY I 10 73.40 -24.99 34.43
CA GLY I 10 73.78 -25.24 33.06
C GLY I 10 75.14 -24.65 32.74
N GLY I 11 75.75 -25.17 31.70
CA GLY I 11 77.08 -24.74 31.32
C GLY I 11 77.72 -25.73 30.36
N LEU I 12 79.03 -25.55 30.18
CA LEU I 12 79.80 -26.32 29.22
C LEU I 12 80.26 -27.62 29.85
N VAL I 13 79.88 -28.74 29.24
CA VAL I 13 80.19 -30.07 29.76
C VAL I 13 80.51 -30.98 28.58
N GLN I 14 81.54 -31.85 28.76
CA GLN I 14 81.95 -32.78 27.73
C GLN I 14 81.05 -34.02 27.68
N PRO I 15 80.95 -34.66 26.51
CA PRO I 15 80.07 -35.82 26.38
C PRO I 15 80.41 -36.92 27.37
N ASP I 16 79.40 -37.73 27.69
CA ASP I 16 79.47 -38.87 28.59
C ASP I 16 79.71 -38.46 30.05
N GLY I 17 79.77 -37.17 30.35
CA GLY I 17 79.88 -36.72 31.72
C GLY I 17 78.52 -36.55 32.38
N SER I 18 78.56 -36.11 33.63
CA SER I 18 77.34 -35.84 34.38
C SER I 18 77.22 -34.34 34.66
N LEU I 19 75.99 -33.88 34.81
CA LEU I 19 75.73 -32.49 35.14
C LEU I 19 74.38 -32.42 35.84
N ARG I 20 74.33 -31.71 36.95
CA ARG I 20 73.12 -31.62 37.77
C ARG I 20 72.52 -30.22 37.65
N LEU I 21 71.25 -30.15 37.26
CA LEU I 21 70.52 -28.91 37.15
C LEU I 21 69.49 -28.82 38.27
N SER I 22 69.29 -27.61 38.80
CA SER I 22 68.39 -27.39 39.93
C SER I 22 67.39 -26.31 39.58
N CYS I 23 66.18 -26.45 40.11
CA CYS I 23 65.10 -25.48 39.90
C CYS I 23 64.58 -25.04 41.27
N ALA I 24 65.04 -23.89 41.74
CA ALA I 24 64.63 -23.38 43.03
C ALA I 24 63.23 -22.77 42.94
N VAL I 25 62.28 -23.36 43.65
CA VAL I 25 60.91 -22.87 43.68
C VAL I 25 60.75 -21.92 44.86
N SER I 26 60.09 -20.79 44.64
CA SER I 26 59.76 -19.86 45.70
C SER I 26 58.35 -19.34 45.49
N GLY I 27 57.60 -19.18 46.56
CA GLY I 27 56.21 -18.75 46.51
C GLY I 27 55.21 -19.87 46.69
N TYR I 28 55.63 -21.12 46.53
CA TYR I 28 54.76 -22.27 46.69
C TYR I 28 55.63 -23.45 47.05
N SER I 29 55.05 -24.39 47.79
CA SER I 29 55.77 -25.57 48.28
C SER I 29 55.47 -26.77 47.39
N ILE I 30 56.53 -27.42 46.90
CA ILE I 30 56.35 -28.48 45.92
C ILE I 30 55.71 -29.73 46.49
N THR I 31 55.55 -29.81 47.80
CA THR I 31 54.88 -30.94 48.43
C THR I 31 53.37 -30.79 48.46
N SER I 32 52.88 -29.56 48.33
CA SER I 32 51.46 -29.31 48.13
C SER I 32 51.12 -29.05 46.67
N GLY I 33 52.04 -29.35 45.75
CA GLY I 33 51.88 -29.18 44.30
C GLY I 33 50.72 -29.99 43.77
N TYR I 34 50.36 -30.04 42.47
CA TYR I 34 51.05 -29.61 41.25
C TYR I 34 52.20 -30.51 40.84
N SER I 35 52.36 -30.67 39.54
CA SER I 35 53.49 -31.40 38.98
C SER I 35 54.64 -30.45 38.70
N TRP I 36 55.84 -31.01 38.62
CA TRP I 36 57.05 -30.21 38.45
C TRP I 36 57.94 -30.89 37.43
N ASN I 37 58.23 -30.18 36.34
CA ASN I 37 58.73 -30.81 35.13
C ASN I 37 60.03 -30.17 34.70
N TRP I 38 60.69 -30.83 33.76
CA TRP I 38 61.79 -30.27 33.01
C TRP I 38 61.47 -30.40 31.52
N ILE I 39 61.61 -29.31 30.79
CA ILE I 39 61.30 -29.26 29.36
C ILE I 39 62.47 -28.58 28.66
N ARG I 40 62.99 -29.21 27.62
CA ARG I 40 64.20 -28.72 26.98
C ARG I 40 63.92 -28.37 25.54
N GLN I 41 64.87 -27.67 24.92
CA GLN I 41 64.69 -27.15 23.57
C GLN I 41 66.06 -27.02 22.91
N ALA I 42 66.35 -27.92 21.97
CA ALA I 42 67.57 -27.82 21.17
C ALA I 42 67.66 -26.46 20.51
N PRO I 43 68.88 -25.99 20.19
CA PRO I 43 69.01 -24.63 19.65
C PRO I 43 68.31 -24.48 18.31
N GLY I 44 67.25 -23.68 18.28
CA GLY I 44 66.52 -23.44 17.06
C GLY I 44 65.48 -24.48 16.70
N LYS I 45 65.28 -25.51 17.52
CA LYS I 45 64.32 -26.57 17.26
C LYS I 45 63.18 -26.52 18.28
N GLY I 46 62.34 -27.54 18.26
CA GLY I 46 61.13 -27.55 19.06
C GLY I 46 61.39 -27.83 20.53
N LEU I 47 60.31 -28.11 21.24
CA LEU I 47 60.34 -28.41 22.67
C LEU I 47 60.17 -29.90 22.89
N GLU I 48 60.74 -30.39 23.98
CA GLU I 48 60.67 -31.80 24.30
C GLU I 48 60.47 -31.96 25.79
N TRP I 49 59.44 -32.70 26.18
CA TRP I 49 59.23 -32.98 27.59
C TRP I 49 60.20 -34.05 28.05
N VAL I 50 60.62 -33.96 29.30
CA VAL I 50 61.71 -34.80 29.79
C VAL I 50 61.28 -35.63 30.99
N ALA I 51 60.94 -34.97 32.11
CA ALA I 51 60.62 -35.68 33.33
C ALA I 51 59.71 -34.81 34.20
N SER I 52 59.06 -35.44 35.17
CA SER I 52 58.13 -34.75 36.05
C SER I 52 58.05 -35.47 37.38
N VAL I 53 58.08 -34.71 38.47
CA VAL I 53 57.77 -35.20 39.80
C VAL I 53 56.50 -34.51 40.27
N THR I 54 55.55 -35.30 40.76
CA THR I 54 54.33 -34.75 41.34
C THR I 54 54.54 -34.46 42.83
N TYR I 55 53.50 -33.94 43.47
CA TYR I 55 53.64 -33.48 44.85
C TYR I 55 53.92 -34.63 45.82
N ASP I 56 53.43 -35.83 45.54
CA ASP I 56 53.65 -36.96 46.45
C ASP I 56 54.95 -37.71 46.17
N GLY I 57 55.65 -37.37 45.09
CA GLY I 57 56.88 -38.04 44.70
C GLY I 57 56.78 -38.90 43.46
N SER I 58 55.61 -38.98 42.85
CA SER I 58 55.42 -39.79 41.65
C SER I 58 56.23 -39.22 40.49
N THR I 59 57.15 -40.01 39.96
CA THR I 59 57.98 -39.60 38.83
C THR I 59 57.43 -40.15 37.52
N ASN I 60 57.68 -39.40 36.45
CA ASN I 60 57.40 -39.84 35.08
C ASN I 60 58.56 -39.39 34.20
N TYR I 61 58.89 -40.20 33.20
CA TYR I 61 60.00 -39.90 32.32
C TYR I 61 59.57 -40.08 30.86
N ASN I 62 60.32 -39.45 29.98
CA ASN I 62 60.17 -39.67 28.55
C ASN I 62 60.99 -40.89 28.14
N PRO I 63 60.40 -41.83 27.40
CA PRO I 63 61.19 -42.95 26.87
C PRO I 63 62.50 -42.52 26.21
N SER I 64 62.52 -41.39 25.49
CA SER I 64 63.70 -40.99 24.76
C SER I 64 64.86 -40.55 25.66
N VAL I 65 64.70 -40.57 26.99
CA VAL I 65 65.79 -40.19 27.89
C VAL I 65 65.85 -41.17 29.05
N LYS I 66 64.92 -42.11 29.10
CA LYS I 66 64.84 -43.01 30.25
C LYS I 66 66.14 -43.78 30.41
N GLY I 67 66.54 -43.99 31.66
CA GLY I 67 67.75 -44.72 31.96
C GLY I 67 68.91 -43.83 32.36
N ARG I 68 69.18 -42.81 31.56
CA ARG I 68 70.36 -41.95 31.74
C ARG I 68 70.03 -40.59 32.33
N ILE I 69 68.80 -40.38 32.79
CA ILE I 69 68.39 -39.09 33.32
C ILE I 69 67.43 -39.31 34.48
N THR I 70 67.57 -38.50 35.52
CA THR I 70 66.91 -38.75 36.79
C THR I 70 66.39 -37.45 37.39
N ILE I 71 65.13 -37.43 37.79
CA ILE I 71 64.55 -36.30 38.49
C ILE I 71 64.44 -36.63 39.97
N SER I 72 64.63 -35.63 40.80
CA SER I 72 64.58 -35.81 42.25
C SER I 72 64.30 -34.45 42.86
N ARG I 73 63.95 -34.46 44.14
CA ARG I 73 63.59 -33.22 44.81
C ARG I 73 64.26 -33.15 46.17
N ASP I 74 64.09 -32.00 46.81
CA ASP I 74 64.60 -31.77 48.16
C ASP I 74 63.56 -30.89 48.85
N ASP I 75 62.68 -31.53 49.63
CA ASP I 75 61.65 -30.78 50.34
C ASP I 75 62.24 -29.72 51.25
N SER I 76 63.39 -30.01 51.87
CA SER I 76 64.00 -29.08 52.82
C SER I 76 64.52 -27.83 52.12
N LYS I 77 64.92 -27.93 50.86
CA LYS I 77 65.36 -26.79 50.07
C LYS I 77 64.28 -26.29 49.11
N ASN I 78 63.14 -26.97 49.05
CA ASN I 78 62.06 -26.64 48.11
C ASN I 78 62.61 -26.49 46.68
N THR I 79 63.57 -27.33 46.35
CA THR I 79 64.18 -27.37 45.04
C THR I 79 64.02 -28.78 44.48
N PHE I 80 63.85 -28.88 43.18
CA PHE I 80 63.91 -30.17 42.52
C PHE I 80 64.93 -30.13 41.40
N TYR I 81 65.52 -31.28 41.12
CA TYR I 81 66.72 -31.37 40.33
C TYR I 81 66.49 -32.27 39.12
N LEU I 82 67.35 -32.10 38.12
CA LEU I 82 67.38 -32.98 36.96
C LEU I 82 68.79 -33.54 36.86
N GLN I 83 68.96 -34.80 37.24
CA GLN I 83 70.27 -35.44 37.17
C GLN I 83 70.50 -35.95 35.76
N MET I 84 71.61 -35.54 35.16
CA MET I 84 71.93 -35.88 33.78
C MET I 84 73.23 -36.68 33.77
N ASN I 85 73.11 -37.97 33.45
CA ASN I 85 74.27 -38.84 33.34
C ASN I 85 74.42 -39.27 31.88
N SER I 86 75.67 -39.47 31.46
CA SER I 86 75.98 -39.74 30.06
C SER I 86 75.39 -38.66 29.16
N LEU I 87 75.99 -37.49 29.26
CA LEU I 87 75.57 -36.38 28.43
C LEU I 87 75.86 -36.70 26.97
N ARG I 88 74.82 -36.66 26.15
CA ARG I 88 74.96 -36.88 24.72
C ARG I 88 74.90 -35.56 23.97
N ALA I 89 75.30 -35.59 22.70
CA ALA I 89 75.21 -34.40 21.87
C ALA I 89 73.79 -33.87 21.81
N GLU I 90 72.81 -34.76 21.64
CA GLU I 90 71.42 -34.36 21.57
C GLU I 90 70.93 -33.64 22.82
N ASP I 91 71.71 -33.66 23.90
CA ASP I 91 71.33 -32.99 25.14
C ASP I 91 71.68 -31.52 25.17
N THR I 92 72.26 -30.98 24.09
CA THR I 92 72.57 -29.56 24.03
C THR I 92 71.28 -28.78 23.83
N ALA I 93 70.84 -28.07 24.85
CA ALA I 93 69.53 -27.43 24.83
C ALA I 93 69.42 -26.47 25.99
N VAL I 94 68.32 -25.71 26.01
CA VAL I 94 67.98 -24.84 27.13
C VAL I 94 66.91 -25.57 27.95
N TYR I 95 67.17 -25.75 29.25
CA TYR I 95 66.32 -26.56 30.11
C TYR I 95 65.44 -25.66 30.96
N TYR I 96 64.14 -25.71 30.72
CA TYR I 96 63.16 -24.98 31.52
C TYR I 96 62.52 -25.92 32.53
N CYS I 97 62.35 -25.44 33.76
CA CYS I 97 61.49 -26.15 34.70
C CYS I 97 60.13 -25.47 34.74
N ALA I 98 59.09 -26.25 34.98
CA ALA I 98 57.75 -25.75 34.82
C ALA I 98 56.81 -26.45 35.79
N ARG I 99 55.86 -25.68 36.32
CA ARG I 99 54.80 -26.20 37.16
C ARG I 99 53.59 -26.52 36.30
N GLY I 100 53.08 -27.76 36.42
CA GLY I 100 51.95 -28.19 35.65
C GLY I 100 50.67 -28.11 36.47
N SER I 101 49.71 -27.36 35.94
CA SER I 101 48.39 -27.38 36.55
C SER I 101 47.61 -28.60 36.06
N HIS I 102 46.63 -29.02 36.84
CA HIS I 102 45.95 -30.28 36.62
C HIS I 102 44.54 -30.07 36.07
N TYR I 103 44.16 -30.93 35.13
CA TYR I 103 42.83 -30.86 34.53
C TYR I 103 42.41 -32.29 34.19
N PHE I 104 41.67 -32.91 35.12
CA PHE I 104 40.99 -34.19 34.89
C PHE I 104 41.93 -35.27 34.37
N GLY I 105 43.06 -35.43 35.06
CA GLY I 105 44.03 -36.45 34.73
C GLY I 105 45.11 -36.02 33.77
N HIS I 106 45.02 -34.82 33.20
CA HIS I 106 45.96 -34.32 32.22
C HIS I 106 46.49 -32.98 32.68
N TRP I 107 47.72 -32.66 32.30
CA TRP I 107 48.43 -31.53 32.86
C TRP I 107 48.86 -30.56 31.78
N HIS I 108 48.75 -29.26 32.07
CA HIS I 108 49.31 -28.22 31.23
C HIS I 108 50.31 -27.39 32.03
N PHE I 109 51.30 -26.84 31.34
CA PHE I 109 52.47 -26.19 31.95
C PHE I 109 52.21 -24.69 32.01
N ALA I 110 51.74 -24.23 33.18
CA ALA I 110 51.23 -22.86 33.36
C ALA I 110 52.30 -21.89 33.81
N VAL I 111 53.28 -22.34 34.58
CA VAL I 111 54.31 -21.46 35.15
C VAL I 111 55.67 -21.99 34.73
N TRP I 112 56.50 -21.13 34.15
CA TRP I 112 57.80 -21.50 33.62
C TRP I 112 58.91 -20.69 34.28
N GLY I 113 60.14 -21.17 34.12
CA GLY I 113 61.31 -20.48 34.59
C GLY I 113 62.06 -19.79 33.47
N GLN I 114 63.16 -19.14 33.85
CA GLN I 114 64.03 -18.50 32.86
C GLN I 114 64.67 -19.51 31.93
N GLY I 115 64.98 -20.70 32.43
CA GLY I 115 65.73 -21.69 31.68
C GLY I 115 67.21 -21.59 31.94
N THR I 116 67.91 -22.68 31.61
CA THR I 116 69.35 -22.74 31.78
C THR I 116 69.97 -23.45 30.58
N LEU I 117 71.13 -22.97 30.14
CA LEU I 117 71.77 -23.47 28.93
C LEU I 117 72.79 -24.54 29.25
N VAL I 118 72.62 -25.72 28.65
CA VAL I 118 73.60 -26.80 28.73
C VAL I 118 74.22 -26.97 27.35
N THR I 119 75.55 -27.04 27.31
CA THR I 119 76.27 -27.19 26.05
C THR I 119 77.17 -28.42 26.12
N VAL I 120 77.00 -29.32 25.16
CA VAL I 120 77.78 -30.55 25.10
C VAL I 120 78.96 -30.33 24.14
N SER I 121 80.17 -30.46 24.68
CA SER I 121 81.38 -30.21 23.89
C SER I 121 81.50 -31.22 22.75
N SER I 122 82.45 -30.95 21.85
CA SER I 122 82.71 -31.82 20.71
C SER I 122 83.59 -33.01 21.09
N GLY J 1 59.02 -43.27 18.78
CA GLY J 1 58.45 -44.48 18.22
C GLY J 1 56.95 -44.41 18.02
N SER J 2 56.20 -44.64 19.10
CA SER J 2 54.75 -44.55 19.07
C SER J 2 54.27 -43.32 19.84
N ASP J 3 55.11 -42.30 19.95
CA ASP J 3 54.64 -41.01 20.43
C ASP J 3 53.53 -40.50 19.55
N ILE J 4 52.78 -39.52 20.06
CA ILE J 4 51.81 -38.82 19.26
C ILE J 4 52.53 -37.64 18.61
N GLN J 5 52.78 -37.73 17.31
CA GLN J 5 53.44 -36.66 16.59
C GLN J 5 52.46 -35.53 16.33
N LEU J 6 52.93 -34.29 16.48
CA LEU J 6 52.13 -33.09 16.23
C LEU J 6 52.77 -32.30 15.09
N THR J 7 52.03 -32.15 14.00
CA THR J 7 52.46 -31.35 12.86
C THR J 7 51.69 -30.04 12.88
N GLN J 8 52.40 -28.93 12.77
CA GLN J 8 51.81 -27.60 12.76
C GLN J 8 51.90 -26.99 11.36
N SER J 9 50.96 -26.10 11.07
CA SER J 9 50.98 -25.37 9.81
C SER J 9 50.22 -24.05 9.87
N PRO J 10 50.76 -22.99 9.24
CA PRO J 10 52.05 -22.98 8.55
C PRO J 10 53.22 -23.00 9.51
N SER J 11 54.38 -23.50 9.08
CA SER J 11 55.53 -23.53 9.96
C SER J 11 56.15 -22.15 10.14
N SER J 12 55.84 -21.21 9.25
CA SER J 12 56.35 -19.85 9.32
C SER J 12 55.39 -18.95 8.54
N LEU J 13 55.09 -17.78 9.08
CA LEU J 13 54.18 -16.87 8.39
C LEU J 13 54.52 -15.42 8.71
N SER J 14 54.31 -14.55 7.73
CA SER J 14 54.52 -13.11 7.86
C SER J 14 53.17 -12.40 7.91
N ALA J 15 53.02 -11.48 8.85
CA ALA J 15 51.76 -10.76 8.95
C ALA J 15 52.03 -9.34 9.42
N SER J 16 51.00 -8.51 9.28
CA SER J 16 51.00 -7.13 9.74
C SER J 16 50.09 -7.00 10.95
N VAL J 17 50.23 -5.87 11.65
CA VAL J 17 49.41 -5.62 12.84
C VAL J 17 47.95 -5.42 12.43
N GLY J 18 47.05 -6.02 13.20
CA GLY J 18 45.64 -6.05 12.87
C GLY J 18 45.21 -7.25 12.07
N ASP J 19 46.16 -7.96 11.46
CA ASP J 19 45.86 -9.13 10.64
C ASP J 19 45.28 -10.26 11.49
N ARG J 20 44.65 -11.20 10.81
CA ARG J 20 44.09 -12.38 11.46
C ARG J 20 44.96 -13.57 11.12
N VAL J 21 45.42 -14.28 12.14
CA VAL J 21 46.34 -15.40 11.97
C VAL J 21 45.62 -16.68 12.35
N THR J 22 45.75 -17.71 11.51
CA THR J 22 45.19 -19.02 11.75
C THR J 22 46.33 -20.04 11.70
N ILE J 23 46.55 -20.72 12.82
CA ILE J 23 47.62 -21.72 12.96
C ILE J 23 46.96 -23.08 13.17
N THR J 24 47.41 -24.08 12.42
CA THR J 24 46.85 -25.42 12.49
C THR J 24 47.81 -26.36 13.21
N CYS J 25 47.25 -27.30 13.97
CA CYS J 25 48.01 -28.33 14.67
C CYS J 25 47.29 -29.67 14.47
N ARG J 26 47.82 -30.50 13.59
CA ARG J 26 47.24 -31.81 13.30
C ARG J 26 48.02 -32.88 14.04
N ALA J 27 47.30 -33.86 14.59
CA ALA J 27 47.87 -34.88 15.46
C ALA J 27 47.82 -36.25 14.80
N SER J 28 48.84 -37.06 15.11
CA SER J 28 48.91 -38.42 14.58
C SER J 28 47.88 -39.35 15.21
N GLN J 29 47.38 -39.03 16.40
CA GLN J 29 46.33 -39.80 17.03
C GLN J 29 45.31 -38.84 17.64
N SER J 30 44.13 -39.37 17.94
CA SER J 30 43.13 -38.57 18.62
C SER J 30 43.58 -38.26 20.04
N VAL J 31 43.33 -37.03 20.47
CA VAL J 31 43.66 -36.60 21.82
C VAL J 31 42.39 -36.34 22.64
N ASP J 32 41.27 -36.92 22.22
CA ASP J 32 40.00 -36.78 22.91
C ASP J 32 39.89 -37.78 24.06
N SER J 33 39.19 -37.34 25.11
CA SER J 33 38.85 -38.19 26.24
C SER J 33 37.78 -37.50 27.09
N ASP J 34 36.66 -38.18 27.32
CA ASP J 34 35.63 -37.73 28.25
C ASP J 34 35.01 -36.40 27.84
N GLY J 35 34.87 -36.16 26.54
CA GLY J 35 34.25 -34.94 26.05
C GLY J 35 35.15 -33.73 25.99
N ASP J 36 36.46 -33.92 26.09
CA ASP J 36 37.43 -32.82 25.97
C ASP J 36 38.58 -33.26 25.10
N SER J 37 39.34 -32.29 24.61
CA SER J 37 40.51 -32.54 23.76
C SER J 37 41.70 -31.88 24.42
N TYR J 38 42.71 -32.68 24.75
CA TYR J 38 43.78 -32.20 25.62
C TYR J 38 44.96 -31.73 24.76
N MET J 39 44.71 -30.61 24.09
CA MET J 39 45.70 -29.93 23.27
C MET J 39 45.84 -28.51 23.77
N ASN J 40 47.05 -28.14 24.20
CA ASN J 40 47.30 -26.82 24.75
C ASN J 40 48.15 -26.00 23.78
N TRP J 41 48.15 -24.69 23.99
CA TRP J 41 48.81 -23.76 23.10
C TRP J 41 49.72 -22.86 23.91
N TYR J 42 50.96 -22.68 23.43
CA TYR J 42 51.95 -21.85 24.11
C TYR J 42 52.47 -20.77 23.18
N GLN J 43 52.94 -19.68 23.77
CA GLN J 43 53.59 -18.59 23.05
C GLN J 43 55.02 -18.46 23.55
N GLN J 44 55.96 -18.24 22.65
CA GLN J 44 57.37 -18.07 23.02
C GLN J 44 57.96 -16.89 22.26
N LYS J 45 57.97 -15.73 22.91
CA LYS J 45 58.70 -14.60 22.36
C LYS J 45 60.19 -14.89 22.39
N PRO J 46 60.95 -14.39 21.42
CA PRO J 46 62.34 -14.82 21.28
C PRO J 46 63.16 -14.60 22.54
N GLY J 47 63.97 -15.60 22.88
CA GLY J 47 64.88 -15.51 24.01
C GLY J 47 64.25 -15.67 25.37
N LYS J 48 62.94 -15.87 25.45
CA LYS J 48 62.27 -15.99 26.73
C LYS J 48 61.54 -17.32 26.81
N ALA J 49 61.04 -17.62 28.01
CA ALA J 49 60.37 -18.89 28.24
C ALA J 49 59.00 -18.92 27.57
N PRO J 50 58.50 -20.11 27.26
CA PRO J 50 57.12 -20.23 26.75
C PRO J 50 56.12 -19.71 27.76
N LYS J 51 54.90 -19.51 27.29
CA LYS J 51 53.81 -18.97 28.09
C LYS J 51 52.53 -19.69 27.68
N LEU J 52 51.82 -20.23 28.65
CA LEU J 52 50.58 -20.94 28.35
C LEU J 52 49.50 -19.96 27.91
N LEU J 53 48.87 -20.24 26.77
CA LEU J 53 47.75 -19.45 26.28
C LEU J 53 46.42 -20.15 26.49
N ILE J 54 46.26 -21.33 25.91
CA ILE J 54 45.01 -22.07 25.95
C ILE J 54 45.30 -23.48 26.43
N TYR J 55 44.35 -24.06 27.15
CA TYR J 55 44.45 -25.45 27.53
C TYR J 55 43.14 -26.18 27.20
N ALA J 56 43.25 -27.49 27.06
CA ALA J 56 42.13 -28.37 26.71
C ALA J 56 41.41 -27.85 25.47
N ALA J 57 42.21 -27.48 24.47
CA ALA J 57 41.78 -27.04 23.14
C ALA J 57 41.26 -25.63 23.14
N SER J 58 40.30 -25.31 24.02
CA SER J 58 39.53 -24.09 23.88
C SER J 58 39.48 -23.18 25.11
N TYR J 59 39.95 -23.63 26.27
CA TYR J 59 39.82 -22.85 27.50
C TYR J 59 40.99 -21.88 27.62
N LEU J 60 40.66 -20.60 27.77
CA LEU J 60 41.68 -19.55 27.82
C LEU J 60 42.27 -19.47 29.21
N GLU J 61 43.60 -19.52 29.27
CA GLU J 61 44.28 -19.42 30.56
C GLU J 61 44.07 -18.03 31.15
N SER J 62 43.95 -17.98 32.47
CA SER J 62 43.68 -16.74 33.16
C SER J 62 44.74 -15.69 32.80
N GLY J 63 44.28 -14.46 32.57
CA GLY J 63 45.16 -13.37 32.24
C GLY J 63 45.56 -13.27 30.79
N VAL J 64 45.06 -14.15 29.93
CA VAL J 64 45.41 -14.13 28.51
C VAL J 64 44.36 -13.33 27.77
N PRO J 65 44.76 -12.43 26.86
CA PRO J 65 43.77 -11.66 26.11
C PRO J 65 42.80 -12.56 25.36
N SER J 66 41.60 -12.05 25.13
CA SER J 66 40.53 -12.82 24.50
C SER J 66 40.74 -13.01 23.00
N ARG J 67 41.64 -12.25 22.38
CA ARG J 67 41.86 -12.39 20.94
C ARG J 67 42.47 -13.73 20.58
N PHE J 68 43.01 -14.45 21.55
CA PHE J 68 43.44 -15.83 21.35
C PHE J 68 42.28 -16.76 21.63
N SER J 69 41.95 -17.60 20.66
CA SER J 69 40.91 -18.59 20.85
C SER J 69 41.38 -19.93 20.28
N GLY J 70 40.87 -21.00 20.89
CA GLY J 70 41.22 -22.35 20.49
C GLY J 70 39.98 -23.09 20.03
N SER J 71 40.18 -23.96 19.05
CA SER J 71 39.08 -24.72 18.46
C SER J 71 39.63 -26.04 17.97
N GLY J 72 38.71 -26.96 17.69
CA GLY J 72 39.04 -28.26 17.14
C GLY J 72 38.75 -29.38 18.13
N SER J 73 38.87 -30.59 17.61
CA SER J 73 38.69 -31.81 18.39
C SER J 73 39.32 -32.94 17.60
N GLY J 74 39.51 -34.07 18.26
CA GLY J 74 40.06 -35.23 17.59
C GLY J 74 41.50 -35.03 17.19
N THR J 75 41.75 -34.89 15.88
CA THR J 75 43.09 -34.71 15.35
C THR J 75 43.28 -33.38 14.64
N ASP J 76 42.36 -32.44 14.80
CA ASP J 76 42.33 -31.22 14.00
C ASP J 76 42.09 -30.04 14.92
N PHE J 77 43.13 -29.23 15.13
CA PHE J 77 43.07 -28.12 16.08
C PHE J 77 43.63 -26.86 15.45
N THR J 78 43.11 -25.72 15.89
CA THR J 78 43.45 -24.43 15.31
C THR J 78 43.54 -23.38 16.40
N LEU J 79 44.64 -22.64 16.40
CA LEU J 79 44.76 -21.41 17.16
C LEU J 79 44.41 -20.23 16.26
N THR J 80 43.68 -19.27 16.81
CA THR J 80 43.25 -18.09 16.07
C THR J 80 43.64 -16.84 16.86
N ILE J 81 44.35 -15.93 16.20
CA ILE J 81 44.65 -14.62 16.75
C ILE J 81 43.83 -13.63 15.93
N SER J 82 42.74 -13.13 16.52
CA SER J 82 41.75 -12.39 15.72
C SER J 82 42.30 -11.06 15.24
N SER J 83 43.04 -10.34 16.08
CA SER J 83 43.62 -9.04 15.72
C SER J 83 45.06 -9.01 16.21
N LEU J 84 45.99 -9.26 15.30
CA LEU J 84 47.39 -9.41 15.67
C LEU J 84 47.94 -8.12 16.26
N GLN J 85 48.24 -8.15 17.55
CA GLN J 85 48.92 -7.04 18.21
C GLN J 85 50.42 -7.11 17.92
N PRO J 86 51.15 -6.03 18.17
CA PRO J 86 52.59 -6.06 17.89
C PRO J 86 53.38 -6.93 18.85
N GLU J 87 52.89 -7.13 20.06
CA GLU J 87 53.53 -8.02 21.02
C GLU J 87 53.21 -9.49 20.76
N ASP J 88 52.69 -9.84 19.59
CA ASP J 88 52.27 -11.20 19.29
C ASP J 88 53.19 -11.90 18.31
N PHE J 89 54.22 -11.23 17.80
CA PHE J 89 55.17 -11.88 16.89
C PHE J 89 56.10 -12.76 17.71
N ALA J 90 55.91 -14.06 17.59
CA ALA J 90 56.59 -15.05 18.41
C ALA J 90 56.33 -16.40 17.77
N THR J 91 56.88 -17.45 18.35
CA THR J 91 56.62 -18.79 17.89
C THR J 91 55.56 -19.44 18.77
N TYR J 92 54.61 -20.13 18.15
CA TYR J 92 53.48 -20.74 18.84
C TYR J 92 53.56 -22.25 18.73
N TYR J 93 53.54 -22.93 19.87
CA TYR J 93 53.66 -24.38 19.95
C TYR J 93 52.35 -24.99 20.44
N CYS J 94 51.97 -26.11 19.84
CA CYS J 94 50.89 -26.93 20.38
C CYS J 94 51.48 -28.12 21.11
N GLN J 95 50.70 -28.68 22.01
CA GLN J 95 51.16 -29.74 22.89
C GLN J 95 49.96 -30.56 23.34
N GLN J 96 50.07 -31.88 23.24
CA GLN J 96 48.98 -32.76 23.66
C GLN J 96 49.29 -33.34 25.03
N SER J 97 48.25 -33.45 25.86
CA SER J 97 48.35 -34.02 27.20
C SER J 97 47.49 -35.26 27.34
N HIS J 98 47.19 -35.92 26.23
CA HIS J 98 46.29 -37.07 26.25
C HIS J 98 46.99 -38.31 26.80
N GLU J 99 48.23 -38.55 26.42
CA GLU J 99 48.92 -39.76 26.86
C GLU J 99 50.41 -39.50 26.94
N ASP J 100 51.08 -40.30 27.75
CA ASP J 100 52.53 -40.20 27.89
C ASP J 100 53.22 -40.85 26.71
N PRO J 101 54.31 -40.24 26.23
CA PRO J 101 54.89 -38.99 26.74
C PRO J 101 54.29 -37.75 26.10
N TYR J 102 54.18 -36.67 26.88
CA TYR J 102 53.67 -35.41 26.35
C TYR J 102 54.59 -34.91 25.24
N THR J 103 53.99 -34.53 24.11
CA THR J 103 54.74 -34.12 22.93
C THR J 103 54.27 -32.77 22.46
N PHE J 104 55.19 -32.01 21.88
CA PHE J 104 54.90 -30.71 21.31
C PHE J 104 54.82 -30.80 19.78
N GLY J 105 54.37 -29.73 19.18
CA GLY J 105 54.56 -29.51 17.76
C GLY J 105 55.94 -28.93 17.51
N GLN J 106 56.17 -28.52 16.28
CA GLN J 106 57.46 -27.94 15.91
C GLN J 106 57.46 -26.42 15.94
N GLY J 107 56.31 -25.80 16.10
CA GLY J 107 56.25 -24.36 16.22
C GLY J 107 55.88 -23.67 14.92
N THR J 108 55.13 -22.59 15.03
CA THR J 108 54.79 -21.71 13.93
C THR J 108 55.42 -20.35 14.23
N LYS J 109 56.44 -19.97 13.46
CA LYS J 109 57.05 -18.66 13.63
C LYS J 109 56.14 -17.62 13.01
N VAL J 110 55.62 -16.72 13.84
CA VAL J 110 54.86 -15.57 13.36
C VAL J 110 55.81 -14.39 13.32
N GLU J 111 56.15 -13.95 12.11
CA GLU J 111 57.09 -12.86 11.89
C GLU J 111 56.36 -11.65 11.32
N ILE J 112 56.92 -10.48 11.57
CA ILE J 112 56.34 -9.23 11.09
C ILE J 112 56.81 -8.97 9.66
N LYS J 113 55.87 -8.62 8.80
CA LYS J 113 56.17 -8.30 7.42
C LYS J 113 57.11 -7.09 7.36
N GLY J 114 58.26 -7.27 6.73
CA GLY J 114 59.27 -6.22 6.69
C GLY J 114 60.27 -6.31 7.81
N GLU K 2 -50.63 14.51 -24.22
CA GLU K 2 -51.73 15.00 -23.39
C GLU K 2 -53.00 15.27 -24.20
N VAL K 3 -52.92 15.10 -25.52
CA VAL K 3 -54.09 15.24 -26.37
C VAL K 3 -54.99 14.03 -26.18
N GLN K 4 -56.30 14.24 -26.22
CA GLN K 4 -57.29 13.20 -25.98
C GLN K 4 -58.51 13.39 -26.85
N LEU K 5 -59.09 12.28 -27.29
CA LEU K 5 -60.24 12.27 -28.18
C LEU K 5 -61.25 11.26 -27.65
N VAL K 6 -62.51 11.69 -27.50
CA VAL K 6 -63.55 10.88 -26.88
C VAL K 6 -64.79 10.88 -27.78
N GLU K 7 -65.18 9.71 -28.25
CA GLU K 7 -66.34 9.56 -29.11
C GLU K 7 -67.60 9.32 -28.30
N SER K 8 -68.74 9.67 -28.87
CA SER K 8 -70.02 9.41 -28.25
C SER K 8 -71.10 9.49 -29.31
N GLY K 9 -72.24 8.88 -29.02
CA GLY K 9 -73.41 8.91 -29.89
C GLY K 9 -73.86 7.57 -30.40
N GLY K 10 -73.01 6.55 -30.36
CA GLY K 10 -73.33 5.28 -31.00
C GLY K 10 -74.44 4.52 -30.32
N GLY K 11 -74.84 3.43 -30.94
CA GLY K 11 -75.89 2.59 -30.40
C GLY K 11 -76.67 1.92 -31.51
N LEU K 12 -77.84 1.41 -31.16
CA LEU K 12 -78.72 0.72 -32.09
C LEU K 12 -79.61 1.75 -32.77
N VAL K 13 -79.54 1.81 -34.10
CA VAL K 13 -80.31 2.75 -34.89
C VAL K 13 -81.04 1.99 -35.99
N GLN K 14 -82.29 2.35 -36.24
CA GLN K 14 -83.02 1.79 -37.36
C GLN K 14 -82.40 2.27 -38.67
N PRO K 15 -82.46 1.46 -39.72
CA PRO K 15 -81.97 1.91 -41.03
C PRO K 15 -82.76 3.10 -41.55
N ASP K 16 -82.18 3.79 -42.53
CA ASP K 16 -82.80 4.96 -43.17
C ASP K 16 -82.95 6.14 -42.24
N GLY K 17 -82.29 6.10 -41.09
CA GLY K 17 -82.41 7.15 -40.08
C GLY K 17 -81.07 7.76 -39.78
N SER K 18 -81.03 9.08 -39.63
CA SER K 18 -79.79 9.79 -39.42
C SER K 18 -79.21 9.50 -38.03
N LEU K 19 -77.92 9.79 -37.88
CA LEU K 19 -77.23 9.63 -36.61
C LEU K 19 -76.03 10.58 -36.56
N ARG K 20 -75.90 11.30 -35.45
CA ARG K 20 -74.83 12.25 -35.24
C ARG K 20 -73.89 11.72 -34.17
N LEU K 21 -72.58 11.74 -34.45
CA LEU K 21 -71.58 11.31 -33.51
C LEU K 21 -70.73 12.50 -33.11
N SER K 22 -70.30 12.54 -31.86
CA SER K 22 -69.46 13.62 -31.36
C SER K 22 -68.06 13.10 -31.09
N CYS K 23 -67.07 13.99 -31.20
CA CYS K 23 -65.71 13.69 -30.78
C CYS K 23 -65.20 14.93 -30.03
N ALA K 24 -65.21 14.86 -28.71
CA ALA K 24 -64.76 15.95 -27.86
C ALA K 24 -63.27 15.84 -27.62
N VAL K 25 -62.56 16.93 -27.90
CA VAL K 25 -61.09 16.96 -27.84
C VAL K 25 -60.68 17.75 -26.61
N SER K 26 -59.69 17.22 -25.87
CA SER K 26 -59.09 17.94 -24.75
C SER K 26 -57.58 17.91 -24.89
N GLY K 27 -56.92 18.85 -24.21
CA GLY K 27 -55.49 19.03 -24.33
C GLY K 27 -55.04 19.80 -25.54
N TYR K 28 -55.87 19.92 -26.56
CA TYR K 28 -55.52 20.69 -27.74
C TYR K 28 -56.78 21.33 -28.27
N SER K 29 -56.61 22.39 -29.06
CA SER K 29 -57.71 23.14 -29.64
C SER K 29 -57.82 22.81 -31.12
N ILE K 30 -59.00 22.39 -31.57
CA ILE K 30 -59.11 21.90 -32.94
C ILE K 30 -58.92 22.98 -33.99
N THR K 31 -58.93 24.25 -33.61
CA THR K 31 -58.66 25.33 -34.56
C THR K 31 -57.19 25.65 -34.72
N SER K 32 -56.33 25.17 -33.82
CA SER K 32 -54.90 25.33 -33.96
C SER K 32 -54.25 24.12 -34.62
N GLY K 33 -55.03 23.08 -34.95
CA GLY K 33 -54.60 21.77 -35.43
C GLY K 33 -53.65 21.78 -36.62
N TYR K 34 -53.23 20.66 -37.22
CA TYR K 34 -53.67 19.26 -37.11
C TYR K 34 -55.00 19.05 -37.80
N SER K 35 -55.12 17.89 -38.44
CA SER K 35 -56.34 17.44 -39.08
C SER K 35 -57.08 16.47 -38.17
N TRP K 36 -58.41 16.49 -38.28
CA TRP K 36 -59.30 15.80 -37.35
C TRP K 36 -60.20 14.88 -38.16
N ASN K 37 -60.01 13.58 -37.98
CA ASN K 37 -60.48 12.57 -38.93
C ASN K 37 -61.43 11.60 -38.25
N TRP K 38 -62.33 11.03 -39.06
CA TRP K 38 -63.25 9.99 -38.65
C TRP K 38 -62.93 8.69 -39.39
N ILE K 39 -62.71 7.62 -38.64
CA ILE K 39 -62.31 6.34 -39.22
C ILE K 39 -63.10 5.22 -38.57
N ARG K 40 -63.71 4.37 -39.38
CA ARG K 40 -64.59 3.32 -38.88
C ARG K 40 -64.06 1.95 -39.23
N GLN K 41 -64.73 0.93 -38.68
CA GLN K 41 -64.26 -0.44 -38.77
C GLN K 41 -65.46 -1.36 -38.64
N ALA K 42 -65.88 -1.97 -39.74
CA ALA K 42 -66.97 -2.92 -39.70
C ALA K 42 -66.58 -4.10 -38.83
N PRO K 43 -67.53 -4.66 -38.06
CA PRO K 43 -67.16 -5.68 -37.06
C PRO K 43 -66.47 -6.87 -37.71
N GLY K 44 -65.26 -7.16 -37.25
CA GLY K 44 -64.45 -8.20 -37.84
C GLY K 44 -63.88 -7.85 -39.19
N LYS K 45 -63.76 -6.58 -39.53
CA LYS K 45 -63.27 -6.20 -40.85
C LYS K 45 -62.18 -5.14 -40.73
N GLY K 46 -61.83 -4.52 -41.85
CA GLY K 46 -60.73 -3.57 -41.89
C GLY K 46 -61.16 -2.16 -41.51
N LEU K 47 -60.17 -1.27 -41.53
CA LEU K 47 -60.39 0.14 -41.24
C LEU K 47 -60.67 0.91 -42.52
N GLU K 48 -61.57 1.88 -42.43
CA GLU K 48 -61.94 2.71 -43.57
C GLU K 48 -61.95 4.17 -43.12
N TRP K 49 -61.17 5.00 -43.80
CA TRP K 49 -61.18 6.44 -43.53
C TRP K 49 -62.40 7.07 -44.17
N VAL K 50 -63.05 7.97 -43.44
CA VAL K 50 -64.37 8.49 -43.81
C VAL K 50 -64.32 9.97 -44.18
N ALA K 51 -63.77 10.81 -43.30
CA ALA K 51 -63.79 12.25 -43.54
C ALA K 51 -62.77 12.94 -42.63
N SER K 52 -62.60 14.25 -42.86
CA SER K 52 -61.67 15.07 -42.08
C SER K 52 -61.99 16.55 -42.23
N VAL K 53 -61.67 17.32 -41.19
CA VAL K 53 -61.54 18.77 -41.26
C VAL K 53 -60.17 19.13 -40.72
N THR K 54 -59.40 19.88 -41.49
CA THR K 54 -58.16 20.40 -40.95
C THR K 54 -58.49 21.60 -40.06
N TYR K 55 -57.46 22.25 -39.52
CA TYR K 55 -57.70 23.29 -38.52
C TYR K 55 -58.43 24.48 -39.09
N ASP K 56 -58.19 24.80 -40.35
CA ASP K 56 -58.81 25.96 -40.99
C ASP K 56 -60.27 25.72 -41.33
N GLY K 57 -60.77 24.50 -41.22
CA GLY K 57 -62.12 24.19 -41.56
C GLY K 57 -62.32 23.57 -42.92
N SER K 58 -61.24 23.15 -43.58
CA SER K 58 -61.36 22.53 -44.89
C SER K 58 -61.76 21.07 -44.75
N THR K 59 -62.81 20.67 -45.46
CA THR K 59 -63.34 19.33 -45.34
C THR K 59 -62.77 18.44 -46.44
N ASN K 60 -62.90 17.14 -46.24
CA ASN K 60 -62.44 16.13 -47.18
C ASN K 60 -63.23 14.86 -46.88
N TYR K 61 -63.80 14.23 -47.90
CA TYR K 61 -64.62 13.06 -47.70
C TYR K 61 -64.14 11.91 -48.56
N ASN K 62 -64.41 10.69 -48.09
CA ASN K 62 -64.19 9.49 -48.87
C ASN K 62 -65.28 9.38 -49.93
N PRO K 63 -64.93 9.20 -51.19
CA PRO K 63 -65.96 9.09 -52.24
C PRO K 63 -67.07 8.10 -51.92
N SER K 64 -66.80 7.09 -51.09
CA SER K 64 -67.77 6.04 -50.85
C SER K 64 -68.96 6.49 -50.00
N VAL K 65 -68.88 7.64 -49.34
CA VAL K 65 -69.96 8.11 -48.48
C VAL K 65 -70.20 9.60 -48.73
N LYS K 66 -69.74 10.09 -49.88
CA LYS K 66 -69.61 11.53 -50.11
C LYS K 66 -70.95 12.25 -50.00
N GLY K 67 -72.01 11.67 -50.59
CA GLY K 67 -73.29 12.38 -50.62
C GLY K 67 -73.91 12.53 -49.25
N ARG K 68 -73.96 11.44 -48.50
CA ARG K 68 -74.82 11.33 -47.32
C ARG K 68 -74.07 11.43 -46.00
N ILE K 69 -72.86 11.98 -45.99
CA ILE K 69 -72.13 12.18 -44.75
C ILE K 69 -71.61 13.62 -44.70
N THR K 70 -71.62 14.19 -43.49
CA THR K 70 -71.23 15.56 -43.27
C THR K 70 -70.36 15.61 -42.03
N ILE K 71 -69.25 16.35 -42.09
CA ILE K 71 -68.40 16.56 -40.94
C ILE K 71 -68.50 18.02 -40.53
N SER K 72 -68.67 18.26 -39.23
CA SER K 72 -68.86 19.61 -38.73
C SER K 72 -67.88 19.87 -37.58
N ARG K 73 -68.09 20.94 -36.85
CA ARG K 73 -67.34 21.19 -35.62
C ARG K 73 -67.98 22.36 -34.89
N ASP K 74 -67.51 22.60 -33.66
CA ASP K 74 -68.11 23.55 -32.73
C ASP K 74 -66.99 24.10 -31.84
N ASP K 75 -66.26 25.08 -32.38
CA ASP K 75 -65.05 25.59 -31.75
C ASP K 75 -65.25 25.86 -30.26
N SER K 76 -66.43 26.33 -29.89
CA SER K 76 -66.69 26.66 -28.49
C SER K 76 -66.73 25.43 -27.62
N LYS K 77 -67.10 24.27 -28.18
CA LYS K 77 -67.15 23.03 -27.43
C LYS K 77 -65.93 22.17 -27.67
N ASN K 78 -64.98 22.63 -28.47
CA ASN K 78 -63.79 21.87 -28.84
C ASN K 78 -64.19 20.44 -29.24
N THR K 79 -65.20 20.36 -30.09
CA THR K 79 -65.79 19.10 -30.53
C THR K 79 -66.00 19.20 -32.03
N PHE K 80 -65.82 18.08 -32.73
CA PHE K 80 -66.26 18.00 -34.12
C PHE K 80 -67.17 16.79 -34.26
N TYR K 81 -67.93 16.77 -35.34
CA TYR K 81 -69.08 15.88 -35.45
C TYR K 81 -69.06 15.14 -36.77
N LEU K 82 -69.82 14.06 -36.82
CA LEU K 82 -70.01 13.27 -38.04
C LEU K 82 -71.51 13.02 -38.19
N GLN K 83 -72.11 13.62 -39.20
CA GLN K 83 -73.51 13.42 -39.51
C GLN K 83 -73.65 12.35 -40.59
N MET K 84 -74.46 11.35 -40.31
CA MET K 84 -74.71 10.25 -41.24
C MET K 84 -76.20 10.20 -41.56
N ASN K 85 -76.52 10.07 -42.84
CA ASN K 85 -77.91 10.01 -43.27
C ASN K 85 -78.16 8.73 -44.06
N SER K 86 -79.41 8.26 -44.02
CA SER K 86 -79.85 7.08 -44.74
C SER K 86 -78.98 5.87 -44.43
N LEU K 87 -79.02 5.48 -43.15
CA LEU K 87 -78.11 4.45 -42.67
C LEU K 87 -78.37 3.11 -43.35
N ARG K 88 -77.29 2.41 -43.64
CA ARG K 88 -77.33 1.10 -44.27
C ARG K 88 -76.76 0.06 -43.31
N ALA K 89 -76.92 -1.22 -43.67
CA ALA K 89 -76.30 -2.28 -42.88
C ALA K 89 -74.78 -2.14 -42.86
N GLU K 90 -74.18 -1.77 -44.00
CA GLU K 90 -72.74 -1.59 -44.08
C GLU K 90 -72.24 -0.44 -43.22
N ASP K 91 -73.12 0.32 -42.56
CA ASP K 91 -72.75 1.38 -41.63
C ASP K 91 -72.58 0.87 -40.20
N THR K 92 -72.87 -0.40 -39.94
CA THR K 92 -72.62 -1.00 -38.64
C THR K 92 -71.11 -1.15 -38.47
N ALA K 93 -70.55 -0.39 -37.54
CA ALA K 93 -69.10 -0.32 -37.37
C ALA K 93 -68.79 0.44 -36.09
N VAL K 94 -67.54 0.30 -35.66
CA VAL K 94 -67.03 1.08 -34.55
C VAL K 94 -66.36 2.32 -35.12
N TYR K 95 -66.78 3.50 -34.66
CA TYR K 95 -66.31 4.76 -35.21
C TYR K 95 -65.26 5.36 -34.28
N TYR K 96 -64.07 5.61 -34.81
CA TYR K 96 -63.00 6.30 -34.11
C TYR K 96 -62.79 7.66 -34.75
N CYS K 97 -62.50 8.66 -33.92
CA CYS K 97 -61.89 9.88 -34.42
C CYS K 97 -60.39 9.86 -34.12
N ALA K 98 -59.64 10.56 -34.96
CA ALA K 98 -58.19 10.53 -34.85
C ALA K 98 -57.60 11.84 -35.33
N ARG K 99 -56.58 12.32 -34.63
CA ARG K 99 -55.87 13.54 -34.99
C ARG K 99 -54.69 13.18 -35.89
N GLY K 100 -54.62 13.81 -37.06
CA GLY K 100 -53.56 13.54 -38.01
C GLY K 100 -52.45 14.56 -37.91
N SER K 101 -51.22 14.06 -37.78
CA SER K 101 -50.03 14.90 -37.82
C SER K 101 -49.60 15.10 -39.26
N HIS K 102 -48.98 16.24 -39.52
CA HIS K 102 -48.62 16.62 -40.88
C HIS K 102 -47.19 16.18 -41.20
N TYR K 103 -46.97 15.82 -42.46
CA TYR K 103 -45.62 15.46 -42.91
C TYR K 103 -45.54 15.78 -44.40
N PHE K 104 -45.03 16.96 -44.71
CA PHE K 104 -44.73 17.38 -46.09
C PHE K 104 -45.89 17.07 -47.02
N GLY K 105 -47.08 17.53 -46.63
CA GLY K 105 -48.29 17.35 -47.43
C GLY K 105 -49.04 16.06 -47.19
N HIS K 106 -48.59 15.22 -46.26
CA HIS K 106 -49.19 13.91 -46.07
C HIS K 106 -49.38 13.67 -44.59
N TRP K 107 -50.48 13.00 -44.24
CA TRP K 107 -50.92 12.90 -42.86
C TRP K 107 -50.88 11.46 -42.37
N HIS K 108 -50.51 11.30 -41.11
CA HIS K 108 -50.60 10.03 -40.40
C HIS K 108 -51.38 10.27 -39.11
N PHE K 109 -52.14 9.26 -38.69
CA PHE K 109 -53.06 9.38 -37.57
C PHE K 109 -52.34 8.97 -36.29
N ALA K 110 -51.72 9.95 -35.65
CA ALA K 110 -50.87 9.73 -34.48
C ALA K 110 -51.62 9.65 -33.16
N VAL K 111 -52.87 10.09 -33.11
CA VAL K 111 -53.65 10.07 -31.87
C VAL K 111 -55.03 9.52 -32.20
N TRP K 112 -55.54 8.61 -31.38
CA TRP K 112 -56.81 7.97 -31.66
C TRP K 112 -57.71 8.07 -30.44
N GLY K 113 -59.00 7.84 -30.67
CA GLY K 113 -59.99 7.83 -29.61
C GLY K 113 -60.34 6.42 -29.20
N GLN K 114 -61.31 6.31 -28.29
CA GLN K 114 -61.73 5.02 -27.76
C GLN K 114 -62.62 4.26 -28.73
N GLY K 115 -63.31 4.97 -29.61
CA GLY K 115 -64.29 4.35 -30.49
C GLY K 115 -65.68 4.32 -29.88
N THR K 116 -66.68 4.42 -30.75
CA THR K 116 -68.08 4.32 -30.34
C THR K 116 -68.81 3.43 -31.33
N LEU K 117 -69.58 2.48 -30.83
CA LEU K 117 -70.17 1.43 -31.65
C LEU K 117 -71.50 1.87 -32.22
N VAL K 118 -71.67 1.71 -33.53
CA VAL K 118 -72.94 1.97 -34.20
C VAL K 118 -73.43 0.66 -34.80
N THR K 119 -74.67 0.28 -34.48
CA THR K 119 -75.28 -0.92 -35.01
C THR K 119 -76.58 -0.54 -35.70
N VAL K 120 -76.79 -1.07 -36.89
CA VAL K 120 -77.99 -0.80 -37.67
C VAL K 120 -78.81 -2.09 -37.73
N SER K 121 -80.00 -2.06 -37.16
CA SER K 121 -80.84 -3.26 -37.04
C SER K 121 -81.45 -3.55 -38.40
N SER K 122 -80.92 -4.56 -39.09
CA SER K 122 -81.42 -4.94 -40.42
C SER K 122 -82.91 -5.28 -40.41
N GLY L 1 -62.08 -0.31 -58.93
CA GLY L 1 -62.11 1.05 -58.41
C GLY L 1 -60.81 1.80 -58.58
N SER L 2 -60.83 3.12 -58.35
CA SER L 2 -59.67 3.97 -58.54
C SER L 2 -58.84 4.15 -57.28
N ASP L 3 -59.28 3.61 -56.15
CA ASP L 3 -58.53 3.75 -54.92
C ASP L 3 -57.28 2.89 -54.94
N ILE L 4 -56.34 3.23 -54.07
CA ILE L 4 -55.11 2.45 -53.92
C ILE L 4 -55.42 1.30 -52.96
N GLN L 5 -55.55 0.10 -53.50
CA GLN L 5 -55.81 -1.08 -52.69
C GLN L 5 -54.54 -1.53 -51.98
N LEU L 6 -54.63 -1.71 -50.66
CA LEU L 6 -53.54 -2.26 -49.87
C LEU L 6 -53.84 -3.71 -49.54
N THR L 7 -52.83 -4.56 -49.68
CA THR L 7 -52.94 -6.00 -49.45
C THR L 7 -51.85 -6.46 -48.50
N GLN L 8 -52.23 -7.10 -47.40
CA GLN L 8 -51.30 -7.58 -46.41
C GLN L 8 -51.23 -9.10 -46.40
N SER L 9 -50.05 -9.62 -46.09
CA SER L 9 -49.88 -11.05 -45.86
C SER L 9 -48.73 -11.29 -44.88
N PRO L 10 -48.87 -12.31 -44.02
CA PRO L 10 -50.05 -13.18 -43.92
C PRO L 10 -51.27 -12.44 -43.39
N SER L 11 -52.48 -12.92 -43.69
CA SER L 11 -53.66 -12.32 -43.11
C SER L 11 -53.73 -12.59 -41.61
N SER L 12 -53.10 -13.67 -41.18
CA SER L 12 -53.16 -14.14 -39.80
C SER L 12 -51.98 -15.06 -39.60
N LEU L 13 -51.30 -14.93 -38.47
CA LEU L 13 -50.17 -15.78 -38.16
C LEU L 13 -50.19 -16.13 -36.68
N SER L 14 -49.32 -17.07 -36.30
CA SER L 14 -49.29 -17.57 -34.93
C SER L 14 -47.84 -17.74 -34.53
N ALA L 15 -47.45 -17.18 -33.39
CA ALA L 15 -46.05 -17.24 -32.99
C ALA L 15 -45.96 -17.30 -31.47
N SER L 16 -44.73 -17.36 -30.97
CA SER L 16 -44.45 -17.38 -29.55
C SER L 16 -43.59 -16.18 -29.19
N VAL L 17 -43.58 -15.84 -27.89
CA VAL L 17 -42.77 -14.73 -27.44
C VAL L 17 -41.31 -15.03 -27.73
N GLY L 18 -40.63 -14.09 -28.38
CA GLY L 18 -39.25 -14.26 -28.80
C GLY L 18 -39.07 -14.44 -30.29
N ASP L 19 -40.12 -14.86 -31.00
CA ASP L 19 -40.03 -15.08 -32.44
C ASP L 19 -39.87 -13.75 -33.18
N ARG L 20 -39.45 -13.86 -34.44
CA ARG L 20 -39.42 -12.74 -35.37
C ARG L 20 -40.69 -12.76 -36.19
N VAL L 21 -41.23 -11.58 -36.46
CA VAL L 21 -42.45 -11.44 -37.24
C VAL L 21 -42.14 -10.60 -38.47
N THR L 22 -42.54 -11.07 -39.64
CA THR L 22 -42.35 -10.37 -40.90
C THR L 22 -43.71 -10.20 -41.57
N ILE L 23 -44.16 -8.96 -41.68
CA ILE L 23 -45.46 -8.64 -42.27
C ILE L 23 -45.24 -7.82 -43.53
N THR L 24 -45.93 -8.20 -44.61
CA THR L 24 -45.78 -7.58 -45.92
C THR L 24 -47.00 -6.74 -46.23
N CYS L 25 -46.78 -5.57 -46.84
CA CYS L 25 -47.85 -4.70 -47.32
C CYS L 25 -47.55 -4.36 -48.77
N ARG L 26 -48.35 -4.87 -49.69
CA ARG L 26 -48.23 -4.57 -51.11
C ARG L 26 -49.31 -3.57 -51.50
N ALA L 27 -48.91 -2.55 -52.25
CA ALA L 27 -49.82 -1.51 -52.73
C ALA L 27 -50.03 -1.67 -54.23
N SER L 28 -51.22 -1.24 -54.69
CA SER L 28 -51.58 -1.34 -56.09
C SER L 28 -50.95 -0.26 -56.96
N GLN L 29 -50.41 0.80 -56.35
CA GLN L 29 -49.71 1.85 -57.08
C GLN L 29 -48.58 2.36 -56.19
N SER L 30 -47.57 2.96 -56.81
CA SER L 30 -46.47 3.52 -56.04
C SER L 30 -46.97 4.61 -55.12
N VAL L 31 -46.66 4.49 -53.83
CA VAL L 31 -47.04 5.49 -52.85
C VAL L 31 -45.82 6.36 -52.56
N ASP L 32 -44.95 6.50 -53.56
CA ASP L 32 -43.74 7.30 -53.43
C ASP L 32 -43.95 8.71 -53.96
N SER L 33 -43.26 9.66 -53.35
CA SER L 33 -43.31 11.05 -53.79
C SER L 33 -42.23 11.85 -53.08
N ASP L 34 -41.44 12.59 -53.83
CA ASP L 34 -40.43 13.50 -53.28
C ASP L 34 -39.40 12.75 -52.44
N GLY L 35 -39.13 11.51 -52.77
CA GLY L 35 -38.12 10.76 -52.06
C GLY L 35 -38.54 10.22 -50.72
N ASP L 36 -39.83 9.99 -50.52
CA ASP L 36 -40.35 9.35 -49.33
C ASP L 36 -41.46 8.38 -49.73
N SER L 37 -41.77 7.48 -48.83
CA SER L 37 -42.81 6.47 -49.06
C SER L 37 -43.86 6.65 -47.98
N TYR L 38 -45.04 7.11 -48.38
CA TYR L 38 -46.07 7.51 -47.41
C TYR L 38 -46.93 6.30 -47.06
N MET L 39 -46.29 5.35 -46.39
CA MET L 39 -46.92 4.15 -45.88
C MET L 39 -46.78 4.11 -44.37
N ASN L 40 -47.88 4.01 -43.66
CA ASN L 40 -47.90 4.06 -42.20
C ASN L 40 -48.36 2.72 -41.64
N TRP L 41 -47.91 2.42 -40.42
CA TRP L 41 -48.17 1.15 -39.76
C TRP L 41 -48.87 1.39 -38.43
N TYR L 42 -50.01 0.73 -38.23
CA TYR L 42 -50.77 0.85 -37.00
C TYR L 42 -50.90 -0.50 -36.31
N GLN L 43 -51.04 -0.46 -34.99
CA GLN L 43 -51.26 -1.63 -34.17
C GLN L 43 -52.57 -1.47 -33.42
N GLN L 44 -53.36 -2.54 -33.35
CA GLN L 44 -54.68 -2.49 -32.70
C GLN L 44 -54.90 -3.73 -31.87
N LYS L 45 -54.95 -3.57 -30.58
CA LYS L 45 -55.18 -4.73 -29.74
C LYS L 45 -56.68 -4.98 -29.57
N PRO L 46 -57.09 -6.22 -29.33
CA PRO L 46 -58.52 -6.55 -29.40
C PRO L 46 -59.34 -5.69 -28.45
N GLY L 47 -60.46 -5.19 -28.97
CA GLY L 47 -61.35 -4.35 -28.19
C GLY L 47 -60.80 -2.99 -27.83
N LYS L 48 -59.61 -2.65 -28.30
CA LYS L 48 -59.01 -1.35 -28.05
C LYS L 48 -58.86 -0.58 -29.35
N ALA L 49 -58.30 0.62 -29.23
CA ALA L 49 -58.16 1.53 -30.35
C ALA L 49 -56.88 1.23 -31.11
N PRO L 50 -56.79 1.71 -32.35
CA PRO L 50 -55.52 1.62 -33.08
C PRO L 50 -54.49 2.59 -32.50
N LYS L 51 -53.23 2.29 -32.80
CA LYS L 51 -52.08 3.01 -32.28
C LYS L 51 -51.04 3.14 -33.39
N LEU L 52 -50.50 4.35 -33.55
CA LEU L 52 -49.53 4.58 -34.61
C LEU L 52 -48.16 4.05 -34.20
N LEU L 53 -47.52 3.29 -35.09
CA LEU L 53 -46.20 2.74 -34.85
C LEU L 53 -45.13 3.41 -35.70
N ILE L 54 -45.33 3.46 -37.00
CA ILE L 54 -44.31 3.88 -37.95
C ILE L 54 -44.98 4.72 -39.01
N TYR L 55 -44.44 5.89 -39.29
CA TYR L 55 -44.96 6.74 -40.35
C TYR L 55 -43.89 6.95 -41.40
N ALA L 56 -44.35 7.20 -42.64
CA ALA L 56 -43.46 7.37 -43.79
C ALA L 56 -42.51 6.17 -43.92
N ALA L 57 -43.08 4.97 -43.81
CA ALA L 57 -42.42 3.71 -44.12
C ALA L 57 -41.43 3.28 -43.05
N SER L 58 -40.57 4.19 -42.59
CA SER L 58 -39.47 3.80 -41.72
C SER L 58 -39.25 4.70 -40.53
N TYR L 59 -39.99 5.80 -40.38
CA TYR L 59 -39.78 6.73 -39.28
C TYR L 59 -40.63 6.31 -38.09
N LEU L 60 -39.95 6.06 -36.98
CA LEU L 60 -40.54 5.46 -35.79
C LEU L 60 -41.16 6.55 -34.93
N GLU L 61 -42.48 6.47 -34.73
CA GLU L 61 -43.16 7.44 -33.90
C GLU L 61 -42.62 7.37 -32.47
N SER L 62 -42.40 8.53 -31.86
CA SER L 62 -41.75 8.60 -30.57
C SER L 62 -42.48 7.75 -29.52
N GLY L 63 -41.71 7.07 -28.69
CA GLY L 63 -42.24 6.21 -27.66
C GLY L 63 -42.40 4.76 -28.05
N VAL L 64 -42.26 4.43 -29.32
CA VAL L 64 -42.45 3.06 -29.81
C VAL L 64 -41.15 2.29 -29.64
N PRO L 65 -41.20 1.05 -29.16
CA PRO L 65 -39.96 0.28 -28.97
C PRO L 65 -39.22 0.08 -30.28
N SER L 66 -37.89 0.04 -30.18
CA SER L 66 -37.04 -0.10 -31.36
C SER L 66 -37.12 -1.48 -31.99
N ARG L 67 -37.77 -2.45 -31.34
CA ARG L 67 -37.97 -3.75 -31.95
C ARG L 67 -38.92 -3.69 -33.15
N PHE L 68 -39.59 -2.57 -33.36
CA PHE L 68 -40.38 -2.34 -34.56
C PHE L 68 -39.56 -1.53 -35.55
N SER L 69 -39.52 -1.99 -36.79
CA SER L 69 -38.82 -1.29 -37.84
C SER L 69 -39.61 -1.48 -39.13
N GLY L 70 -39.58 -0.43 -39.96
CA GLY L 70 -40.25 -0.46 -41.25
C GLY L 70 -39.25 -0.34 -42.38
N SER L 71 -39.55 -1.01 -43.48
CA SER L 71 -38.68 -0.99 -44.65
C SER L 71 -39.55 -1.10 -45.89
N GLY L 72 -38.98 -0.71 -47.02
CA GLY L 72 -39.63 -0.81 -48.30
C GLY L 72 -39.78 0.52 -48.98
N SER L 73 -40.31 0.47 -50.20
CA SER L 73 -40.51 1.65 -51.03
C SER L 73 -41.45 1.29 -52.16
N GLY L 74 -41.99 2.33 -52.80
CA GLY L 74 -42.85 2.14 -53.95
C GLY L 74 -44.11 1.35 -53.65
N THR L 75 -44.09 0.06 -53.93
CA THR L 75 -45.27 -0.79 -53.78
C THR L 75 -45.05 -1.97 -52.85
N ASP L 76 -43.92 -2.02 -52.14
CA ASP L 76 -43.52 -3.19 -51.35
C ASP L 76 -43.01 -2.72 -49.99
N PHE L 77 -43.75 -3.03 -48.94
CA PHE L 77 -43.40 -2.58 -47.60
C PHE L 77 -43.49 -3.73 -46.62
N THR L 78 -42.69 -3.64 -45.55
CA THR L 78 -42.57 -4.73 -44.58
C THR L 78 -42.43 -4.16 -43.18
N LEU L 79 -43.34 -4.56 -42.29
CA LEU L 79 -43.16 -4.36 -40.86
C LEU L 79 -42.41 -5.54 -40.28
N THR L 80 -41.33 -5.26 -39.55
CA THR L 80 -40.49 -6.29 -38.96
C THR L 80 -40.47 -6.07 -37.46
N ILE L 81 -41.03 -7.01 -36.71
CA ILE L 81 -40.90 -7.04 -35.26
C ILE L 81 -39.73 -7.97 -34.94
N SER L 82 -38.63 -7.41 -34.44
CA SER L 82 -37.40 -8.18 -34.32
C SER L 82 -37.54 -9.32 -33.32
N SER L 83 -38.16 -9.06 -32.16
CA SER L 83 -38.38 -10.09 -31.15
C SER L 83 -39.76 -9.88 -30.54
N LEU L 84 -40.65 -10.83 -30.79
CA LEU L 84 -42.03 -10.70 -30.35
C LEU L 84 -42.11 -10.70 -28.83
N GLN L 85 -42.81 -9.70 -28.29
CA GLN L 85 -43.03 -9.49 -26.86
C GLN L 85 -44.48 -9.78 -26.49
N PRO L 86 -44.76 -10.07 -25.22
CA PRO L 86 -46.15 -10.40 -24.86
C PRO L 86 -47.14 -9.32 -25.23
N GLU L 87 -46.75 -8.06 -25.07
CA GLU L 87 -47.65 -6.95 -25.37
C GLU L 87 -47.73 -6.62 -26.86
N ASP L 88 -47.20 -7.46 -27.73
CA ASP L 88 -47.20 -7.19 -29.17
C ASP L 88 -48.19 -8.05 -29.94
N PHE L 89 -49.01 -8.85 -29.26
CA PHE L 89 -50.03 -9.64 -29.92
C PHE L 89 -51.21 -8.74 -30.24
N ALA L 90 -51.41 -8.45 -31.52
CA ALA L 90 -52.41 -7.50 -31.96
C ALA L 90 -52.56 -7.64 -33.47
N THR L 91 -53.54 -6.95 -34.02
CA THR L 91 -53.69 -6.82 -35.46
C THR L 91 -52.92 -5.59 -35.93
N TYR L 92 -52.18 -5.74 -37.02
CA TYR L 92 -51.33 -4.68 -37.54
C TYR L 92 -51.84 -4.25 -38.91
N TYR L 93 -51.91 -2.94 -39.12
CA TYR L 93 -52.43 -2.38 -40.36
C TYR L 93 -51.38 -1.54 -41.04
N CYS L 94 -51.45 -1.50 -42.37
CA CYS L 94 -50.76 -0.48 -43.14
C CYS L 94 -51.79 0.46 -43.73
N GLN L 95 -51.33 1.67 -44.05
CA GLN L 95 -52.23 2.74 -44.48
C GLN L 95 -51.43 3.69 -45.36
N GLN L 96 -51.88 3.88 -46.59
CA GLN L 96 -51.20 4.78 -47.50
C GLN L 96 -51.68 6.21 -47.31
N SER L 97 -50.74 7.14 -47.28
CA SER L 97 -51.03 8.56 -47.15
C SER L 97 -50.48 9.33 -48.34
N HIS L 98 -50.62 8.75 -49.54
CA HIS L 98 -50.08 9.35 -50.74
C HIS L 98 -51.14 9.99 -51.62
N GLU L 99 -52.37 9.49 -51.56
CA GLU L 99 -53.41 9.88 -52.50
C GLU L 99 -54.74 9.79 -51.79
N ASP L 100 -55.73 10.53 -52.28
CA ASP L 100 -57.06 10.50 -51.68
C ASP L 100 -57.98 9.59 -52.47
N PRO L 101 -58.80 8.80 -51.75
CA PRO L 101 -58.90 8.75 -50.30
C PRO L 101 -57.84 7.89 -49.64
N TYR L 102 -57.50 8.19 -48.39
CA TYR L 102 -56.58 7.33 -47.65
C TYR L 102 -57.21 5.98 -47.41
N THR L 103 -56.45 4.92 -47.67
CA THR L 103 -56.92 3.56 -47.53
C THR L 103 -56.02 2.77 -46.61
N PHE L 104 -56.59 1.75 -45.98
CA PHE L 104 -55.88 0.85 -45.08
C PHE L 104 -55.67 -0.50 -45.73
N GLY L 105 -54.80 -1.30 -45.13
CA GLY L 105 -54.75 -2.71 -45.43
C GLY L 105 -55.88 -3.45 -44.77
N GLN L 106 -55.95 -4.75 -45.04
CA GLN L 106 -57.02 -5.55 -44.46
C GLN L 106 -56.72 -6.00 -43.05
N GLY L 107 -55.47 -6.01 -42.64
CA GLY L 107 -55.09 -6.35 -41.27
C GLY L 107 -54.37 -7.69 -41.19
N THR L 108 -53.28 -7.70 -40.41
CA THR L 108 -52.52 -8.90 -40.10
C THR L 108 -52.64 -9.19 -38.62
N LYS L 109 -53.23 -10.34 -38.29
CA LYS L 109 -53.55 -10.70 -36.91
C LYS L 109 -52.45 -11.60 -36.35
N VAL L 110 -51.68 -11.07 -35.41
CA VAL L 110 -50.58 -11.79 -34.77
C VAL L 110 -51.07 -12.30 -33.42
N GLU L 111 -51.21 -13.61 -33.28
CA GLU L 111 -51.85 -14.19 -32.12
C GLU L 111 -50.96 -15.21 -31.44
N ILE L 112 -51.32 -15.53 -30.19
CA ILE L 112 -50.55 -16.46 -29.38
C ILE L 112 -50.60 -17.85 -30.00
N LYS L 113 -49.51 -18.60 -29.82
CA LYS L 113 -49.43 -19.92 -30.43
C LYS L 113 -50.53 -20.83 -29.90
N GLY L 114 -50.57 -21.04 -28.58
CA GLY L 114 -51.60 -21.86 -27.97
C GLY L 114 -52.73 -21.04 -27.40
#